data_6ZT9
#
_entry.id   6ZT9
#
_cell.length_a   157.060
_cell.length_b   157.060
_cell.length_c   379.590
_cell.angle_alpha   90.000
_cell.angle_beta   90.000
_cell.angle_gamma   120.000
#
_symmetry.space_group_name_H-M   'P 65 2 2'
#
loop_
_entity.id
_entity.type
_entity.pdbx_description
1 polymer Alpha-L-arabinofuranosidase
2 non-polymer alpha-L-arabinofuranose
3 non-polymer (4S)-2-METHYL-2,4-PENTANEDIOL
4 non-polymer 'ACETATE ION'
5 non-polymer 2-[BIS-(2-HYDROXY-ETHYL)-AMINO]-2-HYDROXYMETHYL-PROPANE-1,3-DIOL
6 water water
#
_entity_poly.entity_id   1
_entity_poly.type   'polypeptide(L)'
_entity_poly.pdbx_seq_one_letter_code
;MNVASRVVVNADRVKGTINRNIYGHFSEHLGRCIYEGLWVGEDSPIPNTNGIRNDVLEALKQMKIPVLHWPGGCFADEYH
WKDGVGPREKRKRMVNTHWGGVIENNHFGTHEFMMLCELLGCEPYISGNVGSGTVQEMSEWVEYITFDGESPMANWRREN
GREKPWRIKYWGVGNENWGCGGNMRAEYYADLYRQFQTYLRNYGDNKLHKIACGAWTADYHWTEVLMKQAAPFMHGLSLH
YYTVPGPWEKKGPATGFTTDEWWVTLKKALFMDELVTKHSAIMDVYDPDKRIDLIVDEWGTWYDVEPGTNPGFLYQQNSI
RDALVAGATLHIFHRHCDRVRMANIAQLVNVMQSVILTEGERMLLTPTYHVFNMFKVHQDAELLDTWESVERTGPEGELP
KVSVSASRAADGKIHISLCNLDFETGASVDIELRGLNGGVSATGTTLTSGRIDGHNTFDEPERVKPAPFRDFKLEGGHLN
ASLPPMSVTVLELTAG
;
_entity_poly.pdbx_strand_id   A,B,C
#
# COMPACT_ATOMS: atom_id res chain seq x y z
N VAL A 3 17.85 18.84 57.01
CA VAL A 3 16.89 18.57 55.90
C VAL A 3 17.42 17.44 54.99
N ALA A 4 17.37 16.20 55.48
CA ALA A 4 17.72 15.04 54.69
C ALA A 4 16.53 14.62 53.79
N SER A 5 16.77 14.14 52.57
CA SER A 5 15.78 13.29 51.91
C SER A 5 15.69 11.97 52.66
N ARG A 6 14.51 11.37 52.71
CA ARG A 6 14.34 10.10 53.37
C ARG A 6 13.83 9.04 52.47
N VAL A 7 14.37 7.84 52.65
CA VAL A 7 13.99 6.71 51.86
C VAL A 7 13.83 5.49 52.73
N VAL A 8 12.84 4.66 52.45
CA VAL A 8 12.75 3.33 53.05
C VAL A 8 12.81 2.33 51.96
N VAL A 9 13.67 1.34 52.09
CA VAL A 9 13.76 0.22 51.17
C VAL A 9 13.26 -1.00 51.86
N ASN A 10 12.19 -1.59 51.34
CA ASN A 10 11.76 -2.90 51.78
C ASN A 10 12.47 -3.98 51.03
N ALA A 11 13.54 -4.46 51.62
CA ALA A 11 14.49 -5.35 50.98
C ALA A 11 13.94 -6.72 50.74
N ASP A 12 12.82 -7.02 51.35
CA ASP A 12 12.20 -8.32 51.13
C ASP A 12 11.00 -8.23 50.22
N ARG A 13 10.73 -7.08 49.62
CA ARG A 13 9.54 -6.93 48.84
C ARG A 13 9.85 -6.59 47.39
N VAL A 14 9.69 -7.56 46.51
CA VAL A 14 9.99 -7.41 45.10
C VAL A 14 8.80 -6.88 44.35
N LYS A 15 8.97 -5.86 43.53
CA LYS A 15 7.87 -5.28 42.76
C LYS A 15 7.91 -5.61 41.27
N GLY A 16 8.95 -6.24 40.78
CA GLY A 16 9.10 -6.47 39.36
C GLY A 16 10.52 -6.79 39.02
N THR A 17 10.74 -7.12 37.77
CA THR A 17 12.06 -7.35 37.22
C THR A 17 12.40 -6.21 36.23
N ILE A 18 13.58 -5.67 36.41
CA ILE A 18 14.12 -4.69 35.51
C ILE A 18 14.73 -5.44 34.34
N ASN A 19 14.03 -5.51 33.21
CA ASN A 19 14.55 -6.23 32.07
C ASN A 19 15.89 -5.61 31.67
N ARG A 20 16.90 -6.45 31.43
CA ARG A 20 18.23 -5.95 31.04
CA ARG A 20 18.22 -5.94 31.04
C ARG A 20 18.18 -5.04 29.82
N ASN A 21 17.25 -5.30 28.93
CA ASN A 21 17.09 -4.48 27.72
C ASN A 21 16.67 -3.04 27.94
N ILE A 22 16.29 -2.67 29.15
CA ILE A 22 16.18 -1.23 29.51
C ILE A 22 17.48 -0.47 29.29
N TYR A 23 18.58 -1.21 29.32
CA TYR A 23 19.93 -0.68 29.15
C TYR A 23 20.40 -0.76 27.71
N GLY A 24 19.47 -0.73 26.76
CA GLY A 24 19.82 -0.85 25.35
C GLY A 24 20.36 0.37 24.66
N HIS A 25 20.83 0.13 23.44
CA HIS A 25 21.52 1.10 22.62
C HIS A 25 21.04 1.03 21.17
N PHE A 26 21.44 2.03 20.42
CA PHE A 26 20.91 2.32 19.12
C PHE A 26 22.00 2.88 18.27
N SER A 27 22.20 2.28 17.10
CA SER A 27 23.25 2.76 16.14
C SER A 27 22.67 2.85 14.75
N GLU A 28 22.61 4.04 14.23
CA GLU A 28 22.15 4.28 12.88
C GLU A 28 23.35 4.53 11.95
N HIS A 29 23.16 4.24 10.68
CA HIS A 29 24.06 4.71 9.60
C HIS A 29 23.91 6.20 9.41
N LEU A 30 24.57 6.94 10.28
CA LEU A 30 24.48 8.39 10.32
CA LEU A 30 24.48 8.39 10.32
C LEU A 30 25.79 8.90 10.90
N GLY A 31 26.35 9.94 10.28
CA GLY A 31 27.57 10.58 10.77
C GLY A 31 28.67 9.53 10.95
N ARG A 32 29.31 9.51 12.13
CA ARG A 32 30.38 8.52 12.38
C ARG A 32 29.98 7.50 13.42
N CYS A 33 28.68 7.15 13.49
CA CYS A 33 28.26 6.13 14.44
C CYS A 33 28.69 4.74 13.98
N ILE A 34 28.43 4.38 12.72
CA ILE A 34 28.81 3.10 12.21
C ILE A 34 30.27 3.19 11.63
N TYR A 35 30.47 4.05 10.63
CA TYR A 35 31.78 4.20 10.00
C TYR A 35 32.66 5.09 10.90
N GLU A 36 33.80 4.55 11.27
CA GLU A 36 34.81 5.11 12.22
C GLU A 36 34.45 4.82 13.68
N GLY A 37 33.20 5.08 14.06
CA GLY A 37 32.82 4.72 15.40
C GLY A 37 32.90 3.28 15.75
N LEU A 38 32.59 2.44 14.79
CA LEU A 38 32.62 1.01 15.06
C LEU A 38 33.45 0.35 13.95
N TRP A 39 33.00 0.48 12.71
CA TRP A 39 33.56 -0.16 11.58
C TRP A 39 34.72 0.68 11.05
N VAL A 40 35.91 0.11 11.06
CA VAL A 40 37.10 0.74 10.47
C VAL A 40 37.64 -0.02 9.30
N GLY A 41 37.17 -1.23 9.05
CA GLY A 41 37.73 -2.04 7.94
C GLY A 41 38.90 -2.93 8.45
N GLU A 42 39.05 -4.11 7.90
CA GLU A 42 40.01 -5.10 8.38
C GLU A 42 41.48 -4.65 8.29
N ASP A 43 41.77 -3.81 7.31
CA ASP A 43 43.12 -3.32 7.06
C ASP A 43 43.39 -1.96 7.59
N SER A 44 42.50 -1.43 8.40
CA SER A 44 42.78 -0.20 9.07
C SER A 44 43.99 -0.33 10.00
N PRO A 45 44.80 0.72 10.10
CA PRO A 45 45.80 0.74 11.20
C PRO A 45 45.20 0.85 12.59
N ILE A 46 43.94 1.21 12.73
CA ILE A 46 43.30 1.18 14.04
C ILE A 46 43.12 -0.28 14.37
N PRO A 47 43.66 -0.72 15.53
CA PRO A 47 43.53 -2.14 15.84
C PRO A 47 42.09 -2.58 15.92
N ASN A 48 41.79 -3.72 15.31
CA ASN A 48 40.42 -4.11 15.11
C ASN A 48 40.29 -5.59 15.07
N THR A 49 39.08 -6.06 15.32
CA THR A 49 38.70 -7.46 15.21
C THR A 49 37.71 -7.56 14.06
N ASN A 50 38.17 -8.13 12.94
CA ASN A 50 37.35 -8.36 11.75
C ASN A 50 36.71 -7.09 11.21
N GLY A 51 37.38 -5.96 11.41
CA GLY A 51 36.98 -4.69 10.90
C GLY A 51 36.30 -3.78 11.92
N ILE A 52 36.10 -4.28 13.13
CA ILE A 52 35.53 -3.49 14.21
C ILE A 52 36.59 -3.08 15.22
N ARG A 53 36.69 -1.81 15.51
CA ARG A 53 37.80 -1.32 16.36
C ARG A 53 37.78 -1.84 17.77
N ASN A 54 38.94 -2.31 18.25
CA ASN A 54 39.02 -3.02 19.53
C ASN A 54 38.75 -2.17 20.77
N ASP A 55 39.18 -0.91 20.76
CA ASP A 55 39.00 -0.04 21.93
C ASP A 55 37.46 0.10 22.24
N VAL A 56 36.65 0.24 21.19
CA VAL A 56 35.21 0.36 21.38
C VAL A 56 34.63 -0.95 21.81
N LEU A 57 35.02 -2.03 21.13
CA LEU A 57 34.50 -3.35 21.50
CA LEU A 57 34.51 -3.35 21.51
C LEU A 57 34.74 -3.65 22.97
N GLU A 58 35.95 -3.35 23.44
CA GLU A 58 36.23 -3.73 24.85
C GLU A 58 35.42 -2.89 25.81
N ALA A 59 35.30 -1.60 25.52
CA ALA A 59 34.48 -0.74 26.38
C ALA A 59 33.05 -1.17 26.46
N LEU A 60 32.47 -1.54 25.30
CA LEU A 60 31.05 -1.93 25.25
C LEU A 60 30.81 -3.24 25.94
N LYS A 61 31.75 -4.19 25.82
CA LYS A 61 31.65 -5.42 26.60
C LYS A 61 31.73 -5.23 28.06
N GLN A 62 32.60 -4.34 28.50
CA GLN A 62 32.65 -4.08 29.92
C GLN A 62 31.32 -3.51 30.44
N MET A 63 30.70 -2.64 29.66
CA MET A 63 29.39 -2.01 29.99
C MET A 63 28.20 -3.00 29.96
N LYS A 64 28.42 -4.16 29.33
CA LYS A 64 27.42 -5.26 29.26
C LYS A 64 26.15 -4.81 28.45
N ILE A 65 26.43 -4.26 27.28
CA ILE A 65 25.40 -3.89 26.32
C ILE A 65 24.46 -5.07 26.09
N PRO A 66 23.15 -4.90 26.33
CA PRO A 66 22.26 -5.99 26.26
C PRO A 66 21.58 -6.16 24.90
N VAL A 67 21.40 -5.08 24.18
CA VAL A 67 20.68 -5.09 22.91
C VAL A 67 21.12 -3.85 22.12
N LEU A 68 21.19 -4.02 20.80
CA LEU A 68 21.58 -3.00 19.90
C LEU A 68 20.63 -2.93 18.72
N HIS A 69 20.07 -1.76 18.50
CA HIS A 69 19.10 -1.49 17.43
C HIS A 69 19.77 -0.89 16.23
N TRP A 70 19.49 -1.45 15.07
CA TRP A 70 20.15 -1.09 13.81
C TRP A 70 19.17 -1.41 12.67
N PRO A 71 19.14 -0.68 11.56
CA PRO A 71 20.07 0.32 11.17
C PRO A 71 19.57 1.72 11.33
N GLY A 72 18.48 1.87 12.05
CA GLY A 72 17.92 3.27 12.16
C GLY A 72 16.69 3.16 12.99
N GLY A 73 16.06 4.27 13.34
CA GLY A 73 16.25 5.62 12.81
C GLY A 73 15.62 5.81 11.44
N CYS A 74 15.68 7.03 10.95
CA CYS A 74 15.21 7.38 9.61
CA CYS A 74 15.21 7.39 9.60
C CYS A 74 15.86 6.52 8.51
N PHE A 75 17.11 6.08 8.71
CA PHE A 75 17.78 5.29 7.71
C PHE A 75 17.03 3.96 7.45
N ALA A 76 16.40 3.39 8.46
CA ALA A 76 15.78 2.10 8.30
C ALA A 76 14.65 2.04 7.27
N ASP A 77 13.90 3.14 7.12
CA ASP A 77 12.78 3.19 6.17
C ASP A 77 13.17 3.73 4.83
N GLU A 78 14.47 3.83 4.69
CA GLU A 78 15.09 4.02 3.41
C GLU A 78 16.04 2.90 2.95
N TYR A 79 16.42 2.00 3.84
CA TYR A 79 17.37 0.95 3.58
C TYR A 79 16.77 -0.23 2.83
N HIS A 80 17.53 -0.73 1.88
CA HIS A 80 17.17 -1.98 1.20
C HIS A 80 18.24 -3.00 1.48
N TRP A 81 17.91 -3.93 2.35
CA TRP A 81 18.92 -4.77 3.03
C TRP A 81 19.84 -5.57 2.06
N LYS A 82 19.29 -5.89 0.89
CA LYS A 82 20.05 -6.64 -0.09
C LYS A 82 21.25 -5.87 -0.61
N ASP A 83 21.25 -4.57 -0.46
CA ASP A 83 22.38 -3.76 -0.80
C ASP A 83 23.58 -3.95 0.16
N GLY A 84 23.37 -4.61 1.31
CA GLY A 84 24.38 -4.75 2.36
C GLY A 84 24.88 -6.17 2.51
N VAL A 85 24.59 -7.06 1.56
CA VAL A 85 25.12 -8.43 1.67
C VAL A 85 25.87 -8.80 0.39
N GLY A 86 26.64 -9.90 0.47
CA GLY A 86 27.40 -10.32 -0.69
C GLY A 86 28.78 -9.64 -0.78
N PRO A 87 29.49 -9.92 -1.88
CA PRO A 87 30.89 -9.46 -2.02
C PRO A 87 31.01 -7.93 -1.83
N ARG A 88 31.91 -7.53 -0.94
CA ARG A 88 32.10 -6.14 -0.58
C ARG A 88 32.18 -5.19 -1.76
N GLU A 89 32.83 -5.61 -2.84
CA GLU A 89 33.03 -4.68 -3.92
C GLU A 89 31.78 -4.58 -4.77
N LYS A 90 30.80 -5.45 -4.65
CA LYS A 90 29.53 -5.23 -5.35
C LYS A 90 28.46 -4.59 -4.47
N ARG A 91 28.79 -4.20 -3.24
CA ARG A 91 27.84 -3.51 -2.45
C ARG A 91 27.57 -2.13 -2.98
N LYS A 92 26.33 -1.69 -2.77
CA LYS A 92 25.92 -0.37 -3.30
C LYS A 92 26.73 0.74 -2.64
N ARG A 93 27.15 1.68 -3.44
CA ARG A 93 27.94 2.80 -3.01
C ARG A 93 27.27 4.11 -3.38
N MET A 94 27.21 4.98 -2.39
CA MET A 94 26.67 6.34 -2.57
C MET A 94 27.65 7.31 -1.98
N VAL A 95 27.92 8.36 -2.74
CA VAL A 95 28.83 9.41 -2.29
C VAL A 95 28.22 10.74 -2.62
N ASN A 96 28.00 11.54 -1.60
CA ASN A 96 27.52 12.91 -1.77
C ASN A 96 28.62 13.92 -1.39
N THR A 97 29.09 14.72 -2.33
CA THR A 97 30.03 15.87 -2.00
C THR A 97 29.42 17.05 -1.11
N HIS A 98 28.20 17.51 -1.41
CA HIS A 98 27.38 18.38 -0.52
C HIS A 98 27.20 17.78 0.87
N GLY A 100 29.41 18.91 3.47
CA GLY A 100 30.86 18.72 3.41
C GLY A 100 31.36 17.27 3.20
N GLY A 101 30.59 16.41 2.49
CA GLY A 101 31.06 15.05 2.10
C GLY A 101 30.46 13.96 3.00
N VAL A 102 29.93 12.88 2.39
CA VAL A 102 29.20 11.74 3.02
C VAL A 102 29.25 10.43 2.14
N ILE A 103 29.73 9.32 2.71
CA ILE A 103 29.88 8.07 1.96
C ILE A 103 29.06 7.03 2.65
N GLU A 104 28.17 6.36 1.90
CA GLU A 104 27.58 5.09 2.35
C GLU A 104 28.02 4.01 1.38
N ASN A 105 28.98 3.17 1.79
CA ASN A 105 29.50 2.13 0.92
C ASN A 105 28.88 0.76 1.25
N ASN A 106 28.00 0.70 2.24
CA ASN A 106 27.38 -0.58 2.63
C ASN A 106 28.33 -1.68 3.00
N HIS A 107 29.54 -1.31 3.41
CA HIS A 107 30.49 -2.36 3.89
C HIS A 107 30.03 -2.94 5.20
N PHE A 108 29.26 -2.16 5.98
CA PHE A 108 28.65 -2.71 7.18
C PHE A 108 27.19 -3.01 6.84
N GLY A 109 26.86 -4.29 6.78
CA GLY A 109 25.52 -4.79 6.47
C GLY A 109 25.14 -5.89 7.40
N THR A 110 24.21 -6.75 6.96
CA THR A 110 23.62 -7.72 7.85
C THR A 110 24.66 -8.65 8.51
N HIS A 111 25.63 -9.20 7.74
CA HIS A 111 26.62 -10.15 8.34
C HIS A 111 27.54 -9.44 9.36
N GLU A 112 27.93 -8.23 9.02
CA GLU A 112 28.79 -7.46 9.90
C GLU A 112 28.08 -7.06 11.19
N PHE A 113 26.81 -6.71 11.07
CA PHE A 113 25.99 -6.41 12.25
C PHE A 113 25.81 -7.60 13.14
N MET A 114 25.45 -8.74 12.57
CA MET A 114 25.27 -9.93 13.36
C MET A 114 26.59 -10.36 14.01
N MET A 115 27.70 -10.20 13.31
CA MET A 115 29.02 -10.45 13.90
C MET A 115 29.27 -9.50 15.07
N LEU A 116 28.99 -8.21 14.88
CA LEU A 116 29.13 -7.22 15.96
C LEU A 116 28.36 -7.63 17.20
N CYS A 117 27.11 -8.07 17.01
CA CYS A 117 26.30 -8.54 18.17
C CYS A 117 26.89 -9.76 18.86
N GLU A 118 27.41 -10.69 18.08
CA GLU A 118 28.05 -11.89 18.66
C GLU A 118 29.33 -11.49 19.39
N LEU A 119 30.13 -10.59 18.85
CA LEU A 119 31.30 -10.10 19.58
C LEU A 119 30.96 -9.43 20.88
N LEU A 120 29.88 -8.65 20.89
CA LEU A 120 29.49 -7.93 22.12
C LEU A 120 28.73 -8.75 23.08
N GLY A 121 28.22 -9.85 22.63
CA GLY A 121 27.30 -10.64 23.42
C GLY A 121 25.89 -10.01 23.57
N CYS A 122 25.44 -9.14 22.68
CA CYS A 122 24.14 -8.46 22.84
C CYS A 122 23.14 -9.04 21.86
N GLU A 123 21.87 -8.81 22.10
CA GLU A 123 20.79 -9.21 21.17
C GLU A 123 20.72 -8.25 20.03
N PRO A 124 20.55 -8.77 18.81
CA PRO A 124 20.26 -7.87 17.70
C PRO A 124 18.77 -7.42 17.75
N TYR A 125 18.55 -6.18 17.38
CA TYR A 125 17.23 -5.60 17.16
C TYR A 125 17.27 -4.91 15.81
N ILE A 126 16.62 -5.52 14.83
CA ILE A 126 16.63 -4.97 13.48
C ILE A 126 15.31 -4.29 13.12
N SER A 127 15.38 -3.13 12.48
CA SER A 127 14.20 -2.42 11.92
C SER A 127 14.15 -2.61 10.42
N GLY A 128 13.10 -3.29 9.97
CA GLY A 128 12.75 -3.41 8.57
C GLY A 128 12.10 -2.16 8.00
N ASN A 129 12.12 -2.10 6.66
CA ASN A 129 11.65 -0.94 5.91
C ASN A 129 10.19 -1.09 5.47
N VAL A 130 9.30 -0.32 6.14
CA VAL A 130 7.93 -0.19 5.72
C VAL A 130 7.72 0.98 4.74
N GLY A 131 8.28 2.12 5.05
CA GLY A 131 7.98 3.29 4.30
C GLY A 131 8.27 3.26 2.82
N SER A 132 9.44 2.72 2.46
CA SER A 132 9.81 2.64 1.03
C SER A 132 10.14 1.19 0.62
N GLY A 133 9.83 0.22 1.48
CA GLY A 133 10.11 -1.17 1.19
C GLY A 133 8.85 -1.94 0.80
N THR A 134 8.98 -3.21 0.51
CA THR A 134 7.81 -4.02 0.16
C THR A 134 7.68 -5.15 1.14
N VAL A 135 6.52 -5.76 1.14
CA VAL A 135 6.23 -6.86 2.04
C VAL A 135 7.18 -8.03 1.75
N GLN A 136 7.35 -8.36 0.50
CA GLN A 136 8.26 -9.47 0.17
C GLN A 136 9.70 -9.21 0.64
N GLU A 137 10.19 -8.00 0.41
CA GLU A 137 11.49 -7.63 0.85
C GLU A 137 11.71 -7.88 2.33
N MET A 138 10.77 -7.47 3.18
CA MET A 138 10.97 -7.63 4.61
C MET A 138 10.90 -9.10 4.99
N SER A 139 9.96 -9.80 4.36
CA SER A 139 9.79 -11.22 4.62
C SER A 139 11.08 -12.02 4.29
N GLU A 140 11.65 -11.67 3.16
CA GLU A 140 12.88 -12.29 2.72
C GLU A 140 14.05 -11.98 3.62
N TRP A 141 14.06 -10.80 4.25
CA TRP A 141 15.14 -10.51 5.19
C TRP A 141 15.11 -11.45 6.36
N VAL A 142 13.94 -11.64 6.96
CA VAL A 142 13.80 -12.57 8.02
C VAL A 142 14.18 -14.01 7.63
N GLU A 143 13.77 -14.41 6.44
CA GLU A 143 14.08 -15.72 5.95
C GLU A 143 15.58 -15.89 5.74
N TYR A 144 16.22 -14.92 5.10
CA TYR A 144 17.68 -14.89 4.92
C TYR A 144 18.41 -15.09 6.26
N ILE A 145 17.94 -14.41 7.28
CA ILE A 145 18.62 -14.46 8.54
C ILE A 145 18.34 -15.74 9.31
N THR A 146 17.12 -16.23 9.27
CA THR A 146 16.70 -17.25 10.21
C THR A 146 16.35 -18.62 9.65
N PHE A 147 16.17 -18.77 8.34
CA PHE A 147 15.67 -20.06 7.84
C PHE A 147 16.85 -21.08 7.73
N ASP A 148 16.59 -22.30 8.14
CA ASP A 148 17.59 -23.35 8.17
C ASP A 148 17.37 -24.39 7.07
N GLY A 149 16.43 -24.18 6.17
CA GLY A 149 16.17 -25.11 5.09
C GLY A 149 16.84 -24.67 3.83
N GLU A 150 16.25 -25.09 2.72
CA GLU A 150 16.77 -24.71 1.41
C GLU A 150 15.81 -23.69 0.80
N SER A 151 16.34 -22.56 0.35
CA SER A 151 15.58 -21.58 -0.40
C SER A 151 16.58 -20.64 -1.00
N PRO A 152 16.14 -19.84 -1.95
CA PRO A 152 17.11 -18.87 -2.47
C PRO A 152 17.70 -17.92 -1.40
N MET A 153 16.91 -17.43 -0.47
CA MET A 153 17.44 -16.59 0.60
C MET A 153 18.39 -17.30 1.55
N ALA A 154 18.00 -18.44 2.06
CA ALA A 154 18.86 -19.16 3.00
C ALA A 154 20.14 -19.65 2.31
N ASN A 155 20.01 -20.07 1.06
CA ASN A 155 21.18 -20.49 0.30
C ASN A 155 22.09 -19.29 0.06
N TRP A 156 21.53 -18.10 -0.14
CA TRP A 156 22.38 -16.91 -0.35
C TRP A 156 23.18 -16.60 0.92
N ARG A 157 22.51 -16.69 2.06
CA ARG A 157 23.16 -16.45 3.32
C ARG A 157 24.38 -17.42 3.43
N ARG A 158 24.20 -18.68 3.07
CA ARG A 158 25.29 -19.71 3.18
C ARG A 158 26.41 -19.36 2.24
N GLU A 159 26.10 -18.93 1.03
CA GLU A 159 27.11 -18.51 0.11
C GLU A 159 27.90 -17.35 0.67
N ASN A 160 27.23 -16.47 1.41
CA ASN A 160 27.86 -15.27 1.89
C ASN A 160 28.58 -15.56 3.22
N GLY A 161 28.55 -16.78 3.70
CA GLY A 161 29.46 -17.17 4.76
C GLY A 161 28.88 -17.57 6.06
N ARG A 162 27.56 -17.62 6.20
CA ARG A 162 26.96 -18.03 7.45
C ARG A 162 26.08 -19.24 7.19
N GLU A 163 26.53 -20.37 7.65
CA GLU A 163 25.94 -21.63 7.27
C GLU A 163 24.62 -21.89 8.03
N LYS A 164 24.69 -21.87 9.33
CA LYS A 164 23.53 -22.05 10.19
C LYS A 164 22.80 -20.67 10.29
N PRO A 165 21.52 -20.70 10.51
CA PRO A 165 20.81 -19.42 10.63
C PRO A 165 21.22 -18.74 11.94
N TRP A 166 20.99 -17.44 12.00
CA TRP A 166 21.04 -16.71 13.27
C TRP A 166 19.68 -16.77 13.92
N ARG A 167 19.67 -16.55 15.21
CA ARG A 167 18.46 -16.25 15.95
C ARG A 167 18.30 -14.75 16.10
N ILE A 168 17.07 -14.30 15.95
CA ILE A 168 16.75 -12.91 16.25
C ILE A 168 15.34 -12.84 16.82
N LYS A 169 15.22 -12.15 17.93
CA LYS A 169 13.91 -11.88 18.55
C LYS A 169 13.39 -10.53 18.05
N TYR A 170 14.10 -9.45 18.32
CA TYR A 170 13.51 -8.15 18.21
C TYR A 170 13.49 -7.68 16.77
N TRP A 171 12.30 -7.42 16.25
CA TRP A 171 12.13 -7.06 14.82
C TRP A 171 11.14 -5.89 14.73
N GLY A 172 11.63 -4.72 14.32
CA GLY A 172 10.81 -3.53 14.18
C GLY A 172 10.18 -3.49 12.83
N VAL A 173 8.86 -3.34 12.78
CA VAL A 173 8.16 -3.31 11.47
C VAL A 173 7.95 -1.87 11.11
N GLY A 174 9.01 -1.30 10.57
CA GLY A 174 9.08 0.12 10.30
C GLY A 174 9.48 0.95 11.51
N ASN A 175 10.01 2.12 11.22
CA ASN A 175 10.44 3.07 12.19
C ASN A 175 9.98 4.50 11.79
N GLU A 176 9.64 5.28 12.80
CA GLU A 176 9.27 6.66 12.64
CA GLU A 176 9.27 6.67 12.64
C GLU A 176 8.26 6.91 11.53
N ASN A 177 7.24 6.04 11.49
CA ASN A 177 6.35 6.08 10.32
C ASN A 177 5.44 7.28 10.24
N TRP A 178 5.26 7.97 11.37
CA TRP A 178 4.55 9.25 11.45
C TRP A 178 5.38 10.38 10.84
N GLY A 179 6.65 10.17 10.55
CA GLY A 179 7.52 11.26 10.07
C GLY A 179 8.37 10.79 8.94
N CYS A 180 9.69 10.62 9.16
CA CYS A 180 10.60 10.26 8.01
CA CYS A 180 10.60 10.25 8.03
C CYS A 180 10.33 8.89 7.41
N GLY A 181 9.56 8.02 8.11
CA GLY A 181 9.17 6.75 7.55
C GLY A 181 7.83 6.68 6.81
N GLY A 182 7.39 7.81 6.27
CA GLY A 182 6.24 7.88 5.38
C GLY A 182 5.15 8.90 5.71
N ASN A 183 5.35 9.74 6.73
CA ASN A 183 4.39 10.73 7.15
C ASN A 183 2.97 10.14 7.27
N MET A 184 2.88 9.00 7.91
CA MET A 184 1.64 8.23 7.96
C MET A 184 0.73 8.61 9.08
N ARG A 185 -0.55 8.60 8.79
CA ARG A 185 -1.56 8.63 9.89
C ARG A 185 -1.49 7.29 10.61
N ALA A 186 -1.78 7.29 11.91
CA ALA A 186 -1.76 6.07 12.68
C ALA A 186 -2.66 4.97 12.09
N GLU A 187 -3.81 5.35 11.61
CA GLU A 187 -4.77 4.37 11.04
C GLU A 187 -4.22 3.67 9.81
N TYR A 188 -3.44 4.39 9.01
CA TYR A 188 -2.85 3.87 7.81
C TYR A 188 -1.64 2.97 8.18
N TYR A 189 -0.75 3.45 9.03
CA TYR A 189 0.33 2.64 9.53
C TYR A 189 -0.17 1.35 10.15
N ALA A 190 -1.22 1.39 10.94
CA ALA A 190 -1.70 0.20 11.58
C ALA A 190 -2.09 -0.89 10.55
N ASP A 191 -2.71 -0.46 9.44
CA ASP A 191 -3.04 -1.41 8.39
C ASP A 191 -1.78 -1.99 7.72
N LEU A 192 -0.79 -1.14 7.42
CA LEU A 192 0.47 -1.63 6.84
CA LEU A 192 0.47 -1.64 6.84
C LEU A 192 1.16 -2.57 7.80
N TYR A 193 1.19 -2.22 9.11
CA TYR A 193 1.78 -3.02 10.10
C TYR A 193 1.16 -4.41 10.08
N ARG A 194 -0.17 -4.47 10.12
CA ARG A 194 -0.85 -5.77 10.15
C ARG A 194 -0.52 -6.65 8.92
N GLN A 195 -0.37 -6.00 7.77
CA GLN A 195 -0.07 -6.67 6.51
C GLN A 195 1.40 -7.19 6.53
N PHE A 196 2.36 -6.30 6.79
CA PHE A 196 3.76 -6.65 6.81
C PHE A 196 4.05 -7.76 7.82
N GLN A 197 3.53 -7.64 9.03
CA GLN A 197 3.90 -8.58 10.08
C GLN A 197 3.42 -9.97 9.76
N THR A 198 2.39 -10.05 8.96
CA THR A 198 1.78 -11.35 8.62
C THR A 198 2.85 -12.27 7.99
N TYR A 199 3.75 -11.69 7.20
CA TYR A 199 4.69 -12.48 6.41
C TYR A 199 6.07 -12.62 7.06
N LEU A 200 6.20 -12.21 8.31
CA LEU A 200 7.44 -12.37 9.07
C LEU A 200 7.27 -13.64 9.87
N ARG A 201 7.93 -14.71 9.44
CA ARG A 201 7.67 -16.05 10.03
C ARG A 201 8.68 -16.41 11.08
N ASN A 202 8.25 -17.33 11.94
CA ASN A 202 9.14 -18.04 12.88
C ASN A 202 9.70 -19.28 12.20
N TYR A 203 10.93 -19.22 11.72
CA TYR A 203 11.57 -20.39 11.07
C TYR A 203 12.40 -21.17 12.09
N GLY A 204 12.35 -22.48 11.98
CA GLY A 204 13.15 -23.37 12.82
C GLY A 204 12.75 -23.22 14.23
N ASP A 205 13.67 -22.94 15.11
CA ASP A 205 13.22 -22.65 16.46
C ASP A 205 13.27 -21.15 16.81
N ASN A 206 13.43 -20.28 15.81
CA ASN A 206 13.45 -18.88 16.08
C ASN A 206 12.03 -18.40 16.46
N LYS A 207 11.95 -17.47 17.41
CA LYS A 207 10.67 -16.77 17.74
C LYS A 207 10.85 -15.27 17.61
N LEU A 208 10.17 -14.67 16.66
CA LEU A 208 10.18 -13.23 16.52
C LEU A 208 9.37 -12.52 17.65
N HIS A 209 9.85 -11.35 18.00
CA HIS A 209 9.22 -10.42 18.90
C HIS A 209 8.99 -9.16 18.05
N LYS A 210 7.83 -9.10 17.46
CA LYS A 210 7.43 -8.02 16.49
C LYS A 210 7.06 -6.75 17.19
N ILE A 211 7.70 -5.65 16.78
CA ILE A 211 7.52 -4.38 17.43
C ILE A 211 6.90 -3.43 16.42
N ALA A 212 5.76 -2.86 16.78
CA ALA A 212 5.12 -1.81 15.96
C ALA A 212 5.68 -0.45 16.36
N CYS A 213 5.76 0.43 15.38
CA CYS A 213 6.17 1.76 15.59
C CYS A 213 5.12 2.52 16.45
N GLY A 214 5.55 3.05 17.58
CA GLY A 214 4.73 3.82 18.46
C GLY A 214 4.91 5.31 18.30
N ALA A 215 4.40 6.03 19.29
CA ALA A 215 4.25 7.48 19.23
C ALA A 215 5.53 8.28 19.30
N TRP A 216 5.45 9.46 18.73
CA TRP A 216 6.36 10.56 19.05
C TRP A 216 5.82 11.36 20.23
N THR A 217 6.65 11.47 21.27
CA THR A 217 6.41 12.30 22.46
CA THR A 217 6.42 12.29 22.46
C THR A 217 5.00 12.10 22.96
N ALA A 218 4.15 13.13 22.92
CA ALA A 218 2.82 13.05 23.57
C ALA A 218 1.69 12.78 22.57
N ASP A 219 1.99 12.07 21.47
CA ASP A 219 0.93 11.71 20.52
C ASP A 219 0.15 10.47 21.05
N TYR A 220 -0.75 10.72 22.00
CA TYR A 220 -1.51 9.67 22.62
C TYR A 220 -2.46 9.02 21.66
N HIS A 221 -2.98 9.78 20.72
CA HIS A 221 -3.87 9.25 19.70
C HIS A 221 -3.18 8.09 18.95
N TRP A 222 -1.89 8.23 18.66
CA TRP A 222 -1.15 7.15 17.98
C TRP A 222 -1.19 5.87 18.72
N THR A 223 -0.90 5.95 20.04
CA THR A 223 -0.91 4.76 20.87
C THR A 223 -2.30 4.16 20.92
N GLU A 224 -3.34 4.99 20.99
CA GLU A 224 -4.66 4.46 21.09
C GLU A 224 -5.02 3.69 19.79
N VAL A 225 -4.75 4.30 18.65
CA VAL A 225 -5.09 3.67 17.41
C VAL A 225 -4.29 2.34 17.23
N LEU A 226 -2.99 2.37 17.49
CA LEU A 226 -2.20 1.14 17.35
C LEU A 226 -2.67 0.03 18.27
N MET A 227 -3.00 0.36 19.51
CA MET A 227 -3.47 -0.65 20.44
C MET A 227 -4.85 -1.19 20.03
N LYS A 228 -5.73 -0.29 19.68
CA LYS A 228 -7.06 -0.68 19.31
C LYS A 228 -7.11 -1.47 18.00
N GLN A 229 -6.29 -1.11 17.03
CA GLN A 229 -6.32 -1.79 15.71
C GLN A 229 -5.33 -2.93 15.58
N ALA A 230 -4.24 -2.92 16.33
CA ALA A 230 -3.18 -3.89 16.03
C ALA A 230 -2.63 -4.66 17.20
N ALA A 231 -3.15 -4.44 18.41
CA ALA A 231 -2.61 -5.16 19.59
C ALA A 231 -2.48 -6.63 19.43
N PRO A 232 -3.47 -7.30 18.84
CA PRO A 232 -3.32 -8.79 18.74
C PRO A 232 -2.17 -9.22 17.83
N PHE A 233 -1.60 -8.32 17.07
CA PHE A 233 -0.58 -8.66 16.09
C PHE A 233 0.80 -8.14 16.41
N MET A 234 1.00 -7.69 17.64
CA MET A 234 2.28 -7.19 18.08
C MET A 234 2.73 -7.80 19.40
N HIS A 235 4.04 -7.79 19.63
CA HIS A 235 4.62 -8.13 20.91
C HIS A 235 5.13 -6.90 21.67
N GLY A 236 5.31 -5.80 20.96
CA GLY A 236 5.80 -4.57 21.53
C GLY A 236 5.41 -3.38 20.71
N LEU A 237 5.40 -2.23 21.36
CA LEU A 237 5.04 -0.96 20.81
C LEU A 237 6.07 0.06 21.27
N SER A 238 6.61 0.84 20.37
CA SER A 238 7.70 1.77 20.73
C SER A 238 7.20 3.16 21.20
N LEU A 239 8.14 3.98 21.63
CA LEU A 239 7.85 5.33 22.08
C LEU A 239 9.18 6.08 21.90
N HIS A 240 9.09 7.31 21.42
CA HIS A 240 10.27 8.14 21.11
CA HIS A 240 10.27 8.14 21.11
C HIS A 240 10.15 9.46 21.87
N TYR A 241 11.17 9.81 22.67
CA TYR A 241 11.20 11.11 23.34
C TYR A 241 12.61 11.59 23.60
N TYR A 242 12.95 12.67 22.96
CA TYR A 242 14.21 13.38 23.15
C TYR A 242 14.11 14.56 24.10
N THR A 243 15.15 14.74 24.89
CA THR A 243 15.29 15.88 25.79
C THR A 243 16.03 16.99 25.03
N VAL A 244 15.31 18.06 24.70
CA VAL A 244 15.82 19.15 23.86
C VAL A 244 15.64 20.45 24.69
N PRO A 245 16.74 21.04 25.17
CA PRO A 245 16.63 22.16 26.12
C PRO A 245 15.93 23.37 25.52
N GLY A 246 16.41 23.85 24.39
CA GLY A 246 15.80 24.98 23.76
C GLY A 246 14.85 24.60 22.64
N PRO A 247 14.42 25.60 21.88
CA PRO A 247 13.57 25.34 20.71
C PRO A 247 14.33 24.58 19.65
N TRP A 248 13.59 23.97 18.74
CA TRP A 248 14.12 23.16 17.66
C TRP A 248 15.21 23.83 16.90
N GLU A 249 15.03 25.09 16.63
CA GLU A 249 15.94 25.83 15.76
C GLU A 249 17.15 26.32 16.54
N LYS A 250 17.16 26.28 17.88
CA LYS A 250 18.32 26.70 18.64
C LYS A 250 18.27 25.92 19.95
N LYS A 251 18.71 24.67 19.85
CA LYS A 251 18.52 23.70 20.95
C LYS A 251 19.37 24.01 22.17
N GLY A 252 20.48 24.73 21.92
CA GLY A 252 21.45 25.00 22.94
C GLY A 252 22.67 24.07 22.87
N PRO A 253 23.75 24.46 23.56
CA PRO A 253 25.00 23.72 23.39
C PRO A 253 25.18 22.64 24.43
N ALA A 254 26.07 21.68 24.12
CA ALA A 254 26.37 20.58 25.06
C ALA A 254 27.23 21.02 26.23
N THR A 255 28.05 22.04 25.99
CA THR A 255 28.91 22.61 27.04
C THR A 255 28.82 24.15 26.97
N GLY A 256 29.28 24.80 28.03
CA GLY A 256 29.20 26.25 28.08
C GLY A 256 27.77 26.79 28.25
N PHE A 257 26.86 25.98 28.79
CA PHE A 257 25.47 26.33 28.84
C PHE A 257 25.18 27.08 30.16
N THR A 258 24.04 27.73 30.26
CA THR A 258 23.68 28.49 31.49
C THR A 258 23.04 27.60 32.54
N THR A 259 22.88 28.12 33.74
CA THR A 259 22.23 27.39 34.79
C THR A 259 20.76 27.13 34.49
N ASP A 260 20.08 28.08 33.86
CA ASP A 260 18.75 27.84 33.39
C ASP A 260 18.65 26.66 32.45
N GLU A 261 19.60 26.54 31.53
CA GLU A 261 19.69 25.36 30.69
C GLU A 261 19.90 24.07 31.46
N TRP A 262 20.63 24.09 32.59
CA TRP A 262 20.71 22.90 33.42
C TRP A 262 19.33 22.49 33.91
N TRP A 263 18.60 23.45 34.51
CA TRP A 263 17.32 23.11 35.12
C TRP A 263 16.28 22.67 34.06
N VAL A 264 16.23 23.35 32.94
CA VAL A 264 15.33 23.03 31.86
C VAL A 264 15.60 21.64 31.29
N THR A 265 16.86 21.33 31.11
CA THR A 265 17.27 20.04 30.62
C THR A 265 16.76 18.98 31.52
N LEU A 266 16.98 19.10 32.82
CA LEU A 266 16.59 18.05 33.70
C LEU A 266 15.06 17.92 33.83
N LYS A 267 14.39 19.06 33.81
CA LYS A 267 12.94 19.08 33.88
C LYS A 267 12.32 18.42 32.62
N LYS A 268 12.88 18.68 31.46
CA LYS A 268 12.42 18.00 30.23
C LYS A 268 12.76 16.55 30.24
N ALA A 269 13.89 16.14 30.80
CA ALA A 269 14.16 14.75 30.91
C ALA A 269 13.14 14.02 31.75
N LEU A 270 12.77 14.61 32.88
CA LEU A 270 11.82 13.99 33.78
C LEU A 270 10.42 13.90 33.23
N PHE A 271 10.11 14.66 32.20
CA PHE A 271 8.87 14.51 31.47
C PHE A 271 8.62 13.10 30.95
N MET A 272 9.70 12.33 30.76
CA MET A 272 9.59 10.95 30.43
C MET A 272 8.61 10.22 31.33
N ASP A 273 8.59 10.57 32.61
CA ASP A 273 7.75 9.84 33.53
C ASP A 273 6.25 10.00 33.19
N GLU A 274 5.89 11.25 32.93
CA GLU A 274 4.51 11.52 32.53
C GLU A 274 4.16 10.82 31.19
N LEU A 275 5.06 10.87 30.21
CA LEU A 275 4.82 10.22 28.94
C LEU A 275 4.63 8.74 29.08
N VAL A 276 5.55 8.08 29.78
CA VAL A 276 5.46 6.70 29.97
C VAL A 276 4.18 6.32 30.73
N THR A 277 3.88 7.07 31.77
CA THR A 277 2.66 6.86 32.53
C THR A 277 1.40 6.93 31.66
N LYS A 278 1.30 7.99 30.86
CA LYS A 278 0.08 8.20 30.06
CA LYS A 278 0.08 8.20 30.07
C LYS A 278 -0.07 7.27 28.88
N HIS A 279 1.04 6.96 28.21
CA HIS A 279 1.01 5.97 27.14
C HIS A 279 0.69 4.62 27.70
N SER A 280 1.26 4.27 28.86
CA SER A 280 0.98 2.98 29.47
C SER A 280 -0.46 2.87 29.92
N ALA A 281 -1.03 3.97 30.37
CA ALA A 281 -2.47 3.95 30.75
C ALA A 281 -3.38 3.58 29.58
N ILE A 282 -3.06 4.12 28.41
CA ILE A 282 -3.83 3.77 27.18
C ILE A 282 -3.59 2.31 26.83
N MET A 283 -2.33 1.84 26.91
CA MET A 283 -2.07 0.44 26.67
C MET A 283 -2.86 -0.47 27.64
N ASP A 284 -2.99 -0.04 28.89
CA ASP A 284 -3.78 -0.82 29.88
C ASP A 284 -5.23 -1.07 29.52
N VAL A 285 -5.84 -0.11 28.84
CA VAL A 285 -7.22 -0.20 28.47
C VAL A 285 -7.35 -1.35 27.48
N TYR A 286 -6.44 -1.46 26.54
CA TYR A 286 -6.55 -2.49 25.50
C TYR A 286 -5.80 -3.75 25.85
N ASP A 287 -4.89 -3.74 26.82
CA ASP A 287 -4.04 -4.94 27.12
C ASP A 287 -3.87 -4.90 28.63
N PRO A 288 -4.96 -5.18 29.38
CA PRO A 288 -4.86 -5.04 30.84
C PRO A 288 -3.90 -6.04 31.47
N ASP A 289 -3.63 -7.16 30.84
CA ASP A 289 -2.59 -8.06 31.40
C ASP A 289 -1.16 -7.67 31.08
N LYS A 290 -0.95 -6.60 30.33
CA LYS A 290 0.41 -6.14 30.03
C LYS A 290 1.23 -7.10 29.24
N ARG A 291 0.60 -7.78 28.29
CA ARG A 291 1.33 -8.67 27.46
C ARG A 291 2.35 -7.91 26.61
N ILE A 292 1.91 -6.81 26.02
CA ILE A 292 2.69 -6.08 25.06
C ILE A 292 3.70 -5.18 25.78
N ASP A 293 4.95 -5.26 25.35
CA ASP A 293 6.02 -4.45 25.89
C ASP A 293 5.88 -3.03 25.39
N LEU A 294 6.20 -2.06 26.26
CA LEU A 294 6.54 -0.72 25.83
C LEU A 294 8.04 -0.59 25.65
N ILE A 295 8.45 -0.07 24.49
CA ILE A 295 9.84 -0.05 24.07
C ILE A 295 10.22 1.39 23.81
N VAL A 296 11.01 1.98 24.70
CA VAL A 296 11.36 3.37 24.53
C VAL A 296 12.63 3.41 23.69
N ASP A 297 12.51 3.23 22.38
CA ASP A 297 13.72 2.94 21.60
C ASP A 297 14.39 4.17 21.03
N GLU A 298 13.90 5.38 21.33
CA GLU A 298 14.72 6.58 21.20
C GLU A 298 14.51 7.47 22.39
N TRP A 299 15.58 7.71 23.10
CA TRP A 299 15.61 8.74 24.13
C TRP A 299 17.01 9.31 24.25
N GLY A 300 17.14 10.37 25.05
CA GLY A 300 18.39 11.05 25.26
C GLY A 300 18.36 12.50 24.90
N THR A 301 19.47 13.18 25.18
CA THR A 301 19.57 14.61 24.88
C THR A 301 19.92 14.88 23.45
N TRP A 302 19.42 15.99 22.96
CA TRP A 302 19.72 16.48 21.62
C TRP A 302 20.02 17.96 21.66
N TYR A 303 21.27 18.30 21.36
CA TYR A 303 21.82 19.67 21.39
C TYR A 303 22.15 20.10 19.99
N ASP A 304 22.45 21.38 19.81
CA ASP A 304 23.13 21.86 18.60
C ASP A 304 24.49 21.09 18.51
N VAL A 305 24.91 20.83 17.28
CA VAL A 305 26.21 20.17 17.11
C VAL A 305 27.36 21.07 17.58
N GLU A 306 28.48 20.45 17.86
CA GLU A 306 29.70 21.15 18.22
C GLU A 306 30.01 22.18 17.14
N PRO A 307 30.38 23.38 17.56
CA PRO A 307 30.65 24.45 16.57
C PRO A 307 31.62 24.03 15.45
N GLY A 308 31.25 24.36 14.24
CA GLY A 308 32.06 24.02 13.12
C GLY A 308 31.93 22.59 12.59
N THR A 309 31.10 21.76 13.20
CA THR A 309 30.87 20.43 12.66
C THR A 309 29.60 20.44 11.82
N ASN A 310 29.50 19.42 11.00
CA ASN A 310 28.37 19.29 10.09
C ASN A 310 27.08 19.00 10.89
N PRO A 311 26.07 19.83 10.74
CA PRO A 311 24.81 19.61 11.51
C PRO A 311 24.15 18.28 11.20
N GLY A 312 24.34 17.79 9.98
CA GLY A 312 23.85 16.49 9.56
C GLY A 312 24.49 15.30 10.25
N PHE A 313 25.62 15.51 10.94
CA PHE A 313 26.33 14.39 11.60
C PHE A 313 26.01 14.26 13.05
N LEU A 314 25.28 15.25 13.60
CA LEU A 314 24.73 15.14 14.96
C LEU A 314 25.77 14.92 16.08
N TYR A 315 26.97 15.42 15.88
CA TYR A 315 28.03 15.24 16.86
C TYR A 315 27.91 16.27 17.96
N GLN A 316 27.83 15.79 19.19
CA GLN A 316 27.72 16.64 20.36
C GLN A 316 28.55 16.08 21.49
N GLN A 317 29.03 17.01 22.32
CA GLN A 317 29.73 16.65 23.56
C GLN A 317 28.75 16.13 24.62
N ASN A 318 29.31 15.69 25.74
CA ASN A 318 28.62 14.90 26.72
C ASN A 318 29.22 15.22 28.09
N SER A 319 28.41 15.81 28.99
CA SER A 319 28.84 16.33 30.27
C SER A 319 28.16 15.63 31.39
N ILE A 320 28.54 16.01 32.60
CA ILE A 320 27.85 15.52 33.81
C ILE A 320 26.32 15.80 33.76
N ARG A 321 25.88 16.86 33.03
CA ARG A 321 24.47 17.09 32.80
C ARG A 321 23.81 15.84 32.08
N ASP A 322 24.52 15.30 31.10
CA ASP A 322 24.07 14.11 30.36
C ASP A 322 24.08 12.90 31.23
N ALA A 323 25.04 12.82 32.15
CA ALA A 323 25.02 11.71 33.11
C ALA A 323 23.78 11.74 34.00
N LEU A 324 23.39 12.92 34.43
CA LEU A 324 22.20 13.06 35.26
CA LEU A 324 22.20 13.06 35.28
C LEU A 324 20.92 12.72 34.49
N VAL A 325 20.83 13.21 33.26
CA VAL A 325 19.72 12.80 32.38
C VAL A 325 19.63 11.29 32.25
N ALA A 326 20.77 10.65 32.00
CA ALA A 326 20.75 9.18 31.85
C ALA A 326 20.35 8.51 33.13
N GLY A 327 20.94 8.92 34.26
CA GLY A 327 20.63 8.26 35.48
C GLY A 327 19.15 8.43 35.92
N ALA A 328 18.64 9.64 35.80
CA ALA A 328 17.24 9.92 36.18
C ALA A 328 16.27 9.20 35.20
N THR A 329 16.62 9.14 33.92
CA THR A 329 15.75 8.51 32.93
C THR A 329 15.73 7.00 33.17
N LEU A 330 16.89 6.40 33.42
CA LEU A 330 16.92 4.95 33.73
C LEU A 330 16.09 4.63 34.99
N HIS A 331 16.17 5.48 35.98
CA HIS A 331 15.32 5.30 37.16
C HIS A 331 13.80 5.32 36.83
N ILE A 332 13.40 6.22 35.93
CA ILE A 332 12.02 6.25 35.49
C ILE A 332 11.62 4.96 34.81
N PHE A 333 12.50 4.41 34.00
CA PHE A 333 12.22 3.10 33.37
C PHE A 333 12.09 2.01 34.42
N HIS A 334 12.93 2.06 35.46
CA HIS A 334 12.82 1.07 36.55
C HIS A 334 11.43 1.11 37.19
N ARG A 335 10.95 2.32 37.46
CA ARG A 335 9.64 2.47 38.10
C ARG A 335 8.52 1.96 37.23
N HIS A 336 8.75 1.83 35.92
CA HIS A 336 7.74 1.38 35.00
C HIS A 336 8.11 0.02 34.41
N CYS A 337 8.86 -0.79 35.16
CA CYS A 337 9.36 -2.04 34.61
C CYS A 337 8.32 -3.13 34.51
N ASP A 338 7.11 -2.88 34.99
CA ASP A 338 5.95 -3.76 34.74
C ASP A 338 5.48 -3.66 33.28
N ARG A 339 5.81 -2.59 32.57
CA ARG A 339 5.40 -2.43 31.15
C ARG A 339 6.58 -2.09 30.24
N VAL A 340 7.48 -1.18 30.65
CA VAL A 340 8.67 -0.89 29.87
C VAL A 340 9.69 -2.04 30.00
N ARG A 341 10.03 -2.68 28.90
CA ARG A 341 10.92 -3.80 28.90
C ARG A 341 12.12 -3.66 28.00
N MET A 342 12.22 -2.52 27.34
CA MET A 342 13.41 -2.18 26.57
CA MET A 342 13.41 -2.18 26.57
C MET A 342 13.47 -0.69 26.38
N ALA A 343 14.69 -0.17 26.34
CA ALA A 343 14.94 1.22 25.96
C ALA A 343 16.30 1.31 25.26
N ASN A 344 16.47 2.32 24.40
CA ASN A 344 17.63 2.45 23.53
C ASN A 344 18.00 3.90 23.44
N ILE A 345 19.09 4.27 24.12
CA ILE A 345 19.53 5.64 24.09
C ILE A 345 20.14 5.94 22.72
N ALA A 346 19.86 7.12 22.22
CA ALA A 346 20.35 7.58 20.95
C ALA A 346 21.62 8.43 21.10
N GLN A 347 22.74 8.14 20.45
CA GLN A 347 23.06 6.92 19.77
C GLN A 347 24.42 6.48 20.29
N LEU A 348 24.88 5.33 19.85
CA LEU A 348 25.99 4.65 20.50
C LEU A 348 27.35 5.40 20.48
N VAL A 349 27.74 5.87 19.32
CA VAL A 349 29.06 6.46 19.10
C VAL A 349 28.95 7.68 18.22
N ASN A 350 29.57 8.77 18.68
CA ASN A 350 29.73 10.00 17.88
C ASN A 350 28.47 10.69 17.43
N VAL A 351 27.31 10.28 17.98
CA VAL A 351 26.04 10.79 17.53
C VAL A 351 25.12 10.95 18.74
N MET A 352 24.62 12.17 18.90
CA MET A 352 23.70 12.51 20.00
C MET A 352 24.29 12.12 21.36
N GLN A 353 23.54 11.50 22.26
CA GLN A 353 23.99 11.27 23.62
C GLN A 353 24.78 9.94 23.71
N SER A 354 25.97 9.96 23.14
CA SER A 354 26.77 8.75 22.96
C SER A 354 27.49 8.32 24.18
N VAL A 355 27.69 7.02 24.32
CA VAL A 355 28.58 6.52 25.33
C VAL A 355 30.06 6.70 24.96
N ILE A 356 30.38 6.78 23.69
CA ILE A 356 31.75 6.84 23.23
C ILE A 356 31.88 7.87 22.15
N LEU A 357 32.97 8.63 22.16
CA LEU A 357 33.35 9.48 21.06
C LEU A 357 34.73 9.02 20.56
N THR A 358 34.96 9.13 19.25
CA THR A 358 36.24 8.74 18.67
C THR A 358 36.80 9.87 17.84
N GLU A 359 38.11 9.84 17.63
CA GLU A 359 38.80 10.81 16.74
C GLU A 359 40.03 10.08 16.18
N GLY A 360 39.84 9.51 15.00
CA GLY A 360 40.83 8.60 14.48
C GLY A 360 40.97 7.45 15.41
N GLU A 361 42.20 7.15 15.78
CA GLU A 361 42.51 6.04 16.66
C GLU A 361 42.25 6.33 18.12
N ARG A 362 42.03 7.59 18.45
CA ARG A 362 41.74 7.86 19.87
C ARG A 362 40.24 7.70 20.18
N MET A 363 39.93 7.39 21.42
CA MET A 363 38.54 7.38 21.87
C MET A 363 38.41 7.90 23.29
N LEU A 364 37.21 8.31 23.66
CA LEU A 364 36.94 8.53 25.08
C LEU A 364 35.61 7.92 25.51
N LEU A 365 35.49 7.70 26.77
CA LEU A 365 34.29 7.29 27.45
C LEU A 365 33.61 8.55 28.01
N THR A 366 32.33 8.77 27.66
CA THR A 366 31.60 9.91 28.15
C THR A 366 31.06 9.67 29.54
N PRO A 367 30.63 10.77 30.22
CA PRO A 367 29.88 10.60 31.46
C PRO A 367 28.64 9.69 31.33
N THR A 368 28.00 9.71 30.19
CA THR A 368 26.93 8.76 29.93
C THR A 368 27.36 7.30 29.93
N TYR A 369 28.50 7.01 29.30
CA TYR A 369 29.09 5.67 29.45
C TYR A 369 29.18 5.25 30.90
N HIS A 370 29.72 6.14 31.74
CA HIS A 370 29.95 5.74 33.14
C HIS A 370 28.67 5.45 33.86
N VAL A 371 27.59 6.16 33.53
CA VAL A 371 26.32 5.81 34.17
C VAL A 371 25.85 4.42 33.74
N PHE A 372 25.90 4.13 32.45
CA PHE A 372 25.49 2.79 32.00
C PHE A 372 26.34 1.69 32.64
N ASN A 373 27.62 2.01 32.78
CA ASN A 373 28.59 1.02 33.33
C ASN A 373 28.39 0.86 34.83
N MET A 374 28.14 1.97 35.53
CA MET A 374 27.77 1.85 36.97
C MET A 374 26.43 1.18 37.22
N PHE A 375 25.45 1.47 36.39
CA PHE A 375 24.08 0.97 36.63
C PHE A 375 23.85 -0.40 36.05
N LYS A 376 24.87 -1.02 35.43
CA LYS A 376 24.68 -2.34 34.90
C LYS A 376 24.26 -3.38 35.90
N VAL A 377 24.55 -3.14 37.16
CA VAL A 377 24.11 -4.01 38.27
C VAL A 377 22.60 -4.11 38.38
N HIS A 378 21.86 -3.15 37.79
CA HIS A 378 20.41 -3.22 37.77
C HIS A 378 19.86 -4.12 36.67
N GLN A 379 20.68 -4.53 35.71
CA GLN A 379 20.21 -5.34 34.59
C GLN A 379 19.70 -6.68 35.07
N ASP A 380 18.49 -7.01 34.68
CA ASP A 380 17.77 -8.23 35.12
C ASP A 380 17.64 -8.35 36.63
N ALA A 381 17.79 -7.27 37.37
CA ALA A 381 17.62 -7.33 38.81
C ALA A 381 16.17 -7.22 39.20
N GLU A 382 15.88 -7.56 40.46
CA GLU A 382 14.53 -7.40 41.01
C GLU A 382 14.36 -6.06 41.65
N LEU A 383 13.39 -5.30 41.16
CA LEU A 383 13.10 -3.99 41.71
C LEU A 383 12.51 -4.16 43.12
N LEU A 384 13.04 -3.40 44.06
CA LEU A 384 12.53 -3.47 45.42
C LEU A 384 11.63 -2.31 45.70
N ASP A 385 10.69 -2.56 46.61
CA ASP A 385 9.72 -1.55 47.03
C ASP A 385 10.42 -0.49 47.85
N THR A 386 10.41 0.74 47.40
CA THR A 386 11.06 1.83 48.07
CA THR A 386 11.07 1.84 48.07
C THR A 386 10.07 2.95 48.21
N TRP A 387 10.13 3.67 49.30
CA TRP A 387 9.37 4.87 49.35
C TRP A 387 10.16 5.99 49.86
N GLU A 388 9.78 7.20 49.48
CA GLU A 388 10.69 8.32 49.57
C GLU A 388 10.01 9.58 49.80
N SER A 389 10.71 10.48 50.44
CA SER A 389 10.24 11.80 50.61
C SER A 389 11.47 12.67 50.46
N VAL A 390 11.60 13.41 49.38
CA VAL A 390 12.88 14.01 49.01
C VAL A 390 12.80 15.49 49.03
N GLU A 391 13.92 16.14 49.32
CA GLU A 391 14.02 17.57 49.22
C GLU A 391 13.75 17.99 47.80
N ARG A 392 13.38 19.25 47.60
CA ARG A 392 13.27 19.88 46.34
C ARG A 392 14.50 20.67 46.00
N THR A 393 14.65 21.02 44.73
CA THR A 393 15.74 21.82 44.28
C THR A 393 15.30 22.57 43.01
N GLY A 394 16.15 23.40 42.51
CA GLY A 394 15.87 24.18 41.35
C GLY A 394 15.13 25.47 41.69
N PRO A 395 15.05 26.39 40.74
CA PRO A 395 14.51 27.73 40.91
C PRO A 395 13.26 27.84 41.78
N GLU A 396 12.27 27.00 41.55
CA GLU A 396 11.04 27.14 42.31
C GLU A 396 10.75 25.86 43.07
N GLY A 397 11.78 25.10 43.44
CA GLY A 397 11.56 23.74 43.91
C GLY A 397 10.87 22.82 42.92
N GLU A 398 10.98 23.12 41.65
CA GLU A 398 10.35 22.35 40.60
C GLU A 398 10.97 20.96 40.43
N LEU A 399 12.16 20.66 40.94
CA LEU A 399 12.77 19.36 40.73
C LEU A 399 12.95 18.64 42.00
N PRO A 400 12.94 17.32 41.94
CA PRO A 400 13.41 16.57 43.11
C PRO A 400 14.90 16.70 43.21
N LYS A 401 15.39 16.86 44.42
CA LYS A 401 16.83 16.99 44.63
C LYS A 401 17.50 15.66 44.33
N VAL A 402 16.83 14.59 44.66
CA VAL A 402 17.42 13.29 44.58
C VAL A 402 16.44 12.32 43.86
N SER A 403 17.00 11.43 43.04
CA SER A 403 16.28 10.29 42.48
C SER A 403 16.98 9.06 42.97
N VAL A 404 16.20 8.08 43.43
CA VAL A 404 16.72 6.89 44.04
CA VAL A 404 16.73 6.88 44.04
C VAL A 404 16.03 5.63 43.50
N SER A 405 16.79 4.54 43.34
CA SER A 405 16.20 3.28 42.92
C SER A 405 16.99 2.15 43.60
N ALA A 406 16.31 1.11 44.03
CA ALA A 406 16.91 -0.06 44.61
C ALA A 406 16.48 -1.35 43.99
N SER A 407 17.47 -2.26 43.80
CA SER A 407 17.22 -3.55 43.27
C SER A 407 18.07 -4.62 43.95
N ARG A 408 17.65 -5.87 43.77
CA ARG A 408 18.34 -7.03 44.26
C ARG A 408 18.87 -7.86 43.15
N ALA A 409 20.17 -8.09 43.16
CA ALA A 409 20.82 -8.89 42.13
C ALA A 409 20.64 -10.39 42.39
N ALA A 410 20.99 -11.19 41.40
CA ALA A 410 20.79 -12.64 41.49
C ALA A 410 21.60 -13.29 42.63
N ASP A 411 22.74 -12.72 43.03
CA ASP A 411 23.48 -13.27 44.16
C ASP A 411 22.99 -12.73 45.48
N GLY A 412 21.89 -11.98 45.51
CA GLY A 412 21.36 -11.47 46.76
C GLY A 412 21.92 -10.13 47.22
N LYS A 413 22.89 -9.57 46.52
CA LYS A 413 23.29 -8.21 46.87
C LYS A 413 22.22 -7.18 46.51
N ILE A 414 22.20 -6.07 47.20
CA ILE A 414 21.30 -4.98 46.94
C ILE A 414 22.11 -3.81 46.38
N HIS A 415 21.60 -3.19 45.31
CA HIS A 415 22.19 -2.00 44.79
C HIS A 415 21.20 -0.86 44.89
N ILE A 416 21.69 0.28 45.38
CA ILE A 416 20.89 1.45 45.51
C ILE A 416 21.60 2.51 44.73
N SER A 417 20.95 3.07 43.69
CA SER A 417 21.55 4.14 42.93
C SER A 417 20.82 5.44 43.23
N LEU A 418 21.58 6.54 43.25
CA LEU A 418 21.13 7.88 43.69
C LEU A 418 21.72 8.97 42.81
N CYS A 419 20.87 9.85 42.31
CA CYS A 419 21.26 10.96 41.52
C CYS A 419 20.99 12.21 42.36
N ASN A 420 21.94 13.14 42.41
CA ASN A 420 21.72 14.41 43.00
C ASN A 420 21.66 15.38 41.89
N LEU A 421 20.49 15.98 41.69
CA LEU A 421 20.25 16.86 40.55
C LEU A 421 20.71 18.31 40.73
N ASP A 422 21.08 18.64 41.97
CA ASP A 422 21.56 19.98 42.28
C ASP A 422 23.07 20.04 42.09
N PHE A 423 23.50 20.94 41.24
CA PHE A 423 24.88 21.19 40.96
C PHE A 423 25.59 22.04 42.02
N GLU A 424 24.84 22.66 42.90
CA GLU A 424 25.37 23.62 43.88
C GLU A 424 25.68 23.07 45.24
N THR A 425 24.94 22.10 45.74
CA THR A 425 25.21 21.56 47.04
C THR A 425 24.98 20.10 47.06
N GLY A 426 25.53 19.48 48.08
CA GLY A 426 25.41 18.03 48.26
C GLY A 426 24.02 17.75 48.76
N ALA A 427 23.68 16.48 48.84
CA ALA A 427 22.35 16.08 49.26
C ALA A 427 22.48 15.06 50.33
N SER A 428 21.83 15.28 51.47
CA SER A 428 21.82 14.30 52.54
CA SER A 428 21.83 14.30 52.54
C SER A 428 20.67 13.40 52.33
N VAL A 429 20.92 12.12 52.51
CA VAL A 429 19.92 11.13 52.32
C VAL A 429 20.02 10.15 53.45
N ASP A 430 18.88 9.89 54.07
CA ASP A 430 18.75 8.88 55.08
C ASP A 430 17.95 7.71 54.56
N ILE A 431 18.53 6.53 54.56
CA ILE A 431 17.90 5.35 54.03
C ILE A 431 17.68 4.34 55.13
N GLU A 432 16.45 3.93 55.32
CA GLU A 432 16.15 2.91 56.25
C GLU A 432 15.95 1.61 55.49
N LEU A 433 16.60 0.55 55.93
CA LEU A 433 16.47 -0.76 55.36
C LEU A 433 15.60 -1.64 56.21
N ARG A 434 14.50 -2.10 55.67
CA ARG A 434 13.63 -3.04 56.33
C ARG A 434 13.63 -4.35 55.65
N GLY A 435 13.16 -5.34 56.38
CA GLY A 435 13.09 -6.69 55.86
C GLY A 435 14.39 -7.41 55.69
N LEU A 436 15.46 -6.94 56.30
CA LEU A 436 16.71 -7.72 56.28
C LEU A 436 16.75 -8.84 57.33
N ASN A 437 17.59 -9.84 57.10
CA ASN A 437 17.92 -10.83 58.16
C ASN A 437 19.20 -10.43 58.86
N GLY A 438 20.33 -10.52 58.15
CA GLY A 438 21.60 -10.21 58.75
C GLY A 438 21.83 -8.76 59.08
N GLY A 439 23.09 -8.48 59.36
CA GLY A 439 23.62 -7.13 59.18
C GLY A 439 23.99 -7.08 57.72
N VAL A 440 24.28 -5.86 57.28
CA VAL A 440 24.83 -5.63 55.95
C VAL A 440 26.04 -4.76 56.03
N SER A 441 26.95 -4.91 55.09
CA SER A 441 27.94 -3.88 54.83
C SER A 441 27.79 -3.32 53.41
N ALA A 442 28.44 -2.20 53.16
CA ALA A 442 28.21 -1.43 51.96
C ALA A 442 29.49 -0.90 51.40
N THR A 443 29.66 -0.88 50.08
CA THR A 443 30.64 -0.05 49.41
C THR A 443 29.93 0.87 48.43
N GLY A 444 30.66 1.88 47.94
CA GLY A 444 30.07 2.77 46.99
C GLY A 444 31.00 3.31 45.94
N THR A 445 30.40 3.78 44.83
CA THR A 445 31.10 4.48 43.76
CA THR A 445 31.10 4.48 43.77
C THR A 445 30.30 5.72 43.39
N THR A 446 30.98 6.79 43.01
CA THR A 446 30.28 8.01 42.63
C THR A 446 30.92 8.63 41.40
N LEU A 447 30.06 9.25 40.57
CA LEU A 447 30.45 9.93 39.39
C LEU A 447 30.03 11.38 39.55
N THR A 448 30.98 12.30 39.50
CA THR A 448 30.69 13.70 39.74
C THR A 448 31.69 14.55 39.07
N SER A 449 31.56 15.87 39.20
CA SER A 449 32.37 16.81 38.50
C SER A 449 32.44 18.11 39.35
N GLY A 450 33.45 18.92 39.06
CA GLY A 450 33.63 20.21 39.66
C GLY A 450 33.01 21.30 38.83
N ARG A 451 32.59 20.98 37.60
CA ARG A 451 32.00 21.95 36.73
C ARG A 451 30.66 21.45 36.21
N ILE A 452 29.74 22.36 35.97
CA ILE A 452 28.38 22.00 35.59
CA ILE A 452 28.38 21.95 35.58
C ILE A 452 28.37 21.34 34.18
N ASP A 453 29.34 21.70 33.34
CA ASP A 453 29.55 21.13 32.03
C ASP A 453 30.82 20.26 31.96
N GLY A 454 31.20 19.67 33.08
CA GLY A 454 32.40 18.83 33.09
C GLY A 454 32.26 17.70 32.09
N HIS A 455 33.26 17.54 31.25
CA HIS A 455 33.26 16.53 30.21
C HIS A 455 34.64 15.98 29.90
N ASN A 456 34.68 14.90 29.14
CA ASN A 456 35.95 14.25 28.74
C ASN A 456 36.28 14.67 27.35
N THR A 457 37.58 14.83 27.08
CA THR A 457 38.09 15.14 25.74
C THR A 457 39.15 14.11 25.37
N PHE A 458 39.56 14.13 24.13
CA PHE A 458 40.58 13.12 23.67
C PHE A 458 41.93 13.38 24.33
N ASP A 459 42.29 14.67 24.47
CA ASP A 459 43.46 15.02 25.33
C ASP A 459 43.29 14.71 26.80
N GLU A 460 42.10 14.90 27.38
CA GLU A 460 41.87 14.59 28.80
C GLU A 460 40.64 13.70 28.97
N PRO A 461 40.84 12.42 28.75
CA PRO A 461 39.70 11.51 28.65
C PRO A 461 39.19 11.06 29.98
N GLU A 462 39.79 11.53 31.07
CA GLU A 462 39.40 11.08 32.39
C GLU A 462 39.12 12.18 33.38
N ARG A 463 38.77 13.36 32.92
CA ARG A 463 38.27 14.41 33.83
C ARG A 463 37.05 13.97 34.61
N VAL A 464 36.10 13.23 33.99
CA VAL A 464 34.89 12.81 34.66
C VAL A 464 34.78 11.30 34.61
N LYS A 465 34.97 10.65 35.74
CA LYS A 465 34.90 9.24 35.85
C LYS A 465 34.65 8.77 37.22
N PRO A 466 34.22 7.52 37.36
CA PRO A 466 33.79 7.09 38.66
C PRO A 466 34.96 7.04 39.64
N ALA A 467 34.65 7.13 40.91
CA ALA A 467 35.64 7.11 42.00
C ALA A 467 35.01 6.45 43.20
N PRO A 468 35.82 5.97 44.14
CA PRO A 468 35.25 5.39 45.36
C PRO A 468 34.45 6.39 46.14
N PHE A 469 33.36 5.94 46.75
CA PHE A 469 32.50 6.80 47.52
C PHE A 469 32.48 6.29 48.93
N ARG A 470 32.85 7.16 49.84
CA ARG A 470 32.99 6.77 51.26
C ARG A 470 32.20 7.64 52.21
N ASP A 471 31.49 8.64 51.73
CA ASP A 471 30.82 9.63 52.60
C ASP A 471 29.42 9.18 53.03
N PHE A 472 29.36 8.05 53.73
CA PHE A 472 28.16 7.54 54.31
C PHE A 472 28.46 6.72 55.57
N LYS A 473 27.49 6.48 56.43
CA LYS A 473 27.64 5.61 57.59
C LYS A 473 26.49 4.69 57.55
N LEU A 474 26.73 3.49 58.01
CA LEU A 474 25.71 2.50 58.06
C LEU A 474 25.63 1.99 59.50
N GLU A 475 24.75 2.56 60.33
CA GLU A 475 24.55 2.12 61.71
C GLU A 475 23.26 1.35 61.86
N GLY A 476 23.42 0.03 61.81
CA GLY A 476 22.36 -0.90 62.07
C GLY A 476 21.69 -1.07 60.74
N GLY A 477 20.49 -0.49 60.62
CA GLY A 477 19.72 -0.45 59.37
C GLY A 477 19.31 0.94 58.90
N HIS A 478 20.00 2.00 59.33
CA HIS A 478 19.99 3.29 58.65
C HIS A 478 21.32 3.44 57.91
N LEU A 479 21.24 3.92 56.68
CA LEU A 479 22.39 4.28 55.90
C LEU A 479 22.22 5.73 55.61
N ASN A 480 23.08 6.56 56.18
CA ASN A 480 23.05 7.99 55.96
CA ASN A 480 23.04 8.00 55.99
C ASN A 480 24.15 8.34 55.02
N ALA A 481 23.85 9.09 53.96
CA ALA A 481 24.83 9.39 52.93
C ALA A 481 24.84 10.86 52.63
N SER A 482 26.00 11.38 52.24
CA SER A 482 26.11 12.75 51.74
C SER A 482 26.57 12.69 50.30
N LEU A 483 25.63 12.92 49.41
CA LEU A 483 25.93 12.77 48.03
C LEU A 483 26.60 14.05 47.57
N PRO A 484 27.64 13.96 46.74
CA PRO A 484 28.19 15.15 46.21
C PRO A 484 27.22 15.91 45.31
N PRO A 485 27.48 17.19 45.08
CA PRO A 485 26.73 17.89 44.08
C PRO A 485 26.85 17.18 42.73
N MET A 486 25.86 17.42 41.88
CA MET A 486 25.80 16.88 40.49
C MET A 486 26.49 15.52 40.34
N SER A 487 25.86 14.49 40.92
CA SER A 487 26.47 13.22 41.00
C SER A 487 25.46 12.09 40.76
N VAL A 488 26.04 10.99 40.37
CA VAL A 488 25.36 9.72 40.29
C VAL A 488 26.17 8.75 41.12
N THR A 489 25.52 8.02 42.01
CA THR A 489 26.20 7.16 42.95
C THR A 489 25.53 5.81 42.97
N VAL A 490 26.31 4.74 43.14
CA VAL A 490 25.77 3.43 43.43
C VAL A 490 26.37 2.83 44.68
N LEU A 491 25.52 2.37 45.59
CA LEU A 491 25.89 1.66 46.78
C LEU A 491 25.57 0.20 46.61
N GLU A 492 26.51 -0.66 46.99
CA GLU A 492 26.33 -2.07 46.93
C GLU A 492 26.35 -2.62 48.37
N LEU A 493 25.28 -3.28 48.76
CA LEU A 493 25.08 -3.83 50.06
C LEU A 493 25.16 -5.35 49.99
N THR A 494 25.97 -5.92 50.88
CA THR A 494 26.10 -7.38 51.05
C THR A 494 25.61 -7.76 52.44
N ALA A 495 24.76 -8.79 52.51
CA ALA A 495 24.06 -9.17 53.74
C ALA A 495 24.85 -10.24 54.49
N GLY A 496 24.20 -10.88 55.48
CA GLY A 496 24.74 -12.06 56.17
C GLY A 496 25.19 -11.67 57.54
N VAL B 3 -26.12 49.47 -28.44
CA VAL B 3 -25.94 48.55 -27.26
C VAL B 3 -24.48 48.04 -27.22
N ALA B 4 -23.57 48.88 -26.76
CA ALA B 4 -22.20 48.49 -26.55
C ALA B 4 -22.03 47.74 -25.20
N SER B 5 -21.17 46.74 -25.13
CA SER B 5 -20.65 46.33 -23.84
C SER B 5 -19.73 47.44 -23.32
N ARG B 6 -19.65 47.60 -22.01
CA ARG B 6 -18.80 48.63 -21.43
C ARG B 6 -17.80 48.04 -20.48
N VAL B 7 -16.59 48.59 -20.53
CA VAL B 7 -15.51 48.13 -19.69
C VAL B 7 -14.74 49.34 -19.16
N VAL B 8 -14.31 49.26 -17.92
CA VAL B 8 -13.38 50.22 -17.37
C VAL B 8 -12.17 49.45 -16.96
N VAL B 9 -11.00 49.89 -17.41
CA VAL B 9 -9.73 49.36 -16.97
C VAL B 9 -9.05 50.37 -16.10
N ASN B 10 -8.79 50.00 -14.86
CA ASN B 10 -7.96 50.80 -14.01
C ASN B 10 -6.52 50.42 -14.17
N ALA B 11 -5.84 51.17 -15.04
CA ALA B 11 -4.50 50.88 -15.49
C ALA B 11 -3.47 51.02 -14.44
N ASP B 12 -3.82 51.65 -13.34
CA ASP B 12 -2.86 51.80 -12.25
C ASP B 12 -3.15 50.87 -11.11
N ARG B 13 -4.08 49.95 -11.27
CA ARG B 13 -4.43 49.09 -10.17
C ARG B 13 -4.17 47.61 -10.46
N VAL B 14 -3.12 47.07 -9.90
CA VAL B 14 -2.71 45.69 -10.13
C VAL B 14 -3.41 44.75 -9.17
N LYS B 15 -4.03 43.69 -9.65
CA LYS B 15 -4.74 42.73 -8.83
C LYS B 15 -4.02 41.39 -8.64
N GLY B 16 -2.91 41.17 -9.32
CA GLY B 16 -2.20 39.91 -9.20
C GLY B 16 -1.29 39.73 -10.38
N THR B 17 -0.54 38.65 -10.34
CA THR B 17 0.34 38.23 -11.42
C THR B 17 -0.22 36.96 -12.06
N ILE B 18 -0.30 37.00 -13.38
CA ILE B 18 -0.70 35.88 -14.19
C ILE B 18 0.51 35.01 -14.37
N ASN B 19 0.62 33.93 -13.59
CA ASN B 19 1.79 33.06 -13.73
C ASN B 19 1.87 32.55 -15.18
N ARG B 20 3.05 32.62 -15.78
CA ARG B 20 3.23 32.15 -17.15
CA ARG B 20 3.23 32.15 -17.14
C ARG B 20 2.77 30.72 -17.36
N ASN B 21 2.88 29.90 -16.31
CA ASN B 21 2.47 28.51 -16.36
C ASN B 21 1.00 28.26 -16.56
N ILE B 22 0.16 29.27 -16.44
CA ILE B 22 -1.22 29.20 -16.88
C ILE B 22 -1.34 28.82 -18.35
N TYR B 23 -0.29 29.11 -19.11
CA TYR B 23 -0.22 28.85 -20.54
C TYR B 23 0.46 27.50 -20.85
N GLY B 24 0.37 26.56 -19.89
CA GLY B 24 1.03 25.28 -20.04
C GLY B 24 0.33 24.26 -20.98
N HIS B 25 1.05 23.17 -21.22
CA HIS B 25 0.70 22.13 -22.15
C HIS B 25 0.99 20.76 -21.58
N PHE B 26 0.50 19.76 -22.31
CA PHE B 26 0.39 18.40 -21.79
C PHE B 26 0.56 17.45 -22.95
N SER B 27 1.50 16.53 -22.83
CA SER B 27 1.76 15.52 -23.87
C SER B 27 1.84 14.12 -23.26
N GLU B 28 0.90 13.28 -23.60
CA GLU B 28 0.88 11.89 -23.19
C GLU B 28 1.40 10.98 -24.30
N HIS B 29 1.94 9.85 -23.90
CA HIS B 29 2.17 8.70 -24.82
C HIS B 29 0.85 8.07 -25.23
N LEU B 30 0.23 8.73 -26.20
CA LEU B 30 -1.10 8.38 -26.66
CA LEU B 30 -1.10 8.39 -26.66
C LEU B 30 -1.18 8.84 -28.12
N GLY B 31 -1.74 7.99 -28.98
CA GLY B 31 -1.92 8.33 -30.37
C GLY B 31 -0.63 8.82 -31.03
N ARG B 32 -0.70 9.94 -31.71
CA ARG B 32 0.48 10.53 -32.37
C ARG B 32 0.94 11.83 -31.68
N CYS B 33 0.71 11.94 -30.36
CA CYS B 33 1.20 13.11 -29.64
C CYS B 33 2.73 13.09 -29.51
N ILE B 34 3.27 11.97 -29.05
CA ILE B 34 4.72 11.86 -28.88
C ILE B 34 5.35 11.33 -30.20
N TYR B 35 4.95 10.14 -30.63
CA TYR B 35 5.50 9.54 -31.86
C TYR B 35 4.82 10.20 -33.07
N GLU B 36 5.65 10.75 -33.94
CA GLU B 36 5.29 11.61 -35.09
C GLU B 36 5.05 13.05 -34.68
N GLY B 37 4.20 13.29 -33.70
CA GLY B 37 3.98 14.64 -33.31
C GLY B 37 5.20 15.42 -32.84
N LEU B 38 6.10 14.74 -32.16
CA LEU B 38 7.29 15.35 -31.67
C LEU B 38 8.49 14.53 -32.08
N TRP B 39 8.52 13.26 -31.66
CA TRP B 39 9.61 12.37 -31.88
C TRP B 39 9.48 11.73 -33.24
N VAL B 40 10.49 11.96 -34.09
CA VAL B 40 10.55 11.30 -35.40
C VAL B 40 11.74 10.37 -35.49
N GLY B 41 12.67 10.41 -34.57
CA GLY B 41 13.84 9.55 -34.67
C GLY B 41 15.00 10.26 -35.35
N GLU B 42 16.20 9.90 -34.91
CA GLU B 42 17.43 10.56 -35.43
C GLU B 42 17.67 10.34 -36.94
N ASP B 43 17.15 9.24 -37.48
CA ASP B 43 17.29 8.92 -38.90
C ASP B 43 16.15 9.30 -39.78
N SER B 44 15.21 10.04 -39.24
CA SER B 44 14.09 10.42 -40.03
C SER B 44 14.52 11.41 -41.14
N PRO B 45 13.91 11.29 -42.32
CA PRO B 45 14.03 12.39 -43.29
C PRO B 45 13.33 13.66 -42.89
N ILE B 46 12.43 13.63 -41.91
CA ILE B 46 11.83 14.88 -41.41
C ILE B 46 12.97 15.60 -40.66
N PRO B 47 13.27 16.84 -41.05
CA PRO B 47 14.36 17.54 -40.39
C PRO B 47 14.11 17.66 -38.87
N ASN B 48 15.13 17.36 -38.12
CA ASN B 48 14.99 17.17 -36.70
C ASN B 48 16.25 17.53 -35.99
N THR B 49 16.10 17.81 -34.70
CA THR B 49 17.23 18.07 -33.78
C THR B 49 17.23 16.93 -32.76
N ASN B 50 18.22 16.06 -32.88
CA ASN B 50 18.37 14.88 -32.04
C ASN B 50 17.12 13.99 -31.96
N GLY B 51 16.38 13.95 -33.05
CA GLY B 51 15.23 13.09 -33.20
C GLY B 51 13.89 13.81 -32.97
N ILE B 52 13.93 15.09 -32.61
CA ILE B 52 12.73 15.87 -32.46
C ILE B 52 12.51 16.82 -33.63
N ARG B 53 11.36 16.79 -34.24
CA ARG B 53 11.14 17.49 -35.51
C ARG B 53 11.19 19.00 -35.35
N ASN B 54 11.92 19.65 -36.26
CA ASN B 54 12.22 21.07 -36.13
C ASN B 54 11.02 22.00 -36.35
N ASP B 55 10.10 21.62 -37.22
CA ASP B 55 8.96 22.49 -37.53
C ASP B 55 8.11 22.70 -36.21
N VAL B 56 7.93 21.63 -35.45
CA VAL B 56 7.21 21.70 -34.20
C VAL B 56 8.01 22.50 -33.17
N LEU B 57 9.27 22.20 -33.05
CA LEU B 57 10.12 22.95 -32.14
C LEU B 57 10.03 24.44 -32.37
N GLU B 58 10.09 24.86 -33.61
CA GLU B 58 10.09 26.32 -33.88
C GLU B 58 8.76 26.93 -33.57
N ALA B 59 7.69 26.26 -33.95
CA ALA B 59 6.34 26.78 -33.66
C ALA B 59 6.08 26.92 -32.12
N LEU B 60 6.57 25.95 -31.36
CA LEU B 60 6.35 25.98 -29.91
C LEU B 60 7.21 27.03 -29.24
N LYS B 61 8.43 27.21 -29.71
CA LYS B 61 9.25 28.34 -29.23
C LYS B 61 8.67 29.67 -29.56
N GLN B 62 8.09 29.82 -30.72
CA GLN B 62 7.45 31.07 -31.03
C GLN B 62 6.30 31.36 -30.05
N MET B 63 5.50 30.34 -29.73
CA MET B 63 4.36 30.44 -28.83
C MET B 63 4.78 30.67 -27.33
N LYS B 64 6.06 30.43 -27.03
CA LYS B 64 6.64 30.62 -25.70
C LYS B 64 6.02 29.63 -24.66
N ILE B 65 6.03 28.37 -25.03
CA ILE B 65 5.59 27.29 -24.16
C ILE B 65 6.30 27.36 -22.82
N PRO B 66 5.55 27.47 -21.71
CA PRO B 66 6.20 27.71 -20.44
C PRO B 66 6.47 26.44 -19.68
N VAL B 67 5.65 25.41 -19.89
CA VAL B 67 5.77 24.17 -19.13
C VAL B 67 5.06 23.08 -19.91
N LEU B 68 5.60 21.87 -19.80
CA LEU B 68 5.09 20.72 -20.46
C LEU B 68 4.99 19.54 -19.52
N HIS B 69 3.79 18.96 -19.43
CA HIS B 69 3.52 17.82 -18.56
C HIS B 69 3.60 16.53 -19.34
N TRP B 70 4.28 15.55 -18.77
CA TRP B 70 4.55 14.26 -19.41
C TRP B 70 4.76 13.22 -18.30
N PRO B 71 4.44 11.96 -18.44
CA PRO B 71 4.03 11.31 -19.68
C PRO B 71 2.55 11.04 -19.73
N GLY B 72 1.78 11.63 -18.83
CA GLY B 72 0.33 11.32 -18.81
C GLY B 72 -0.26 12.09 -17.69
N GLY B 73 -1.59 12.06 -17.54
CA GLY B 73 -2.56 11.18 -18.17
C GLY B 73 -2.57 9.79 -17.58
N CYS B 74 -3.49 8.97 -18.07
CA CYS B 74 -3.59 7.56 -17.69
CA CYS B 74 -3.60 7.54 -17.71
C CYS B 74 -2.28 6.79 -17.88
N PHE B 75 -1.49 7.16 -18.88
CA PHE B 75 -0.22 6.44 -19.10
C PHE B 75 0.72 6.53 -17.92
N ALA B 76 0.69 7.65 -17.19
CA ALA B 76 1.65 7.85 -16.09
C ALA B 76 1.56 6.85 -14.96
N ASP B 77 0.35 6.38 -14.65
CA ASP B 77 0.14 5.41 -13.57
C ASP B 77 0.20 3.97 -14.05
N GLU B 78 0.66 3.86 -15.28
CA GLU B 78 1.09 2.60 -15.82
C GLU B 78 2.54 2.52 -16.25
N TYR B 79 3.23 3.64 -16.33
CA TYR B 79 4.59 3.74 -16.79
C TYR B 79 5.60 3.36 -15.75
N HIS B 80 6.61 2.61 -16.18
CA HIS B 80 7.74 2.29 -15.39
C HIS B 80 8.95 2.92 -16.05
N TRP B 81 9.44 4.00 -15.46
CA TRP B 81 10.36 4.90 -16.15
C TRP B 81 11.66 4.26 -16.62
N LYS B 82 12.09 3.23 -15.90
CA LYS B 82 13.29 2.51 -16.23
C LYS B 82 13.21 1.84 -17.59
N ASP B 83 12.01 1.58 -18.06
CA ASP B 83 11.81 1.05 -19.39
C ASP B 83 12.18 2.06 -20.51
N GLY B 84 12.33 3.34 -20.20
CA GLY B 84 12.55 4.39 -21.16
C GLY B 84 13.95 5.01 -21.14
N VAL B 85 14.90 4.34 -20.47
CA VAL B 85 16.27 4.83 -20.47
C VAL B 85 17.25 3.77 -20.93
N GLY B 86 18.45 4.17 -21.31
CA GLY B 86 19.43 3.20 -21.83
C GLY B 86 19.40 3.15 -23.34
N PRO B 87 20.27 2.34 -23.97
CA PRO B 87 20.31 2.27 -25.46
C PRO B 87 18.94 1.99 -26.09
N ARG B 88 18.53 2.84 -27.04
CA ARG B 88 17.18 2.79 -27.58
C ARG B 88 16.70 1.43 -28.00
N GLU B 89 17.59 0.66 -28.57
CA GLU B 89 17.22 -0.63 -29.11
C GLU B 89 17.04 -1.65 -28.01
N LYS B 90 17.52 -1.44 -26.80
CA LYS B 90 17.20 -2.38 -25.71
C LYS B 90 16.08 -1.91 -24.79
N ARG B 91 15.38 -0.82 -25.16
CA ARG B 91 14.27 -0.38 -24.36
C ARG B 91 13.09 -1.33 -24.55
N LYS B 92 12.17 -1.31 -23.60
CA LYS B 92 11.01 -2.18 -23.66
C LYS B 92 10.14 -1.86 -24.86
N ARG B 93 9.68 -2.92 -25.51
CA ARG B 93 8.83 -2.78 -26.68
C ARG B 93 7.53 -3.53 -26.53
N MET B 94 6.43 -2.84 -26.84
CA MET B 94 5.10 -3.43 -26.83
C MET B 94 4.43 -3.14 -28.16
N VAL B 95 3.80 -4.15 -28.71
CA VAL B 95 3.09 -4.04 -29.97
C VAL B 95 1.77 -4.79 -29.85
N ASN B 96 0.67 -4.08 -30.05
CA ASN B 96 -0.65 -4.64 -30.10
C ASN B 96 -1.23 -4.58 -31.52
N THR B 97 -1.49 -5.74 -32.12
CA THR B 97 -2.24 -5.81 -33.43
C THR B 97 -3.77 -5.34 -33.40
N HIS B 98 -4.55 -5.75 -32.39
CA HIS B 98 -5.88 -5.18 -32.05
C HIS B 98 -5.81 -3.65 -31.81
N VAL B 102 -0.90 -0.58 -32.70
CA VAL B 102 -0.28 0.29 -31.66
C VAL B 102 1.11 -0.17 -31.14
N ILE B 103 2.12 0.70 -31.24
CA ILE B 103 3.50 0.36 -30.84
C ILE B 103 3.90 1.35 -29.75
N GLU B 104 4.40 0.85 -28.62
CA GLU B 104 5.17 1.67 -27.67
C GLU B 104 6.56 1.07 -27.58
N ASN B 105 7.55 1.73 -28.20
CA ASN B 105 8.90 1.21 -28.20
C ASN B 105 9.78 1.94 -27.19
N ASN B 106 9.21 2.88 -26.44
CA ASN B 106 9.97 3.64 -25.42
C ASN B 106 11.16 4.40 -25.96
N HIS B 107 11.18 4.69 -27.25
CA HIS B 107 12.29 5.51 -27.80
C HIS B 107 12.28 6.94 -27.30
N PHE B 108 11.13 7.41 -26.90
CA PHE B 108 11.00 8.69 -26.21
C PHE B 108 10.84 8.40 -24.73
N GLY B 109 11.86 8.67 -23.94
CA GLY B 109 11.85 8.45 -22.51
C GLY B 109 12.47 9.64 -21.79
N THR B 110 13.00 9.41 -20.59
CA THR B 110 13.42 10.50 -19.73
C THR B 110 14.42 11.46 -20.38
N HIS B 111 15.45 10.94 -21.03
CA HIS B 111 16.51 11.82 -21.69
C HIS B 111 15.95 12.64 -22.81
N GLU B 112 15.06 12.00 -23.60
CA GLU B 112 14.48 12.69 -24.71
C GLU B 112 13.53 13.79 -24.27
N PHE B 113 12.78 13.49 -23.21
CA PHE B 113 11.87 14.50 -22.67
C PHE B 113 12.62 15.71 -22.08
N MET B 114 13.62 15.44 -21.29
CA MET B 114 14.38 16.54 -20.71
C MET B 114 15.11 17.35 -21.79
N MET B 115 15.59 16.66 -22.84
CA MET B 115 16.15 17.37 -23.99
C MET B 115 15.12 18.26 -24.66
N LEU B 116 13.93 17.71 -24.89
CA LEU B 116 12.85 18.50 -25.48
C LEU B 116 12.58 19.78 -24.70
N CYS B 117 12.56 19.67 -23.36
CA CYS B 117 12.30 20.84 -22.53
C CYS B 117 13.43 21.88 -22.65
N GLU B 118 14.65 21.42 -22.69
CA GLU B 118 15.82 22.32 -22.90
C GLU B 118 15.78 22.98 -24.25
N LEU B 119 15.40 22.27 -25.29
CA LEU B 119 15.27 22.89 -26.60
C LEU B 119 14.21 23.91 -26.65
N LEU B 120 13.08 23.65 -25.97
CA LEU B 120 11.97 24.61 -25.99
C LEU B 120 12.16 25.75 -25.04
N GLY B 121 13.04 25.59 -24.10
CA GLY B 121 13.13 26.53 -23.00
C GLY B 121 11.99 26.46 -21.97
N CYS B 122 11.26 25.34 -21.85
CA CYS B 122 10.11 25.27 -20.98
C CYS B 122 10.50 24.42 -19.75
N GLU B 123 9.70 24.51 -18.71
CA GLU B 123 9.90 23.70 -17.51
C GLU B 123 9.36 22.31 -17.74
N PRO B 124 10.08 21.29 -17.29
CA PRO B 124 9.53 19.98 -17.29
C PRO B 124 8.55 19.78 -16.10
N TYR B 125 7.51 19.01 -16.34
CA TYR B 125 6.55 18.62 -15.31
C TYR B 125 6.30 17.16 -15.48
N ILE B 126 6.85 16.34 -14.57
CA ILE B 126 6.76 14.91 -14.69
C ILE B 126 5.74 14.33 -13.69
N SER B 127 4.89 13.39 -14.14
CA SER B 127 4.01 12.60 -13.28
C SER B 127 4.56 11.22 -13.04
N GLY B 128 4.93 10.95 -11.80
CA GLY B 128 5.32 9.64 -11.34
C GLY B 128 4.12 8.69 -11.12
N ASN B 129 4.43 7.40 -11.03
CA ASN B 129 3.45 6.32 -10.96
C ASN B 129 3.17 5.90 -9.52
N VAL B 130 1.98 6.28 -9.02
CA VAL B 130 1.44 5.77 -7.76
C VAL B 130 0.61 4.49 -7.93
N GLY B 131 -0.27 4.49 -8.91
CA GLY B 131 -1.22 3.39 -9.07
C GLY B 131 -0.65 2.01 -9.20
N SER B 132 0.39 1.86 -10.01
CA SER B 132 1.04 0.54 -10.22
C SER B 132 2.52 0.58 -9.97
N GLY B 133 3.03 1.69 -9.39
CA GLY B 133 4.45 1.83 -9.15
C GLY B 133 4.76 1.64 -7.67
N THR B 134 6.03 1.75 -7.32
CA THR B 134 6.45 1.60 -5.94
C THR B 134 7.11 2.88 -5.50
N VAL B 135 7.22 3.00 -4.17
CA VAL B 135 7.79 4.16 -3.57
C VAL B 135 9.25 4.30 -4.00
N GLN B 136 9.99 3.20 -3.91
CA GLN B 136 11.38 3.23 -4.34
C GLN B 136 11.56 3.64 -5.78
N GLU B 137 10.75 3.07 -6.69
CA GLU B 137 10.81 3.44 -8.07
C GLU B 137 10.67 4.93 -8.30
N MET B 138 9.72 5.60 -7.66
CA MET B 138 9.51 7.02 -7.90
C MET B 138 10.69 7.83 -7.30
N SER B 139 11.15 7.39 -6.13
CA SER B 139 12.25 8.06 -5.48
C SER B 139 13.55 7.99 -6.33
N GLU B 140 13.77 6.83 -6.91
CA GLU B 140 14.91 6.63 -7.79
C GLU B 140 14.80 7.43 -9.07
N TRP B 141 13.59 7.68 -9.53
CA TRP B 141 13.46 8.53 -10.72
C TRP B 141 13.97 9.93 -10.45
N VAL B 142 13.55 10.49 -9.34
CA VAL B 142 14.04 11.83 -8.96
C VAL B 142 15.58 11.84 -8.81
N GLU B 143 16.11 10.79 -8.18
CA GLU B 143 17.52 10.69 -7.95
C GLU B 143 18.29 10.60 -9.28
N TYR B 144 17.84 9.71 -10.17
CA TYR B 144 18.37 9.61 -11.52
C TYR B 144 18.47 10.94 -12.22
N ILE B 145 17.40 11.72 -12.14
CA ILE B 145 17.35 12.97 -12.87
C ILE B 145 18.23 14.06 -12.20
N THR B 146 18.24 14.11 -10.87
CA THR B 146 18.74 15.30 -10.18
C THR B 146 19.98 15.14 -9.35
N PHE B 147 20.43 13.92 -9.03
CA PHE B 147 21.55 13.79 -8.09
C PHE B 147 22.90 14.00 -8.81
N ASP B 148 23.78 14.72 -8.18
CA ASP B 148 25.10 15.08 -8.76
C ASP B 148 26.24 14.31 -8.13
N GLY B 149 25.97 13.39 -7.24
CA GLY B 149 27.02 12.58 -6.64
C GLY B 149 27.18 11.26 -7.30
N GLU B 150 27.66 10.28 -6.58
CA GLU B 150 27.86 8.96 -7.04
C GLU B 150 26.77 8.07 -6.42
N SER B 151 26.06 7.32 -7.25
CA SER B 151 25.13 6.30 -6.82
C SER B 151 24.77 5.48 -8.00
N PRO B 152 24.14 4.34 -7.80
CA PRO B 152 23.73 3.57 -8.99
C PRO B 152 22.85 4.33 -9.95
N MET B 153 21.86 5.12 -9.47
CA MET B 153 21.04 5.89 -10.36
C MET B 153 21.80 6.99 -11.09
N ALA B 154 22.55 7.80 -10.38
CA ALA B 154 23.24 8.92 -11.02
C ALA B 154 24.33 8.39 -11.97
N ASN B 155 24.99 7.31 -11.58
CA ASN B 155 25.98 6.70 -12.48
C ASN B 155 25.29 6.16 -13.73
N TRP B 156 24.07 5.65 -13.60
CA TRP B 156 23.37 5.15 -14.79
C TRP B 156 23.04 6.29 -15.74
N ARG B 157 22.58 7.41 -15.17
CA ARG B 157 22.29 8.57 -15.95
C ARG B 157 23.55 8.96 -16.78
N ARG B 158 24.71 8.94 -16.15
CA ARG B 158 25.97 9.38 -16.80
C ARG B 158 26.32 8.38 -17.91
N GLU B 159 26.17 7.08 -17.66
CA GLU B 159 26.38 6.12 -18.71
C GLU B 159 25.45 6.34 -19.87
N ASN B 160 24.23 6.82 -19.62
CA ASN B 160 23.25 7.00 -20.65
C ASN B 160 23.42 8.33 -21.33
N GLY B 161 24.43 9.10 -20.96
CA GLY B 161 24.82 10.27 -21.75
C GLY B 161 24.55 11.63 -21.18
N ARG B 162 24.13 11.74 -19.94
CA ARG B 162 23.94 13.04 -19.34
C ARG B 162 24.79 13.09 -18.07
N GLU B 163 25.85 13.87 -18.15
CA GLU B 163 26.85 13.86 -17.09
C GLU B 163 26.38 14.61 -15.82
N LYS B 164 26.01 15.85 -16.01
CA LYS B 164 25.49 16.67 -14.96
C LYS B 164 24.00 16.36 -14.77
N PRO B 165 23.49 16.54 -13.57
CA PRO B 165 22.05 16.31 -13.36
C PRO B 165 21.26 17.38 -14.08
N TRP B 166 19.99 17.14 -14.30
CA TRP B 166 19.03 18.17 -14.70
C TRP B 166 18.40 18.77 -13.46
N ARG B 167 17.75 19.90 -13.63
CA ARG B 167 16.84 20.48 -12.64
C ARG B 167 15.41 20.15 -13.01
N ILE B 168 14.56 19.92 -12.03
CA ILE B 168 13.12 19.86 -12.23
C ILE B 168 12.39 20.34 -10.98
N LYS B 169 11.42 21.18 -11.16
CA LYS B 169 10.50 21.62 -10.11
C LYS B 169 9.25 20.76 -10.05
N TYR B 170 8.47 20.78 -11.12
CA TYR B 170 7.11 20.27 -11.03
C TYR B 170 7.08 18.74 -11.08
N TRP B 171 6.59 18.12 -10.01
CA TRP B 171 6.57 16.67 -9.88
C TRP B 171 5.19 16.20 -9.37
N GLY B 172 4.45 15.52 -10.23
CA GLY B 172 3.12 15.00 -9.91
C GLY B 172 3.25 13.65 -9.23
N VAL B 173 2.63 13.49 -8.07
CA VAL B 173 2.71 12.26 -7.33
C VAL B 173 1.46 11.46 -7.62
N GLY B 174 1.50 10.81 -8.78
CA GLY B 174 0.35 10.13 -9.33
C GLY B 174 -0.57 11.05 -10.10
N ASN B 175 -1.33 10.46 -11.00
CA ASN B 175 -2.30 11.12 -11.81
C ASN B 175 -3.61 10.28 -11.89
N GLU B 176 -4.71 10.99 -11.98
CA GLU B 176 -6.03 10.40 -12.14
CA GLU B 176 -6.03 10.41 -12.14
C GLU B 176 -6.30 9.24 -11.22
N ASN B 177 -5.90 9.39 -9.96
CA ASN B 177 -5.94 8.27 -9.05
C ASN B 177 -7.33 7.84 -8.63
N TRP B 178 -8.34 8.72 -8.83
CA TRP B 178 -9.74 8.38 -8.63
C TRP B 178 -10.25 7.49 -9.78
N GLY B 179 -9.51 7.32 -10.86
CA GLY B 179 -10.04 6.61 -12.04
C GLY B 179 -8.95 5.63 -12.54
N CYS B 180 -8.38 5.89 -13.69
CA CYS B 180 -7.42 4.96 -14.32
CA CYS B 180 -7.38 5.03 -14.32
C CYS B 180 -6.15 4.77 -13.50
N GLY B 181 -5.83 5.68 -12.56
CA GLY B 181 -4.71 5.49 -11.67
C GLY B 181 -4.95 4.76 -10.34
N GLY B 182 -5.97 3.89 -10.32
CA GLY B 182 -6.23 2.98 -9.22
C GLY B 182 -7.62 2.99 -8.59
N ASN B 183 -8.56 3.74 -9.17
CA ASN B 183 -9.91 3.83 -8.68
C ASN B 183 -9.96 4.05 -7.15
N MET B 184 -9.17 5.01 -6.69
CA MET B 184 -8.95 5.23 -5.28
C MET B 184 -9.96 6.17 -4.69
N ARG B 185 -10.40 5.85 -3.47
CA ARG B 185 -11.08 6.83 -2.65
C ARG B 185 -10.06 7.96 -2.30
N ALA B 186 -10.54 9.15 -2.13
CA ALA B 186 -9.67 10.28 -1.73
C ALA B 186 -8.91 9.99 -0.47
N GLU B 187 -9.54 9.39 0.50
CA GLU B 187 -8.90 9.09 1.80
C GLU B 187 -7.69 8.14 1.64
N TYR B 188 -7.83 7.18 0.73
CA TYR B 188 -6.78 6.22 0.50
C TYR B 188 -5.64 6.88 -0.34
N TYR B 189 -5.98 7.58 -1.44
CA TYR B 189 -4.98 8.31 -2.17
C TYR B 189 -4.19 9.27 -1.28
N ALA B 190 -4.86 9.98 -0.40
CA ALA B 190 -4.15 10.92 0.45
C ALA B 190 -3.07 10.26 1.30
N ASP B 191 -3.37 9.06 1.79
CA ASP B 191 -2.36 8.29 2.53
C ASP B 191 -1.15 7.90 1.61
N LEU B 192 -1.45 7.41 0.42
CA LEU B 192 -0.39 7.03 -0.54
CA LEU B 192 -0.39 7.02 -0.53
C LEU B 192 0.44 8.25 -0.90
N TYR B 193 -0.24 9.38 -1.16
CA TYR B 193 0.39 10.60 -1.47
C TYR B 193 1.41 10.96 -0.39
N ARG B 194 0.95 11.00 0.85
CA ARG B 194 1.84 11.34 1.97
C ARG B 194 3.08 10.45 2.06
N GLN B 195 2.89 9.17 1.79
CA GLN B 195 3.97 8.16 1.84
C GLN B 195 4.97 8.37 0.67
N PHE B 196 4.47 8.37 -0.55
CA PHE B 196 5.30 8.55 -1.72
C PHE B 196 6.11 9.86 -1.67
N GLN B 197 5.47 10.96 -1.35
CA GLN B 197 6.14 12.24 -1.41
C GLN B 197 7.28 12.34 -0.43
N THR B 198 7.19 11.57 0.63
CA THR B 198 8.19 11.59 1.68
C THR B 198 9.57 11.30 1.07
N TYR B 199 9.64 10.42 0.09
CA TYR B 199 10.91 9.90 -0.43
C TYR B 199 11.39 10.63 -1.68
N LEU B 200 10.73 11.70 -2.07
CA LEU B 200 11.15 12.52 -3.20
C LEU B 200 12.02 13.62 -2.65
N ARG B 201 13.32 13.51 -2.85
CA ARG B 201 14.28 14.43 -2.22
C ARG B 201 14.69 15.58 -3.14
N ASN B 202 15.15 16.64 -2.51
CA ASN B 202 15.82 17.78 -3.10
C ASN B 202 17.31 17.50 -3.15
N TYR B 203 17.86 17.11 -4.29
CA TYR B 203 19.30 16.87 -4.39
C TYR B 203 20.02 18.10 -4.94
N GLY B 204 21.20 18.35 -4.42
CA GLY B 204 22.07 19.46 -4.93
C GLY B 204 21.37 20.75 -4.72
N ASP B 205 21.17 21.54 -5.74
CA ASP B 205 20.36 22.72 -5.50
C ASP B 205 18.95 22.62 -6.10
N ASN B 206 18.54 21.41 -6.48
CA ASN B 206 17.21 21.25 -7.01
C ASN B 206 16.17 21.41 -5.90
N LYS B 207 15.04 22.03 -6.21
CA LYS B 207 13.88 22.13 -5.30
C LYS B 207 12.62 21.61 -5.99
N LEU B 208 12.08 20.52 -5.44
CA LEU B 208 10.83 19.97 -5.99
C LEU B 208 9.60 20.81 -5.59
N HIS B 209 8.62 20.88 -6.47
CA HIS B 209 7.29 21.44 -6.27
C HIS B 209 6.34 20.22 -6.47
N LYS B 210 5.98 19.61 -5.36
CA LYS B 210 5.16 18.41 -5.31
C LYS B 210 3.70 18.66 -5.48
N ILE B 211 3.08 17.95 -6.42
CA ILE B 211 1.71 18.20 -6.80
C ILE B 211 0.91 16.94 -6.53
N ALA B 212 -0.15 17.07 -5.72
CA ALA B 212 -1.05 15.97 -5.46
C ALA B 212 -2.13 15.96 -6.53
N CYS B 213 -2.61 14.76 -6.85
CA CYS B 213 -3.74 14.59 -7.74
C CYS B 213 -5.00 15.16 -7.10
N GLY B 214 -5.64 16.10 -7.79
CA GLY B 214 -6.89 16.69 -7.38
C GLY B 214 -8.08 16.10 -8.10
N ALA B 215 -9.17 16.83 -8.02
CA ALA B 215 -10.50 16.34 -8.37
C ALA B 215 -10.76 16.25 -9.88
N TRP B 216 -11.65 15.37 -10.22
CA TRP B 216 -12.35 15.35 -11.48
C TRP B 216 -13.63 16.24 -11.36
N THR B 217 -13.71 17.21 -12.26
CA THR B 217 -14.85 18.10 -12.42
CA THR B 217 -14.85 18.11 -12.43
C THR B 217 -15.35 18.60 -11.08
N ALA B 218 -16.56 18.22 -10.68
CA ALA B 218 -17.21 18.79 -9.47
C ALA B 218 -17.09 17.89 -8.25
N ASP B 219 -16.02 17.10 -8.15
CA ASP B 219 -15.84 16.24 -6.96
C ASP B 219 -15.20 17.07 -5.81
N TYR B 220 -16.04 17.86 -5.16
CA TYR B 220 -15.57 18.77 -4.12
C TYR B 220 -15.11 18.01 -2.90
N HIS B 221 -15.71 16.84 -2.64
CA HIS B 221 -15.29 15.99 -1.55
C HIS B 221 -13.79 15.63 -1.70
N TRP B 222 -13.37 15.36 -2.93
CA TRP B 222 -11.93 15.03 -3.16
C TRP B 222 -11.00 16.16 -2.71
N THR B 223 -11.35 17.39 -3.09
CA THR B 223 -10.55 18.54 -2.72
C THR B 223 -10.54 18.72 -1.20
N GLU B 224 -11.68 18.50 -0.55
CA GLU B 224 -11.75 18.66 0.85
C GLU B 224 -10.86 17.64 1.57
N VAL B 225 -10.96 16.40 1.20
CA VAL B 225 -10.12 15.37 1.81
C VAL B 225 -8.67 15.64 1.59
N LEU B 226 -8.26 15.94 0.38
CA LEU B 226 -6.83 16.16 0.14
C LEU B 226 -6.30 17.38 0.91
N MET B 227 -7.07 18.45 1.00
CA MET B 227 -6.63 19.61 1.74
C MET B 227 -6.58 19.33 3.26
N LYS B 228 -7.61 18.69 3.76
CA LYS B 228 -7.67 18.40 5.12
C LYS B 228 -6.61 17.37 5.56
N GLN B 229 -6.32 16.38 4.75
CA GLN B 229 -5.35 15.29 5.13
C GLN B 229 -3.97 15.52 4.65
N ALA B 230 -3.77 16.29 3.60
CA ALA B 230 -2.42 16.32 2.99
C ALA B 230 -1.85 17.68 2.69
N ALA B 231 -2.59 18.76 2.98
CA ALA B 231 -2.08 20.09 2.64
C ALA B 231 -0.68 20.38 3.08
N PRO B 232 -0.30 20.01 4.30
CA PRO B 232 1.07 20.33 4.72
C PRO B 232 2.17 19.64 3.90
N PHE B 233 1.81 18.66 3.08
CA PHE B 233 2.79 17.85 2.37
C PHE B 233 2.78 18.07 0.87
N MET B 234 2.10 19.11 0.41
CA MET B 234 2.04 19.44 -1.00
C MET B 234 2.34 20.91 -1.28
N HIS B 235 2.79 21.17 -2.50
CA HIS B 235 2.94 22.52 -3.02
C HIS B 235 1.81 22.92 -3.97
N GLY B 236 1.11 21.91 -4.48
CA GLY B 236 0.06 22.15 -5.47
C GLY B 236 -0.89 20.98 -5.49
N LEU B 237 -2.09 21.28 -5.94
CA LEU B 237 -3.20 20.37 -6.04
C LEU B 237 -3.83 20.56 -7.43
N SER B 238 -4.11 19.47 -8.13
CA SER B 238 -4.62 19.60 -9.50
C SER B 238 -6.15 19.63 -9.58
N LEU B 239 -6.65 19.85 -10.79
CA LEU B 239 -8.05 19.84 -11.08
C LEU B 239 -8.15 19.51 -12.59
N HIS B 240 -9.14 18.72 -12.95
CA HIS B 240 -9.34 18.20 -14.31
CA HIS B 240 -9.34 18.21 -14.32
C HIS B 240 -10.76 18.54 -14.77
N TYR B 241 -10.89 19.23 -15.89
CA TYR B 241 -12.24 19.52 -16.44
C TYR B 241 -12.19 19.69 -17.93
N TYR B 242 -12.85 18.76 -18.62
CA TYR B 242 -12.99 18.82 -20.09
C TYR B 242 -14.35 19.38 -20.51
N THR B 243 -14.36 20.13 -21.59
CA THR B 243 -15.58 20.66 -22.21
C THR B 243 -16.05 19.62 -23.26
N VAL B 244 -17.15 18.95 -22.95
CA VAL B 244 -17.72 17.85 -23.73
C VAL B 244 -19.16 18.26 -24.11
N PRO B 245 -19.40 18.60 -25.40
CA PRO B 245 -20.70 19.16 -25.80
C PRO B 245 -21.86 18.19 -25.55
N GLY B 246 -21.78 16.99 -26.04
CA GLY B 246 -22.84 16.03 -25.87
C GLY B 246 -22.55 15.04 -24.77
N PRO B 247 -23.37 14.00 -24.68
CA PRO B 247 -23.14 12.94 -23.70
C PRO B 247 -21.88 12.18 -24.01
N TRP B 248 -21.36 11.47 -23.00
CA TRP B 248 -20.12 10.74 -23.08
C TRP B 248 -20.07 9.86 -24.29
N GLU B 249 -21.15 9.17 -24.56
CA GLU B 249 -21.14 8.16 -25.60
C GLU B 249 -21.34 8.78 -27.00
N LYS B 250 -21.73 10.06 -27.11
CA LYS B 250 -21.86 10.71 -28.41
C LYS B 250 -21.59 12.19 -28.21
N LYS B 251 -20.31 12.49 -28.16
CA LYS B 251 -19.85 13.82 -27.66
C LYS B 251 -20.14 14.93 -28.65
N GLY B 252 -20.26 14.54 -29.94
CA GLY B 252 -20.42 15.50 -31.01
C GLY B 252 -19.11 15.75 -31.77
N PRO B 253 -19.21 16.28 -33.00
CA PRO B 253 -18.04 16.41 -33.85
C PRO B 253 -17.31 17.74 -33.67
N ALA B 254 -16.04 17.77 -34.09
CA ALA B 254 -15.23 19.00 -34.04
C ALA B 254 -15.64 20.01 -35.12
N THR B 255 -16.18 19.49 -36.21
CA THR B 255 -16.67 20.32 -37.34
C THR B 255 -17.98 19.77 -37.84
N GLY B 256 -18.70 20.59 -38.57
CA GLY B 256 -20.04 20.20 -39.06
C GLY B 256 -21.08 20.12 -37.95
N PHE B 257 -20.87 20.84 -36.85
CA PHE B 257 -21.75 20.81 -35.72
C PHE B 257 -22.86 21.86 -35.92
N THR B 258 -23.94 21.74 -35.14
CA THR B 258 -25.07 22.70 -35.23
C THR B 258 -24.84 23.93 -34.39
N THR B 259 -25.67 24.93 -34.56
CA THR B 259 -25.57 26.16 -33.79
C THR B 259 -25.89 25.90 -32.30
N ASP B 260 -26.79 25.01 -32.00
CA ASP B 260 -27.01 24.59 -30.65
C ASP B 260 -25.74 24.02 -30.01
N GLU B 261 -25.00 23.21 -30.76
CA GLU B 261 -23.71 22.73 -30.29
C GLU B 261 -22.70 23.85 -30.05
N TRP B 262 -22.77 24.94 -30.81
CA TRP B 262 -21.92 26.10 -30.52
C TRP B 262 -22.22 26.63 -29.11
N TRP B 263 -23.50 26.87 -28.84
CA TRP B 263 -23.87 27.50 -27.58
C TRP B 263 -23.57 26.57 -26.38
N VAL B 264 -23.89 25.30 -26.52
CA VAL B 264 -23.63 24.32 -25.46
C VAL B 264 -22.15 24.22 -25.13
N THR B 265 -21.34 24.18 -26.18
CA THR B 265 -19.92 24.07 -26.01
C THR B 265 -19.41 25.24 -25.22
N LEU B 266 -19.81 26.44 -25.57
CA LEU B 266 -19.27 27.61 -24.88
C LEU B 266 -19.79 27.70 -23.43
N LYS B 267 -21.03 27.31 -23.24
CA LYS B 267 -21.64 27.30 -21.93
C LYS B 267 -20.91 26.29 -21.00
N LYS B 268 -20.59 25.12 -21.53
CA LYS B 268 -19.81 24.15 -20.79
C LYS B 268 -18.43 24.59 -20.51
N ALA B 269 -17.80 25.30 -21.44
CA ALA B 269 -16.49 25.82 -21.18
C ALA B 269 -16.47 26.76 -20.01
N LEU B 270 -17.45 27.67 -19.97
CA LEU B 270 -17.53 28.67 -18.95
C LEU B 270 -17.81 28.12 -17.55
N PHE B 271 -18.34 26.92 -17.46
CA PHE B 271 -18.45 26.21 -16.21
C PHE B 271 -17.15 26.10 -15.42
N MET B 272 -16.01 26.19 -16.11
CA MET B 272 -14.74 26.25 -15.47
C MET B 272 -14.71 27.30 -14.36
N ASP B 273 -15.39 28.41 -14.57
CA ASP B 273 -15.32 29.47 -13.58
C ASP B 273 -15.97 29.06 -12.23
N GLU B 274 -17.11 28.40 -12.34
CA GLU B 274 -17.79 27.91 -11.18
C GLU B 274 -16.93 26.82 -10.47
N LEU B 275 -16.35 25.90 -11.26
CA LEU B 275 -15.50 24.86 -10.67
C LEU B 275 -14.33 25.43 -9.94
N VAL B 276 -13.59 26.34 -10.58
CA VAL B 276 -12.46 26.93 -10.00
C VAL B 276 -12.82 27.71 -8.74
N THR B 277 -13.91 28.46 -8.81
CA THR B 277 -14.39 29.21 -7.66
C THR B 277 -14.68 28.30 -6.48
N LYS B 278 -15.42 27.23 -6.71
CA LYS B 278 -15.86 26.35 -5.62
CA LYS B 278 -15.86 26.35 -5.62
C LYS B 278 -14.75 25.48 -5.05
N HIS B 279 -13.88 24.95 -5.91
CA HIS B 279 -12.72 24.23 -5.43
C HIS B 279 -11.78 25.17 -4.65
N SER B 280 -11.59 26.38 -5.14
CA SER B 280 -10.73 27.35 -4.45
C SER B 280 -11.31 27.75 -3.11
N ALA B 281 -12.64 27.82 -3.03
CA ALA B 281 -13.27 28.14 -1.73
C ALA B 281 -12.96 27.09 -0.66
N ILE B 282 -12.97 25.83 -1.07
CA ILE B 282 -12.57 24.74 -0.17
C ILE B 282 -11.13 24.85 0.21
N MET B 283 -10.25 25.12 -0.78
CA MET B 283 -8.85 25.34 -0.47
C MET B 283 -8.64 26.49 0.54
N ASP B 284 -9.42 27.54 0.40
CA ASP B 284 -9.32 28.69 1.33
C ASP B 284 -9.57 28.36 2.81
N VAL B 285 -10.45 27.39 3.06
CA VAL B 285 -10.79 27.02 4.38
C VAL B 285 -9.58 26.38 5.03
N TYR B 286 -8.88 25.55 4.31
CA TYR B 286 -7.71 24.85 4.89
C TYR B 286 -6.40 25.59 4.62
N ASP B 287 -6.33 26.54 3.71
CA ASP B 287 -5.05 27.21 3.35
C ASP B 287 -5.42 28.66 3.05
N PRO B 288 -5.80 29.42 4.13
CA PRO B 288 -6.29 30.79 3.89
C PRO B 288 -5.23 31.70 3.31
N ASP B 289 -3.97 31.43 3.50
CA ASP B 289 -2.92 32.24 2.86
C ASP B 289 -2.65 31.91 1.42
N LYS B 290 -3.30 30.88 0.86
CA LYS B 290 -3.11 30.52 -0.54
C LYS B 290 -1.72 30.07 -0.84
N ARG B 291 -1.09 29.35 0.07
CA ARG B 291 0.19 28.82 -0.20
C ARG B 291 0.16 27.82 -1.39
N ILE B 292 -0.81 26.94 -1.37
CA ILE B 292 -0.88 25.81 -2.28
C ILE B 292 -1.46 26.27 -3.61
N ASP B 293 -0.75 25.95 -4.69
CA ASP B 293 -1.20 26.28 -6.04
C ASP B 293 -2.37 25.39 -6.42
N LEU B 294 -3.34 25.95 -7.12
CA LEU B 294 -4.30 25.15 -7.85
C LEU B 294 -3.79 25.02 -9.31
N ILE B 295 -3.75 23.78 -9.79
CA ILE B 295 -3.12 23.41 -11.03
C ILE B 295 -4.15 22.75 -11.92
N VAL B 296 -4.64 23.47 -12.94
CA VAL B 296 -5.70 22.90 -13.76
C VAL B 296 -5.04 22.14 -14.90
N ASP B 297 -4.53 20.94 -14.62
CA ASP B 297 -3.58 20.35 -15.55
C ASP B 297 -4.27 19.44 -16.61
N GLU B 298 -5.59 19.37 -16.64
CA GLU B 298 -6.31 18.92 -17.84
C GLU B 298 -7.49 19.76 -18.09
N TRP B 299 -7.51 20.42 -19.24
CA TRP B 299 -8.68 21.11 -19.70
C TRP B 299 -8.68 21.14 -21.24
N GLY B 300 -9.80 21.59 -21.79
CA GLY B 300 -10.00 21.72 -23.22
C GLY B 300 -11.16 20.91 -23.70
N THR B 301 -11.42 20.98 -25.02
CA THR B 301 -12.55 20.30 -25.61
C THR B 301 -12.23 18.85 -25.89
N TRP B 302 -13.27 18.04 -25.81
CA TRP B 302 -13.19 16.63 -26.10
C TRP B 302 -14.41 16.25 -26.93
N TYR B 303 -14.14 15.92 -28.19
CA TYR B 303 -15.17 15.58 -29.19
C TYR B 303 -15.02 14.14 -29.55
N ASP B 304 -16.00 13.61 -30.31
CA ASP B 304 -15.81 12.34 -31.02
C ASP B 304 -14.58 12.46 -31.91
N VAL B 305 -13.81 11.39 -32.06
CA VAL B 305 -12.68 11.50 -33.00
C VAL B 305 -13.19 11.71 -34.46
N GLU B 306 -12.31 12.21 -35.31
CA GLU B 306 -12.63 12.37 -36.71
C GLU B 306 -13.09 11.03 -37.26
N PRO B 307 -14.16 11.07 -38.06
CA PRO B 307 -14.80 9.78 -38.40
C PRO B 307 -13.86 8.79 -39.08
N GLY B 308 -13.91 7.55 -38.66
CA GLY B 308 -13.04 6.56 -39.23
C GLY B 308 -11.68 6.46 -38.60
N THR B 309 -11.27 7.38 -37.73
CA THR B 309 -9.98 7.27 -37.07
C THR B 309 -10.09 6.46 -35.78
N ASN B 310 -8.95 6.00 -35.31
CA ASN B 310 -8.93 5.14 -34.13
C ASN B 310 -9.41 5.89 -32.88
N PRO B 311 -10.49 5.43 -32.23
CA PRO B 311 -11.02 6.18 -31.09
C PRO B 311 -10.03 6.28 -29.93
N GLY B 312 -9.13 5.30 -29.81
CA GLY B 312 -8.08 5.33 -28.80
C GLY B 312 -7.00 6.36 -29.08
N PHE B 313 -6.97 6.99 -30.25
CA PHE B 313 -5.93 7.97 -30.59
C PHE B 313 -6.37 9.37 -30.39
N LEU B 314 -7.67 9.56 -30.13
CA LEU B 314 -8.22 10.87 -29.74
C LEU B 314 -7.92 12.02 -30.71
N TYR B 315 -7.84 11.70 -32.01
CA TYR B 315 -7.58 12.76 -32.98
C TYR B 315 -8.88 13.50 -33.33
N GLN B 316 -8.85 14.81 -33.15
CA GLN B 316 -9.97 15.65 -33.49
C GLN B 316 -9.46 16.95 -34.14
N GLN B 317 -10.32 17.50 -35.00
CA GLN B 317 -10.10 18.79 -35.60
C GLN B 317 -10.30 19.93 -34.57
N ASN B 318 -10.05 21.15 -35.02
CA ASN B 318 -9.84 22.29 -34.18
C ASN B 318 -10.32 23.53 -34.97
N SER B 319 -11.40 24.16 -34.53
CA SER B 319 -12.06 25.27 -35.21
C SER B 319 -12.03 26.54 -34.42
N ILE B 320 -12.59 27.59 -35.01
CA ILE B 320 -12.77 28.86 -34.32
C ILE B 320 -13.60 28.67 -32.99
N ARG B 321 -14.47 27.66 -32.92
CA ARG B 321 -15.15 27.34 -31.69
C ARG B 321 -14.12 26.98 -30.56
N ASP B 322 -13.10 26.22 -30.93
CA ASP B 322 -12.02 25.84 -30.02
C ASP B 322 -11.18 27.03 -29.63
N ALA B 323 -11.02 27.97 -30.55
CA ALA B 323 -10.30 29.20 -30.21
C ALA B 323 -11.03 29.98 -29.14
N LEU B 324 -12.35 30.06 -29.27
CA LEU B 324 -13.15 30.78 -28.28
C LEU B 324 -13.13 30.07 -26.89
N VAL B 325 -13.24 28.74 -26.89
CA VAL B 325 -13.07 27.99 -25.67
C VAL B 325 -11.73 28.29 -24.99
N ALA B 326 -10.66 28.28 -25.76
CA ALA B 326 -9.34 28.55 -25.21
C ALA B 326 -9.24 29.98 -24.69
N GLY B 327 -9.70 30.94 -25.47
CA GLY B 327 -9.60 32.30 -25.04
C GLY B 327 -10.43 32.62 -23.78
N ALA B 328 -11.66 32.13 -23.75
CA ALA B 328 -12.55 32.36 -22.59
C ALA B 328 -12.02 31.61 -21.34
N THR B 329 -11.42 30.43 -21.55
CA THR B 329 -10.92 29.64 -20.43
C THR B 329 -9.70 30.30 -19.86
N LEU B 330 -8.80 30.76 -20.72
CA LEU B 330 -7.61 31.47 -20.24
C LEU B 330 -8.00 32.73 -19.45
N HIS B 331 -9.00 33.43 -19.92
CA HIS B 331 -9.49 34.58 -19.18
C HIS B 331 -9.98 34.20 -17.75
N ILE B 332 -10.70 33.08 -17.64
CA ILE B 332 -11.14 32.59 -16.35
C ILE B 332 -9.95 32.30 -15.43
N PHE B 333 -8.88 31.71 -15.99
CA PHE B 333 -7.71 31.45 -15.17
C PHE B 333 -7.07 32.80 -14.73
N HIS B 334 -7.07 33.81 -15.60
CA HIS B 334 -6.54 35.14 -15.21
C HIS B 334 -7.30 35.68 -13.98
N ARG B 335 -8.62 35.58 -14.01
CA ARG B 335 -9.45 36.07 -12.92
C ARG B 335 -9.19 35.34 -11.62
N HIS B 336 -8.60 34.15 -11.68
CA HIS B 336 -8.30 33.36 -10.52
C HIS B 336 -6.82 33.20 -10.29
N CYS B 337 -6.04 34.17 -10.75
CA CYS B 337 -4.59 34.04 -10.71
C CYS B 337 -4.00 34.24 -9.31
N ASP B 338 -4.82 34.59 -8.34
CA ASP B 338 -4.41 34.54 -6.91
C ASP B 338 -4.21 33.11 -6.41
N ARG B 339 -4.84 32.12 -7.06
CA ARG B 339 -4.73 30.72 -6.64
C ARG B 339 -4.33 29.79 -7.77
N VAL B 340 -4.90 29.96 -8.97
CA VAL B 340 -4.48 29.17 -10.12
C VAL B 340 -3.13 29.66 -10.64
N ARG B 341 -2.11 28.80 -10.61
CA ARG B 341 -0.81 29.17 -11.02
C ARG B 341 -0.19 28.30 -12.13
N MET B 342 -0.96 27.32 -12.58
CA MET B 342 -0.61 26.56 -13.75
CA MET B 342 -0.60 26.55 -13.75
C MET B 342 -1.83 25.94 -14.34
N ALA B 343 -1.82 25.81 -15.66
CA ALA B 343 -2.85 25.06 -16.39
C ALA B 343 -2.22 24.42 -17.61
N ASN B 344 -2.80 23.31 -18.09
CA ASN B 344 -2.21 22.49 -19.13
C ASN B 344 -3.33 21.98 -20.02
N ILE B 345 -3.43 22.55 -21.20
CA ILE B 345 -4.45 22.14 -22.15
C ILE B 345 -4.12 20.79 -22.69
N ALA B 346 -5.13 19.95 -22.83
CA ALA B 346 -4.95 18.60 -23.35
C ALA B 346 -5.24 18.59 -24.89
N GLN B 347 -4.37 18.09 -25.75
CA GLN B 347 -2.99 17.79 -25.53
C GLN B 347 -2.22 18.50 -26.65
N LEU B 348 -0.92 18.39 -26.61
CA LEU B 348 -0.06 19.27 -27.43
C LEU B 348 -0.19 19.06 -28.97
N VAL B 349 -0.12 17.81 -29.41
CA VAL B 349 -0.06 17.52 -30.84
C VAL B 349 -0.94 16.31 -31.16
N ASN B 350 -1.78 16.45 -32.17
CA ASN B 350 -2.57 15.36 -32.72
C ASN B 350 -3.53 14.67 -31.77
N VAL B 351 -3.77 15.26 -30.58
CA VAL B 351 -4.61 14.67 -29.58
C VAL B 351 -5.44 15.72 -28.90
N MET B 352 -6.73 15.51 -28.90
CA MET B 352 -7.71 16.43 -28.26
C MET B 352 -7.52 17.86 -28.77
N GLN B 353 -7.51 18.87 -27.92
CA GLN B 353 -7.52 20.25 -28.36
C GLN B 353 -6.09 20.75 -28.59
N SER B 354 -5.47 20.23 -29.62
CA SER B 354 -4.05 20.43 -29.89
C SER B 354 -3.75 21.76 -30.52
N VAL B 355 -2.58 22.27 -30.22
CA VAL B 355 -2.09 23.44 -30.91
C VAL B 355 -1.53 23.09 -32.31
N ILE B 356 -1.06 21.86 -32.50
CA ILE B 356 -0.46 21.46 -33.77
C ILE B 356 -1.02 20.14 -34.21
N LEU B 357 -1.27 20.00 -35.53
CA LEU B 357 -1.56 18.71 -36.13
C LEU B 357 -0.47 18.41 -37.15
N THR B 358 -0.11 17.14 -37.28
CA THR B 358 0.94 16.74 -38.22
C THR B 358 0.35 15.65 -39.15
N GLU B 359 0.99 15.51 -40.31
CA GLU B 359 0.67 14.43 -41.27
C GLU B 359 1.97 14.12 -42.01
N GLY B 360 2.68 13.13 -41.52
CA GLY B 360 4.05 12.91 -41.95
C GLY B 360 4.89 14.14 -41.75
N GLU B 361 5.51 14.63 -42.81
CA GLU B 361 6.37 15.81 -42.71
C GLU B 361 5.61 17.11 -42.70
N ARG B 362 4.33 17.06 -42.98
CA ARG B 362 3.57 18.32 -42.93
C ARG B 362 3.05 18.62 -41.54
N MET B 363 2.86 19.88 -41.24
CA MET B 363 2.23 20.29 -40.00
C MET B 363 1.38 21.51 -40.19
N LEU B 364 0.38 21.69 -39.35
CA LEU B 364 -0.37 22.93 -39.36
C LEU B 364 -0.57 23.46 -37.93
N LEU B 365 -0.83 24.75 -37.85
CA LEU B 365 -1.17 25.43 -36.66
C LEU B 365 -2.69 25.56 -36.56
N THR B 366 -3.27 25.10 -35.45
CA THR B 366 -4.71 25.20 -35.26
C THR B 366 -5.14 26.59 -34.79
N PRO B 367 -6.44 26.87 -34.85
CA PRO B 367 -6.93 28.09 -34.18
C PRO B 367 -6.58 28.22 -32.70
N THR B 368 -6.49 27.07 -32.02
CA THR B 368 -6.01 27.06 -30.66
C THR B 368 -4.57 27.53 -30.51
N TYR B 369 -3.70 27.05 -31.37
CA TYR B 369 -2.34 27.60 -31.43
C TYR B 369 -2.35 29.13 -31.49
N HIS B 370 -3.17 29.66 -32.38
CA HIS B 370 -3.18 31.11 -32.56
C HIS B 370 -3.61 31.87 -31.32
N VAL B 371 -4.58 31.32 -30.57
CA VAL B 371 -4.93 31.96 -29.32
C VAL B 371 -3.74 31.93 -28.32
N PHE B 372 -3.06 30.79 -28.20
CA PHE B 372 -1.95 30.75 -27.26
C PHE B 372 -0.84 31.71 -27.65
N ASN B 373 -0.64 31.81 -28.97
CA ASN B 373 0.43 32.66 -29.51
C ASN B 373 0.05 34.14 -29.36
N MET B 374 -1.20 34.48 -29.63
CA MET B 374 -1.66 35.86 -29.38
C MET B 374 -1.68 36.23 -27.88
N PHE B 375 -2.07 35.28 -27.02
CA PHE B 375 -2.23 35.58 -25.57
C PHE B 375 -0.95 35.46 -24.81
N LYS B 376 0.16 35.09 -25.46
CA LYS B 376 1.40 34.95 -24.74
C LYS B 376 1.87 36.24 -24.07
N VAL B 377 1.38 37.38 -24.54
CA VAL B 377 1.65 38.67 -23.93
C VAL B 377 1.16 38.76 -22.47
N HIS B 378 0.20 37.88 -22.10
CA HIS B 378 -0.28 37.85 -20.73
C HIS B 378 0.64 37.04 -19.81
N GLN B 379 1.61 36.29 -20.34
CA GLN B 379 2.43 35.43 -19.50
C GLN B 379 3.27 36.28 -18.56
N ASP B 380 3.22 35.94 -17.28
CA ASP B 380 3.89 36.69 -16.21
C ASP B 380 3.52 38.18 -16.17
N ALA B 381 2.39 38.55 -16.75
CA ALA B 381 1.98 39.94 -16.69
C ALA B 381 1.22 40.23 -15.38
N GLU B 382 1.00 41.51 -15.13
CA GLU B 382 0.20 41.96 -14.01
C GLU B 382 -1.21 42.17 -14.39
N LEU B 383 -2.13 41.47 -13.72
CA LEU B 383 -3.53 41.60 -14.02
C LEU B 383 -4.01 42.97 -13.52
N LEU B 384 -4.75 43.66 -14.35
CA LEU B 384 -5.29 44.95 -13.97
C LEU B 384 -6.75 44.84 -13.60
N ASP B 385 -7.17 45.69 -12.70
CA ASP B 385 -8.54 45.78 -12.24
C ASP B 385 -9.43 46.29 -13.33
N THR B 386 -10.39 45.49 -13.75
CA THR B 386 -11.29 45.86 -14.83
CA THR B 386 -11.29 45.84 -14.85
C THR B 386 -12.69 45.65 -14.32
N TRP B 387 -13.61 46.49 -14.73
CA TRP B 387 -14.96 46.13 -14.49
C TRP B 387 -15.77 46.31 -15.71
N GLU B 388 -16.85 45.57 -15.80
CA GLU B 388 -17.53 45.36 -17.06
C GLU B 388 -18.99 45.23 -16.91
N SER B 389 -19.69 45.59 -17.95
CA SER B 389 -21.07 45.36 -18.02
C SER B 389 -21.31 44.99 -19.47
N VAL B 390 -21.61 43.74 -19.78
CA VAL B 390 -21.54 43.25 -21.15
C VAL B 390 -22.87 42.83 -21.62
N GLU B 391 -23.09 42.98 -22.93
CA GLU B 391 -24.27 42.43 -23.55
C GLU B 391 -24.33 40.95 -23.34
N ARG B 392 -25.53 40.40 -23.46
CA ARG B 392 -25.77 38.99 -23.47
C ARG B 392 -25.88 38.49 -24.88
N THR B 393 -25.74 37.18 -25.04
CA THR B 393 -25.91 36.53 -26.29
C THR B 393 -26.39 35.11 -26.06
N GLY B 394 -26.66 34.43 -27.14
CA GLY B 394 -27.12 33.06 -27.07
C GLY B 394 -28.62 32.98 -26.87
N PRO B 395 -29.19 31.80 -27.06
CA PRO B 395 -30.62 31.53 -27.09
C PRO B 395 -31.45 32.32 -26.06
N GLU B 396 -31.04 32.31 -24.81
CA GLU B 396 -31.83 32.93 -23.79
C GLU B 396 -31.03 34.02 -23.10
N GLY B 397 -30.08 34.64 -23.78
CA GLY B 397 -29.11 35.48 -23.11
C GLY B 397 -28.26 34.75 -22.06
N GLU B 398 -28.13 33.45 -22.16
CA GLU B 398 -27.37 32.66 -21.21
C GLU B 398 -25.87 32.94 -21.26
N LEU B 399 -25.30 33.54 -22.30
CA LEU B 399 -23.86 33.75 -22.38
C LEU B 399 -23.53 35.20 -22.36
N PRO B 400 -22.35 35.54 -21.85
CA PRO B 400 -21.88 36.90 -22.08
C PRO B 400 -21.42 37.00 -23.53
N LYS B 401 -21.74 38.11 -24.17
CA LYS B 401 -21.35 38.31 -25.54
C LYS B 401 -19.84 38.45 -25.66
N VAL B 402 -19.24 39.06 -24.66
CA VAL B 402 -17.87 39.38 -24.71
C VAL B 402 -17.19 38.94 -23.40
N SER B 403 -15.97 38.40 -23.53
CA SER B 403 -15.06 38.20 -22.40
C SER B 403 -13.85 39.06 -22.60
N VAL B 404 -13.43 39.75 -21.55
CA VAL B 404 -12.35 40.72 -21.65
CA VAL B 404 -12.34 40.72 -21.64
C VAL B 404 -11.36 40.55 -20.48
N SER B 405 -10.07 40.73 -20.75
CA SER B 405 -9.09 40.72 -19.71
C SER B 405 -8.00 41.72 -20.06
N ALA B 406 -7.42 42.37 -19.02
CA ALA B 406 -6.34 43.33 -19.23
C ALA B 406 -5.21 43.12 -18.32
N SER B 407 -4.00 43.22 -18.87
CA SER B 407 -2.78 43.07 -18.11
C SER B 407 -1.72 44.07 -18.55
N ARG B 408 -0.75 44.28 -17.69
CA ARG B 408 0.39 45.11 -17.91
C ARG B 408 1.65 44.29 -17.99
N ALA B 409 2.34 44.39 -19.10
CA ALA B 409 3.59 43.65 -19.30
C ALA B 409 4.76 44.37 -18.61
N ALA B 410 5.89 43.69 -18.52
CA ALA B 410 7.04 44.22 -17.83
C ALA B 410 7.61 45.51 -18.49
N ASP B 411 7.41 45.73 -19.78
CA ASP B 411 7.86 46.99 -20.38
C ASP B 411 6.82 48.09 -20.25
N GLY B 412 5.75 47.88 -19.48
CA GLY B 412 4.75 48.90 -19.29
C GLY B 412 3.64 48.94 -20.32
N LYS B 413 3.71 48.19 -21.41
CA LYS B 413 2.57 48.12 -22.28
C LYS B 413 1.38 47.40 -21.64
N ILE B 414 0.19 47.74 -22.10
CA ILE B 414 -1.02 47.14 -21.64
C ILE B 414 -1.59 46.31 -22.78
N HIS B 415 -2.01 45.08 -22.45
CA HIS B 415 -2.69 44.23 -23.39
C HIS B 415 -4.07 43.94 -22.93
N ILE B 416 -5.02 44.10 -23.85
CA ILE B 416 -6.39 43.87 -23.58
C ILE B 416 -6.84 42.83 -24.56
N SER B 417 -7.31 41.68 -24.06
CA SER B 417 -7.82 40.64 -24.95
C SER B 417 -9.31 40.54 -24.82
N LEU B 418 -9.99 40.26 -25.94
CA LEU B 418 -11.45 40.25 -26.04
C LEU B 418 -11.94 39.13 -26.93
N CYS B 419 -12.93 38.39 -26.45
CA CYS B 419 -13.52 37.30 -27.18
C CYS B 419 -14.94 37.71 -27.46
N ASN B 420 -15.40 37.53 -28.71
CA ASN B 420 -16.79 37.70 -29.01
C ASN B 420 -17.34 36.34 -29.21
N LEU B 421 -18.25 35.94 -28.33
CA LEU B 421 -18.82 34.60 -28.34
C LEU B 421 -19.96 34.37 -29.32
N ASP B 422 -20.47 35.46 -29.87
CA ASP B 422 -21.55 35.39 -30.85
C ASP B 422 -20.98 35.21 -32.26
N PHE B 423 -21.42 34.15 -32.90
CA PHE B 423 -21.00 33.87 -34.26
C PHE B 423 -21.78 34.67 -35.32
N GLU B 424 -22.86 35.30 -34.92
CA GLU B 424 -23.79 35.97 -35.82
C GLU B 424 -23.56 37.43 -36.04
N THR B 425 -23.11 38.17 -35.04
CA THR B 425 -22.90 39.58 -35.22
C THR B 425 -21.69 39.99 -34.46
N GLY B 426 -21.20 41.15 -34.83
CA GLY B 426 -20.05 41.75 -34.19
C GLY B 426 -20.47 42.29 -32.85
N ALA B 427 -19.51 42.73 -32.08
CA ALA B 427 -19.76 43.19 -30.76
C ALA B 427 -19.12 44.52 -30.58
N SER B 428 -19.89 45.52 -30.15
CA SER B 428 -19.33 46.83 -29.86
CA SER B 428 -19.33 46.83 -29.87
C SER B 428 -18.92 46.85 -28.44
N VAL B 429 -17.77 47.42 -28.20
CA VAL B 429 -17.22 47.50 -26.89
C VAL B 429 -16.65 48.86 -26.69
N ASP B 430 -17.05 49.48 -25.58
CA ASP B 430 -16.49 50.74 -25.14
C ASP B 430 -15.62 50.55 -23.93
N ILE B 431 -14.36 50.91 -24.04
CA ILE B 431 -13.42 50.72 -22.95
C ILE B 431 -12.92 52.07 -22.47
N GLU B 432 -13.11 52.34 -21.19
CA GLU B 432 -12.58 53.52 -20.61
C GLU B 432 -11.33 53.17 -19.87
N LEU B 433 -10.26 53.92 -20.11
CA LEU B 433 -9.00 53.75 -19.45
C LEU B 433 -8.78 54.79 -18.41
N ARG B 434 -8.66 54.38 -17.16
CA ARG B 434 -8.40 55.25 -16.05
C ARG B 434 -7.06 54.99 -15.48
N GLY B 435 -6.61 55.97 -14.71
CA GLY B 435 -5.31 55.90 -14.07
C GLY B 435 -4.12 55.94 -15.01
N LEU B 436 -4.28 56.41 -16.25
CA LEU B 436 -3.10 56.62 -17.09
C LEU B 436 -2.42 57.97 -16.81
N ASN B 437 -1.16 58.08 -17.24
CA ASN B 437 -0.46 59.38 -17.26
C ASN B 437 -0.54 59.98 -18.65
N GLY B 438 0.16 59.38 -19.61
CA GLY B 438 0.26 59.96 -20.94
C GLY B 438 -1.00 59.86 -21.76
N GLY B 439 -0.80 60.09 -23.05
CA GLY B 439 -1.69 59.56 -24.05
C GLY B 439 -1.19 58.14 -24.26
N VAL B 440 -2.04 57.36 -24.92
CA VAL B 440 -1.64 56.04 -25.40
C VAL B 440 -1.99 55.92 -26.86
N SER B 441 -1.25 55.09 -27.56
CA SER B 441 -1.71 54.58 -28.83
C SER B 441 -1.86 53.07 -28.77
N ALA B 442 -2.54 52.52 -29.78
CA ALA B 442 -2.93 51.14 -29.77
C ALA B 442 -2.72 50.51 -31.12
N THR B 443 -2.27 49.26 -31.17
CA THR B 443 -2.49 48.39 -32.33
C THR B 443 -3.31 47.17 -31.92
N GLY B 444 -3.81 46.42 -32.90
CA GLY B 444 -4.51 45.22 -32.65
C GLY B 444 -4.32 44.10 -33.64
N THR B 445 -4.63 42.88 -33.18
CA THR B 445 -4.68 41.68 -34.02
CA THR B 445 -4.69 41.68 -34.03
C THR B 445 -5.97 40.93 -33.69
N THR B 446 -6.57 40.26 -34.68
CA THR B 446 -7.80 39.53 -34.45
C THR B 446 -7.75 38.19 -35.19
N LEU B 447 -8.41 37.21 -34.58
CA LEU B 447 -8.52 35.86 -35.08
C LEU B 447 -9.97 35.57 -35.26
N THR B 448 -10.38 35.27 -36.49
CA THR B 448 -11.80 35.10 -36.74
C THR B 448 -11.95 34.20 -37.94
N SER B 449 -13.18 33.92 -38.30
CA SER B 449 -13.54 33.03 -39.36
C SER B 449 -14.86 33.47 -39.98
N GLY B 450 -15.11 33.02 -41.21
CA GLY B 450 -16.39 33.24 -41.87
C GLY B 450 -17.33 32.09 -41.63
N ARG B 451 -16.84 31.00 -41.09
CA ARG B 451 -17.71 29.88 -40.79
C ARG B 451 -17.60 29.51 -39.31
N ILE B 452 -18.70 28.98 -38.77
CA ILE B 452 -18.80 28.65 -37.38
CA ILE B 452 -18.75 28.66 -37.34
C ILE B 452 -17.83 27.51 -37.00
N ASP B 453 -17.54 26.64 -37.96
CA ASP B 453 -16.57 25.56 -37.79
C ASP B 453 -15.32 25.77 -38.62
N GLY B 454 -14.96 27.04 -38.87
CA GLY B 454 -13.78 27.31 -39.66
C GLY B 454 -12.57 26.68 -39.01
N HIS B 455 -11.79 25.96 -39.79
CA HIS B 455 -10.62 25.27 -39.34
C HIS B 455 -9.54 25.18 -40.38
N ASN B 456 -8.34 24.81 -39.94
CA ASN B 456 -7.20 24.62 -40.79
C ASN B 456 -7.07 23.16 -41.15
N THR B 457 -6.78 22.87 -42.44
CA THR B 457 -6.56 21.50 -42.92
C THR B 457 -5.21 21.44 -43.60
N PHE B 458 -4.73 20.22 -43.87
CA PHE B 458 -3.45 20.11 -44.59
C PHE B 458 -3.52 20.72 -46.02
N ASP B 459 -4.64 20.58 -46.68
CA ASP B 459 -4.92 21.30 -47.95
C ASP B 459 -5.00 22.83 -47.78
N GLU B 460 -5.62 23.34 -46.72
CA GLU B 460 -5.73 24.78 -46.48
C GLU B 460 -5.29 25.10 -45.05
N PRO B 461 -4.00 25.19 -44.86
CA PRO B 461 -3.49 25.29 -43.47
C PRO B 461 -3.56 26.66 -42.89
N GLU B 462 -4.04 27.63 -43.66
CA GLU B 462 -4.08 29.03 -43.20
C GLU B 462 -5.38 29.72 -43.37
N ARG B 463 -6.47 28.96 -43.46
CA ARG B 463 -7.80 29.50 -43.48
C ARG B 463 -8.12 30.31 -42.27
N VAL B 464 -7.67 29.94 -41.07
CA VAL B 464 -7.97 30.69 -39.84
C VAL B 464 -6.66 31.05 -39.17
N LYS B 465 -6.33 32.34 -39.20
CA LYS B 465 -5.13 32.84 -38.63
C LYS B 465 -5.21 34.29 -38.32
N PRO B 466 -4.32 34.76 -37.45
CA PRO B 466 -4.48 36.13 -37.01
C PRO B 466 -4.25 37.13 -38.14
N ALA B 467 -4.90 38.27 -38.03
CA ALA B 467 -4.83 39.36 -39.01
C ALA B 467 -4.82 40.69 -38.27
N PRO B 468 -4.34 41.74 -38.92
CA PRO B 468 -4.36 43.05 -38.30
C PRO B 468 -5.76 43.49 -37.98
N PHE B 469 -5.95 44.19 -36.87
CA PHE B 469 -7.27 44.61 -36.46
C PHE B 469 -7.24 46.12 -36.37
N ARG B 470 -8.12 46.76 -37.12
CA ARG B 470 -8.09 48.22 -37.21
C ARG B 470 -9.43 48.87 -36.91
N ASP B 471 -10.46 48.09 -36.60
CA ASP B 471 -11.81 48.60 -36.44
C ASP B 471 -12.10 49.10 -35.00
N PHE B 472 -11.30 50.07 -34.55
CA PHE B 472 -11.49 50.73 -33.29
C PHE B 472 -10.99 52.18 -33.35
N LYS B 473 -11.41 53.04 -32.44
CA LYS B 473 -10.92 54.42 -32.34
C LYS B 473 -10.56 54.63 -30.93
N LEU B 474 -9.53 55.41 -30.70
CA LEU B 474 -9.11 55.73 -29.39
C LEU B 474 -9.11 57.25 -29.24
N GLU B 475 -10.20 57.83 -28.75
CA GLU B 475 -10.33 59.27 -28.52
C GLU B 475 -10.21 59.62 -27.05
N GLY B 476 -8.98 60.02 -26.71
CA GLY B 476 -8.63 60.48 -25.39
C GLY B 476 -8.30 59.22 -24.64
N GLY B 477 -9.21 58.85 -23.72
CA GLY B 477 -9.12 57.59 -22.97
C GLY B 477 -10.37 56.73 -23.02
N HIS B 478 -11.18 56.86 -24.08
CA HIS B 478 -12.14 55.83 -24.48
C HIS B 478 -11.58 55.16 -25.72
N LEU B 479 -11.67 53.83 -25.74
CA LEU B 479 -11.32 53.02 -26.87
C LEU B 479 -12.58 52.31 -27.23
N ASN B 480 -13.12 52.64 -28.38
CA ASN B 480 -14.33 52.00 -28.87
CA ASN B 480 -14.32 51.97 -28.86
C ASN B 480 -13.95 51.04 -29.96
N ALA B 481 -14.44 49.82 -29.90
CA ALA B 481 -14.01 48.76 -30.83
C ALA B 481 -15.19 48.02 -31.34
N SER B 482 -15.13 47.56 -32.60
CA SER B 482 -16.14 46.70 -33.18
CA SER B 482 -16.15 46.70 -33.18
C SER B 482 -15.51 45.36 -33.48
N LEU B 483 -15.81 44.39 -32.64
CA LEU B 483 -15.18 43.12 -32.75
C LEU B 483 -15.93 42.34 -33.81
N PRO B 484 -15.20 41.61 -34.65
CA PRO B 484 -15.91 40.76 -35.58
C PRO B 484 -16.69 39.65 -34.88
N PRO B 485 -17.66 39.06 -35.57
CA PRO B 485 -18.27 37.84 -35.06
C PRO B 485 -17.22 36.78 -34.80
N MET B 486 -17.56 35.88 -33.86
CA MET B 486 -16.70 34.73 -33.48
C MET B 486 -15.24 35.03 -33.61
N SER B 487 -14.73 35.83 -32.69
CA SER B 487 -13.38 36.30 -32.77
C SER B 487 -12.68 36.37 -31.41
N VAL B 488 -11.39 36.34 -31.49
CA VAL B 488 -10.50 36.62 -30.41
C VAL B 488 -9.57 37.74 -30.85
N THR B 489 -9.46 38.78 -30.05
CA THR B 489 -8.69 39.95 -30.42
C THR B 489 -7.78 40.36 -29.30
N VAL B 490 -6.59 40.85 -29.62
CA VAL B 490 -5.70 41.45 -28.65
C VAL B 490 -5.31 42.87 -29.09
N LEU B 491 -5.48 43.83 -28.20
CA LEU B 491 -5.05 45.19 -28.35
C LEU B 491 -3.83 45.42 -27.51
N GLU B 492 -2.82 46.07 -28.10
CA GLU B 492 -1.63 46.44 -27.39
C GLU B 492 -1.56 47.97 -27.32
N LEU B 493 -1.50 48.49 -26.10
CA LEU B 493 -1.45 49.89 -25.82
C LEU B 493 -0.08 50.29 -25.34
N THR B 494 0.48 51.34 -25.95
CA THR B 494 1.76 51.94 -25.53
C THR B 494 1.53 53.37 -25.05
N ALA B 495 2.08 53.69 -23.88
CA ALA B 495 1.81 54.95 -23.18
C ALA B 495 2.84 56.00 -23.55
N GLY B 496 2.86 57.12 -22.81
CA GLY B 496 3.91 58.14 -22.91
C GLY B 496 3.34 59.34 -23.60
N VAL C 3 -45.73 -42.40 8.32
CA VAL C 3 -45.15 -41.01 8.41
C VAL C 3 -44.17 -40.76 7.24
N ALA C 4 -44.72 -40.55 6.04
CA ALA C 4 -43.93 -40.22 4.88
C ALA C 4 -43.57 -38.71 4.86
N SER C 5 -42.39 -38.34 4.39
CA SER C 5 -42.17 -36.98 3.91
C SER C 5 -42.96 -36.79 2.64
N ARG C 6 -43.45 -35.59 2.38
CA ARG C 6 -44.18 -35.30 1.14
C ARG C 6 -43.53 -34.21 0.35
N VAL C 7 -43.55 -34.36 -0.96
CA VAL C 7 -42.97 -33.42 -1.87
C VAL C 7 -43.87 -33.24 -3.08
N VAL C 8 -44.00 -32.02 -3.58
CA VAL C 8 -44.62 -31.75 -4.86
C VAL C 8 -43.61 -31.10 -5.73
N VAL C 9 -43.44 -31.61 -6.95
CA VAL C 9 -42.61 -31.01 -7.96
C VAL C 9 -43.45 -30.43 -9.02
N ASN C 10 -43.38 -29.13 -9.22
CA ASN C 10 -43.96 -28.52 -10.38
C ASN C 10 -43.03 -28.53 -11.56
N ALA C 11 -43.21 -29.56 -12.39
CA ALA C 11 -42.31 -29.88 -13.46
C ALA C 11 -42.29 -28.89 -14.56
N ASP C 12 -43.27 -28.03 -14.58
CA ASP C 12 -43.32 -27.01 -15.63
C ASP C 12 -42.93 -25.66 -15.11
N ARG C 13 -42.48 -25.55 -13.87
CA ARG C 13 -42.17 -24.24 -13.33
C ARG C 13 -40.65 -24.13 -12.98
N VAL C 14 -39.93 -23.39 -13.76
CA VAL C 14 -38.48 -23.23 -13.57
C VAL C 14 -38.21 -22.03 -12.66
N LYS C 15 -37.39 -22.21 -11.63
CA LYS C 15 -37.05 -21.17 -10.70
C LYS C 15 -35.65 -20.57 -10.86
N GLY C 16 -34.84 -21.12 -11.73
CA GLY C 16 -33.54 -20.59 -12.01
C GLY C 16 -32.68 -21.66 -12.64
N THR C 17 -31.44 -21.29 -12.91
CA THR C 17 -30.44 -22.17 -13.45
C THR C 17 -29.37 -22.45 -12.40
N ILE C 18 -29.08 -23.72 -12.23
CA ILE C 18 -28.00 -24.18 -11.34
C ILE C 18 -26.73 -24.08 -12.17
N ASN C 19 -25.95 -23.02 -11.97
CA ASN C 19 -24.70 -22.85 -12.71
C ASN C 19 -23.82 -24.07 -12.47
N ARG C 20 -23.27 -24.64 -13.52
CA ARG C 20 -22.39 -25.83 -13.39
CA ARG C 20 -22.43 -25.84 -13.34
C ARG C 20 -21.26 -25.63 -12.40
N ASN C 21 -20.77 -24.39 -12.31
CA ASN C 21 -19.70 -24.04 -11.37
C ASN C 21 -20.00 -24.19 -9.91
N ILE C 22 -21.26 -24.41 -9.54
CA ILE C 22 -21.59 -24.85 -8.20
C ILE C 22 -20.90 -26.14 -7.82
N TYR C 23 -20.56 -26.92 -8.83
CA TYR C 23 -19.89 -28.22 -8.66
C TYR C 23 -18.36 -28.09 -8.77
N GLY C 24 -17.83 -26.92 -8.39
CA GLY C 24 -16.40 -26.68 -8.50
C GLY C 24 -15.52 -27.29 -7.41
N HIS C 25 -14.20 -27.19 -7.68
CA HIS C 25 -13.17 -27.79 -6.86
C HIS C 25 -11.99 -26.83 -6.66
N PHE C 26 -11.12 -27.22 -5.77
CA PHE C 26 -10.11 -26.34 -5.22
C PHE C 26 -8.87 -27.20 -4.92
N SER C 27 -7.73 -26.77 -5.47
CA SER C 27 -6.45 -27.45 -5.21
C SER C 27 -5.36 -26.46 -4.81
N GLU C 28 -4.91 -26.55 -3.58
CA GLU C 28 -3.82 -25.73 -3.09
C GLU C 28 -2.48 -26.54 -3.10
N HIS C 29 -1.38 -25.83 -3.22
CA HIS C 29 -0.04 -26.36 -2.93
C HIS C 29 0.12 -26.61 -1.44
N LEU C 30 -0.43 -27.73 -0.99
CA LEU C 30 -0.50 -28.11 0.40
CA LEU C 30 -0.54 -28.11 0.41
C LEU C 30 -0.56 -29.61 0.47
N GLY C 31 0.22 -30.20 1.38
CA GLY C 31 0.25 -31.66 1.59
C GLY C 31 0.48 -32.38 0.23
N ARG C 32 -0.37 -33.36 -0.06
CA ARG C 32 -0.26 -34.10 -1.33
C ARG C 32 -1.39 -33.80 -2.31
N CYS C 33 -1.93 -32.57 -2.27
CA CYS C 33 -2.99 -32.23 -3.20
C CYS C 33 -2.43 -32.03 -4.62
N ILE C 34 -1.38 -31.22 -4.77
CA ILE C 34 -0.79 -30.99 -6.07
C ILE C 34 0.28 -32.07 -6.35
N TYR C 35 1.29 -32.16 -5.49
CA TYR C 35 2.38 -33.15 -5.65
C TYR C 35 1.89 -34.49 -5.16
N GLU C 36 1.99 -35.48 -6.06
CA GLU C 36 1.43 -36.84 -5.93
C GLU C 36 -0.07 -36.91 -6.26
N GLY C 37 -0.88 -36.06 -5.67
CA GLY C 37 -2.28 -36.09 -5.99
C GLY C 37 -2.63 -35.82 -7.44
N LEU C 38 -1.89 -34.95 -8.07
CA LEU C 38 -2.11 -34.63 -9.44
C LEU C 38 -0.81 -34.74 -10.22
N TRP C 39 0.18 -33.94 -9.84
CA TRP C 39 1.44 -33.85 -10.55
C TRP C 39 2.36 -34.98 -10.04
N VAL C 40 2.76 -35.84 -10.97
CA VAL C 40 3.74 -36.90 -10.63
C VAL C 40 5.03 -36.71 -11.40
N GLY C 41 5.08 -35.88 -12.40
CA GLY C 41 6.27 -35.77 -13.26
C GLY C 41 6.20 -36.73 -14.46
N GLU C 42 6.79 -36.34 -15.56
CA GLU C 42 6.63 -37.03 -16.86
C GLU C 42 7.17 -38.48 -16.85
N ASP C 43 8.25 -38.70 -16.09
CA ASP C 43 8.89 -40.04 -16.03
C ASP C 43 8.64 -40.70 -14.76
N SER C 44 7.61 -40.30 -14.03
CA SER C 44 7.10 -41.14 -12.97
C SER C 44 6.61 -42.50 -13.59
N PRO C 45 6.79 -43.58 -12.86
CA PRO C 45 6.13 -44.81 -13.22
C PRO C 45 4.59 -44.79 -13.06
N ILE C 46 4.04 -43.80 -12.39
CA ILE C 46 2.58 -43.64 -12.38
C ILE C 46 2.18 -43.20 -13.76
N PRO C 47 1.25 -43.95 -14.42
CA PRO C 47 0.90 -43.52 -15.78
C PRO C 47 0.31 -42.11 -15.79
N ASN C 48 0.74 -41.31 -16.72
CA ASN C 48 0.47 -39.92 -16.71
C ASN C 48 0.42 -39.35 -18.08
N THR C 49 -0.23 -38.20 -18.18
CA THR C 49 -0.26 -37.41 -19.41
C THR C 49 0.43 -36.06 -19.11
N ASN C 50 1.55 -35.83 -19.73
CA ASN C 50 2.38 -34.65 -19.53
C ASN C 50 2.73 -34.36 -18.07
N GLY C 51 2.83 -35.40 -17.25
CA GLY C 51 3.20 -35.31 -15.87
C GLY C 51 2.04 -35.34 -14.89
N ILE C 52 0.83 -35.41 -15.42
CA ILE C 52 -0.37 -35.50 -14.59
C ILE C 52 -0.95 -36.90 -14.60
N ARG C 53 -1.19 -37.46 -13.44
CA ARG C 53 -1.54 -38.86 -13.36
C ARG C 53 -2.91 -39.18 -14.01
N ASN C 54 -2.95 -40.23 -14.82
CA ASN C 54 -4.11 -40.56 -15.65
C ASN C 54 -5.31 -41.09 -14.85
N ASP C 55 -5.10 -41.80 -13.76
CA ASP C 55 -6.18 -42.37 -12.99
C ASP C 55 -7.07 -41.18 -12.43
N VAL C 56 -6.42 -40.12 -11.96
CA VAL C 56 -7.10 -38.97 -11.44
C VAL C 56 -7.77 -38.23 -12.59
N LEU C 57 -7.04 -38.00 -13.67
CA LEU C 57 -7.63 -37.31 -14.81
C LEU C 57 -8.91 -37.99 -15.28
N GLU C 58 -8.91 -39.31 -15.36
CA GLU C 58 -10.10 -39.99 -15.90
C GLU C 58 -11.26 -39.88 -14.92
N ALA C 59 -10.99 -40.05 -13.64
CA ALA C 59 -12.03 -39.92 -12.64
C ALA C 59 -12.68 -38.52 -12.64
N LEU C 60 -11.85 -37.48 -12.78
CA LEU C 60 -12.36 -36.11 -12.74
C LEU C 60 -13.12 -35.78 -14.00
N LYS C 61 -12.67 -36.27 -15.14
CA LYS C 61 -13.44 -36.10 -16.37
C LYS C 61 -14.78 -36.81 -16.33
N GLN C 62 -14.82 -37.97 -15.75
CA GLN C 62 -16.08 -38.65 -15.63
C GLN C 62 -17.07 -37.83 -14.75
N MET C 63 -16.55 -37.24 -13.67
CA MET C 63 -17.32 -36.41 -12.73
C MET C 63 -17.76 -35.05 -13.34
N LYS C 64 -17.19 -34.67 -14.46
CA LYS C 64 -17.45 -33.45 -15.21
C LYS C 64 -17.06 -32.19 -14.39
N ILE C 65 -15.88 -32.20 -13.82
CA ILE C 65 -15.33 -31.05 -13.10
C ILE C 65 -15.49 -29.80 -13.93
N PRO C 66 -16.20 -28.76 -13.38
CA PRO C 66 -16.48 -27.61 -14.16
C PRO C 66 -15.45 -26.50 -14.02
N VAL C 67 -14.78 -26.44 -12.87
CA VAL C 67 -13.87 -25.32 -12.57
C VAL C 67 -12.96 -25.77 -11.46
N LEU C 68 -11.72 -25.27 -11.53
CA LEU C 68 -10.73 -25.62 -10.56
C LEU C 68 -9.97 -24.36 -10.10
N HIS C 69 -9.93 -24.15 -8.83
CA HIS C 69 -9.28 -22.98 -8.23
C HIS C 69 -7.90 -23.34 -7.73
N TRP C 70 -6.94 -22.48 -8.07
CA TRP C 70 -5.53 -22.71 -7.76
C TRP C 70 -4.84 -21.31 -7.68
N PRO C 71 -3.82 -21.11 -6.88
CA PRO C 71 -3.05 -22.11 -6.16
C PRO C 71 -3.35 -22.15 -4.72
N GLY C 72 -4.40 -21.45 -4.30
CA GLY C 72 -4.67 -21.40 -2.81
C GLY C 72 -5.91 -20.56 -2.67
N GLY C 73 -6.46 -20.45 -1.46
CA GLY C 73 -5.88 -20.85 -0.16
C GLY C 73 -4.81 -19.83 0.31
N CYS C 74 -4.28 -20.06 1.49
CA CYS C 74 -3.21 -19.27 2.09
CA CYS C 74 -3.21 -19.26 2.09
C CYS C 74 -1.97 -19.18 1.18
N PHE C 75 -1.71 -20.23 0.40
CA PHE C 75 -0.55 -20.21 -0.47
C PHE C 75 -0.61 -19.10 -1.50
N ALA C 76 -1.82 -18.74 -1.95
CA ALA C 76 -1.92 -17.74 -3.01
C ALA C 76 -1.38 -16.37 -2.69
N ASP C 77 -1.51 -15.97 -1.41
CA ASP C 77 -1.01 -14.63 -0.98
C ASP C 77 0.40 -14.65 -0.45
N GLU C 78 1.01 -15.79 -0.73
CA GLU C 78 2.43 -15.95 -0.60
C GLU C 78 3.18 -16.30 -1.88
N TYR C 79 2.47 -16.67 -2.93
CA TYR C 79 3.04 -17.09 -4.18
C TYR C 79 3.45 -16.00 -5.06
N HIS C 80 4.61 -16.18 -5.69
CA HIS C 80 5.08 -15.26 -6.72
C HIS C 80 5.17 -16.04 -8.00
N TRP C 81 4.22 -15.76 -8.90
CA TRP C 81 3.97 -16.66 -10.03
C TRP C 81 5.18 -16.86 -10.96
N LYS C 82 6.06 -15.87 -11.02
CA LYS C 82 7.24 -15.95 -11.84
C LYS C 82 8.19 -17.06 -11.40
N ASP C 83 8.07 -17.49 -10.15
CA ASP C 83 8.81 -18.63 -9.67
C ASP C 83 8.38 -19.97 -10.31
N GLY C 84 7.19 -20.00 -10.95
CA GLY C 84 6.61 -21.27 -11.47
C GLY C 84 6.55 -21.33 -12.97
N VAL C 85 7.27 -20.44 -13.66
CA VAL C 85 7.39 -20.50 -15.09
C VAL C 85 8.87 -20.53 -15.50
N GLY C 86 9.12 -20.84 -16.76
CA GLY C 86 10.47 -21.01 -17.25
C GLY C 86 10.85 -22.45 -17.26
N PRO C 87 12.06 -22.78 -17.80
CA PRO C 87 12.56 -24.17 -17.80
C PRO C 87 12.34 -24.81 -16.46
N ARG C 88 11.50 -25.83 -16.49
CA ARG C 88 11.06 -26.55 -15.30
C ARG C 88 12.24 -26.91 -14.36
N GLU C 89 13.39 -27.23 -14.93
CA GLU C 89 14.46 -27.61 -14.08
C GLU C 89 15.08 -26.42 -13.29
N LYS C 90 14.91 -25.24 -13.76
CA LYS C 90 15.56 -24.02 -13.11
C LYS C 90 14.60 -23.20 -12.28
N ARG C 91 13.43 -23.72 -11.94
CA ARG C 91 12.47 -23.02 -11.12
C ARG C 91 12.89 -22.97 -9.65
N LYS C 92 12.22 -22.13 -8.88
CA LYS C 92 12.57 -21.94 -7.50
C LYS C 92 12.30 -23.16 -6.69
N ARG C 93 13.24 -23.49 -5.80
CA ARG C 93 13.09 -24.60 -4.89
C ARG C 93 13.15 -24.19 -3.43
N MET C 94 12.23 -24.74 -2.65
CA MET C 94 12.23 -24.58 -1.22
C MET C 94 12.02 -25.91 -0.56
N VAL C 95 12.73 -26.14 0.54
CA VAL C 95 12.58 -27.35 1.29
C VAL C 95 12.67 -26.95 2.74
N ASN C 96 11.64 -27.33 3.50
CA ASN C 96 11.65 -27.30 4.93
C ASN C 96 11.75 -28.68 5.56
N THR C 97 12.85 -28.97 6.27
CA THR C 97 12.97 -30.25 7.07
C THR C 97 11.97 -30.40 8.31
N HIS C 98 11.77 -29.35 9.11
CA HIS C 98 10.62 -29.23 10.05
C HIS C 98 9.26 -29.39 9.34
N GLY C 101 9.18 -32.31 6.59
CA GLY C 101 9.96 -32.46 5.35
C GLY C 101 9.49 -31.80 4.02
N VAL C 102 8.53 -30.86 4.08
CA VAL C 102 7.83 -30.19 2.95
C VAL C 102 8.71 -29.63 1.78
N ILE C 103 8.42 -29.98 0.54
CA ILE C 103 9.21 -29.57 -0.63
C ILE C 103 8.31 -28.85 -1.59
N GLU C 104 8.70 -27.66 -2.01
CA GLU C 104 8.07 -26.94 -3.11
C GLU C 104 9.09 -26.70 -4.16
N ASN C 105 9.04 -27.44 -5.25
CA ASN C 105 10.01 -27.28 -6.34
C ASN C 105 9.45 -26.47 -7.48
N ASN C 106 8.19 -26.02 -7.36
CA ASN C 106 7.56 -25.22 -8.44
C ASN C 106 7.53 -25.90 -9.80
N HIS C 107 7.60 -27.23 -9.80
CA HIS C 107 7.44 -27.95 -11.11
C HIS C 107 6.03 -27.86 -11.63
N PHE C 108 5.07 -27.68 -10.72
CA PHE C 108 3.70 -27.40 -11.15
C PHE C 108 3.49 -25.87 -10.98
N GLY C 109 3.41 -25.19 -12.11
CA GLY C 109 3.21 -23.73 -12.16
C GLY C 109 2.20 -23.38 -13.20
N THR C 110 2.26 -22.15 -13.71
CA THR C 110 1.23 -21.64 -14.57
C THR C 110 0.96 -22.53 -15.80
N HIS C 111 1.99 -22.96 -16.52
CA HIS C 111 1.79 -23.79 -17.78
C HIS C 111 1.15 -25.14 -17.45
N GLU C 112 1.59 -25.74 -16.37
CA GLU C 112 1.10 -27.02 -15.96
C GLU C 112 -0.37 -26.94 -15.50
N PHE C 113 -0.70 -25.86 -14.82
CA PHE C 113 -2.09 -25.66 -14.38
C PHE C 113 -3.02 -25.44 -15.56
N MET C 114 -2.61 -24.58 -16.47
CA MET C 114 -3.42 -24.31 -17.63
C MET C 114 -3.59 -25.58 -18.49
N MET C 115 -2.52 -26.39 -18.59
CA MET C 115 -2.60 -27.67 -19.26
CA MET C 115 -2.62 -27.64 -19.28
C MET C 115 -3.58 -28.61 -18.56
N LEU C 116 -3.47 -28.71 -17.24
CA LEU C 116 -4.39 -29.52 -16.46
C LEU C 116 -5.86 -29.15 -16.77
N CYS C 117 -6.16 -27.85 -16.81
CA CYS C 117 -7.54 -27.42 -17.10
C CYS C 117 -7.97 -27.81 -18.52
N GLU C 118 -7.08 -27.69 -19.48
CA GLU C 118 -7.37 -28.13 -20.84
C GLU C 118 -7.59 -29.64 -20.91
N LEU C 119 -6.81 -30.43 -20.21
CA LEU C 119 -7.01 -31.85 -20.20
C LEU C 119 -8.33 -32.24 -19.56
N LEU C 120 -8.71 -31.54 -18.51
CA LEU C 120 -9.96 -31.88 -17.81
C LEU C 120 -11.19 -31.31 -18.50
N GLY C 121 -10.99 -30.36 -19.36
CA GLY C 121 -12.07 -29.57 -19.88
C GLY C 121 -12.73 -28.59 -18.89
N CYS C 122 -12.06 -28.15 -17.81
CA CYS C 122 -12.66 -27.31 -16.80
C CYS C 122 -12.13 -25.90 -16.95
N GLU C 123 -12.83 -24.93 -16.39
CA GLU C 123 -12.36 -23.53 -16.40
C GLU C 123 -11.26 -23.36 -15.35
N PRO C 124 -10.21 -22.63 -15.70
CA PRO C 124 -9.27 -22.23 -14.68
C PRO C 124 -9.81 -21.05 -13.83
N TYR C 125 -9.48 -21.08 -12.55
CA TYR C 125 -9.76 -20.04 -11.61
C TYR C 125 -8.51 -19.77 -10.82
N ILE C 126 -7.84 -18.67 -11.15
CA ILE C 126 -6.57 -18.33 -10.51
C ILE C 126 -6.73 -17.24 -9.46
N SER C 127 -6.13 -17.41 -8.29
CA SER C 127 -6.01 -16.36 -7.26
C SER C 127 -4.64 -15.73 -7.29
N GLY C 128 -4.62 -14.45 -7.62
CA GLY C 128 -3.44 -13.59 -7.55
C GLY C 128 -3.10 -13.19 -6.08
N ASN C 129 -1.89 -12.70 -5.90
CA ASN C 129 -1.31 -12.35 -4.61
C ASN C 129 -1.45 -10.85 -4.33
N VAL C 130 -2.37 -10.52 -3.41
CA VAL C 130 -2.47 -9.18 -2.85
C VAL C 130 -1.60 -8.99 -1.58
N GLY C 131 -1.68 -9.90 -0.69
CA GLY C 131 -1.04 -9.73 0.62
C GLY C 131 0.48 -9.43 0.59
N SER C 132 1.24 -10.18 -0.23
CA SER C 132 2.67 -9.99 -0.33
C SER C 132 3.13 -9.72 -1.76
N GLY C 133 2.20 -9.48 -2.67
CA GLY C 133 2.52 -9.22 -4.06
C GLY C 133 2.38 -7.77 -4.43
N THR C 134 2.71 -7.41 -5.64
CA THR C 134 2.59 -6.03 -6.09
C THR C 134 1.60 -5.93 -7.22
N VAL C 135 1.14 -4.71 -7.47
CA VAL C 135 0.17 -4.44 -8.48
C VAL C 135 0.73 -4.83 -9.84
N GLN C 136 1.95 -4.40 -10.14
CA GLN C 136 2.56 -4.78 -11.40
C GLN C 136 2.67 -6.31 -11.60
N GLU C 137 3.11 -7.00 -10.59
CA GLU C 137 3.21 -8.46 -10.62
C GLU C 137 1.90 -9.13 -11.02
N MET C 138 0.77 -8.70 -10.45
CA MET C 138 -0.48 -9.35 -10.78
C MET C 138 -0.92 -9.00 -12.19
N SER C 139 -0.71 -7.77 -12.56
CA SER C 139 -1.04 -7.29 -13.88
C SER C 139 -0.26 -8.07 -14.97
N GLU C 140 1.02 -8.27 -14.69
CA GLU C 140 1.88 -9.03 -15.59
C GLU C 140 1.48 -10.48 -15.68
N TRP C 141 0.93 -11.04 -14.61
CA TRP C 141 0.46 -12.43 -14.70
C TRP C 141 -0.64 -12.57 -15.73
N VAL C 142 -1.62 -11.69 -15.67
CA VAL C 142 -2.70 -11.69 -16.63
C VAL C 142 -2.18 -11.48 -18.05
N GLU C 143 -1.25 -10.55 -18.22
CA GLU C 143 -0.70 -10.25 -19.51
C GLU C 143 0.07 -11.49 -20.07
N TYR C 144 0.91 -12.09 -19.27
CA TYR C 144 1.61 -13.32 -19.61
C TYR C 144 0.65 -14.39 -20.11
N ILE C 145 -0.46 -14.57 -19.41
CA ILE C 145 -1.39 -15.60 -19.75
C ILE C 145 -2.19 -15.28 -21.01
N THR C 146 -2.62 -14.03 -21.18
CA THR C 146 -3.66 -13.71 -22.13
C THR C 146 -3.29 -12.82 -23.27
N PHE C 147 -2.16 -12.12 -23.25
CA PHE C 147 -1.86 -11.16 -24.33
C PHE C 147 -1.34 -11.90 -25.58
N ASP C 148 -1.78 -11.48 -26.74
CA ASP C 148 -1.47 -12.12 -28.01
C ASP C 148 -0.49 -11.26 -28.83
N GLY C 149 -0.03 -10.12 -28.33
CA GLY C 149 0.85 -9.27 -29.10
C GLY C 149 2.30 -9.47 -28.71
N GLU C 150 3.09 -8.45 -28.87
CA GLU C 150 4.50 -8.53 -28.51
C GLU C 150 4.72 -7.71 -27.22
N SER C 151 5.34 -8.31 -26.23
CA SER C 151 5.74 -7.62 -25.02
C SER C 151 6.66 -8.54 -24.31
N PRO C 152 7.40 -8.02 -23.32
CA PRO C 152 8.22 -8.94 -22.56
C PRO C 152 7.49 -10.13 -21.92
N MET C 153 6.28 -9.91 -21.34
CA MET C 153 5.55 -11.03 -20.78
C MET C 153 5.06 -12.03 -21.82
N ALA C 154 4.45 -11.57 -22.88
CA ALA C 154 3.90 -12.50 -23.89
C ALA C 154 5.02 -13.20 -24.63
N ASN C 155 6.12 -12.50 -24.86
CA ASN C 155 7.29 -13.14 -25.49
C ASN C 155 7.84 -14.19 -24.55
N TRP C 156 7.82 -13.96 -23.23
CA TRP C 156 8.35 -14.94 -22.31
C TRP C 156 7.46 -16.21 -22.33
N ARG C 157 6.15 -16.02 -22.37
CA ARG C 157 5.22 -17.13 -22.43
C ARG C 157 5.59 -17.98 -23.69
N ARG C 158 5.83 -17.33 -24.82
CA ARG C 158 6.12 -18.04 -26.09
C ARG C 158 7.45 -18.80 -25.97
N GLU C 159 8.45 -18.19 -25.36
CA GLU C 159 9.69 -18.90 -25.12
C GLU C 159 9.49 -20.06 -24.23
N ASN C 160 8.55 -20.00 -23.30
CA ASN C 160 8.31 -21.07 -22.36
C ASN C 160 7.40 -22.11 -22.97
N GLY C 161 7.01 -21.96 -24.22
CA GLY C 161 6.36 -23.05 -24.95
C GLY C 161 4.89 -22.93 -25.26
N ARG C 162 4.26 -21.78 -25.01
CA ARG C 162 2.86 -21.61 -25.34
C ARG C 162 2.77 -20.39 -26.23
N GLU C 163 2.52 -20.63 -27.50
CA GLU C 163 2.61 -19.63 -28.49
C GLU C 163 1.39 -18.65 -28.45
N LYS C 164 0.21 -19.20 -28.54
CA LYS C 164 -1.02 -18.45 -28.45
C LYS C 164 -1.36 -18.24 -26.98
N PRO C 165 -2.06 -17.18 -26.68
CA PRO C 165 -2.44 -16.96 -25.26
C PRO C 165 -3.48 -17.99 -24.87
N TRP C 166 -3.66 -18.17 -23.58
CA TRP C 166 -4.82 -18.89 -23.03
C TRP C 166 -5.93 -17.90 -22.76
N ARG C 167 -7.12 -18.45 -22.55
CA ARG C 167 -8.26 -17.73 -22.01
C ARG C 167 -8.41 -18.00 -20.55
N ILE C 168 -8.83 -16.99 -19.80
CA ILE C 168 -9.23 -17.23 -18.41
C ILE C 168 -10.28 -16.20 -18.03
N LYS C 169 -11.33 -16.68 -17.39
CA LYS C 169 -12.37 -15.80 -16.83
C LYS C 169 -12.08 -15.55 -15.34
N TYR C 170 -12.08 -16.58 -14.55
CA TYR C 170 -12.19 -16.39 -13.11
C TYR C 170 -10.84 -15.99 -12.49
N TRP C 171 -10.79 -14.79 -11.92
CA TRP C 171 -9.55 -14.23 -11.39
C TRP C 171 -9.79 -13.65 -10.00
N GLY C 172 -9.24 -14.30 -8.97
CA GLY C 172 -9.37 -13.86 -7.58
C GLY C 172 -8.32 -12.81 -7.28
N VAL C 173 -8.74 -11.66 -6.76
CA VAL C 173 -7.81 -10.57 -6.42
C VAL C 173 -7.48 -10.68 -4.96
N GLY C 174 -6.60 -11.61 -4.65
CA GLY C 174 -6.29 -11.97 -3.29
C GLY C 174 -7.24 -12.99 -2.71
N ASN C 175 -6.76 -13.69 -1.69
CA ASN C 175 -7.48 -14.70 -1.00
C ASN C 175 -7.21 -14.58 0.53
N GLU C 176 -8.22 -14.92 1.31
CA GLU C 176 -8.14 -14.94 2.74
CA GLU C 176 -8.23 -14.90 2.77
C GLU C 176 -7.49 -13.70 3.36
N ASN C 177 -7.85 -12.55 2.83
CA ASN C 177 -7.13 -11.33 3.18
C ASN C 177 -7.37 -10.84 4.61
N TRP C 178 -8.46 -11.30 5.23
CA TRP C 178 -8.73 -11.06 6.64
C TRP C 178 -7.83 -11.88 7.54
N GLY C 179 -7.10 -12.85 7.02
CA GLY C 179 -6.31 -13.75 7.87
C GLY C 179 -4.94 -13.94 7.26
N CYS C 180 -4.64 -15.13 6.76
CA CYS C 180 -3.26 -15.40 6.22
CA CYS C 180 -3.30 -15.43 6.17
C CYS C 180 -2.87 -14.57 5.02
N GLY C 181 -3.81 -13.93 4.35
CA GLY C 181 -3.48 -12.97 3.28
C GLY C 181 -3.30 -11.51 3.63
N GLY C 182 -2.91 -11.25 4.86
CA GLY C 182 -2.49 -9.92 5.32
C GLY C 182 -3.18 -9.38 6.59
N ASN C 183 -4.04 -10.17 7.25
CA ASN C 183 -4.73 -9.77 8.43
C ASN C 183 -5.39 -8.38 8.26
N MET C 184 -6.08 -8.21 7.14
CA MET C 184 -6.60 -6.92 6.74
C MET C 184 -8.00 -6.65 7.28
N ARG C 185 -8.21 -5.43 7.68
CA ARG C 185 -9.57 -4.91 7.87
C ARG C 185 -10.25 -4.89 6.50
N ALA C 186 -11.55 -5.10 6.49
CA ALA C 186 -12.33 -5.03 5.24
C ALA C 186 -12.14 -3.72 4.51
N GLU C 187 -12.10 -2.63 5.24
CA GLU C 187 -12.00 -1.30 4.61
C GLU C 187 -10.67 -1.12 3.89
N TYR C 188 -9.61 -1.69 4.43
CA TYR C 188 -8.30 -1.63 3.84
C TYR C 188 -8.23 -2.57 2.64
N TYR C 189 -8.64 -3.84 2.79
CA TYR C 189 -8.71 -4.74 1.64
C TYR C 189 -9.52 -4.14 0.48
N ALA C 190 -10.64 -3.52 0.77
CA ALA C 190 -11.46 -2.93 -0.30
C ALA C 190 -10.67 -1.93 -1.13
N ASP C 191 -9.85 -1.10 -0.47
CA ASP C 191 -9.05 -0.14 -1.16
C ASP C 191 -7.96 -0.84 -2.04
N LEU C 192 -7.30 -1.85 -1.48
CA LEU C 192 -6.30 -2.61 -2.24
CA LEU C 192 -6.27 -2.56 -2.26
C LEU C 192 -6.96 -3.31 -3.41
N TYR C 193 -8.14 -3.89 -3.19
CA TYR C 193 -8.89 -4.56 -4.22
C TYR C 193 -9.12 -3.60 -5.38
N ARG C 194 -9.64 -2.42 -5.07
CA ARG C 194 -9.96 -1.46 -6.12
C ARG C 194 -8.71 -1.06 -6.94
N GLN C 195 -7.58 -0.96 -6.26
CA GLN C 195 -6.31 -0.56 -6.88
C GLN C 195 -5.78 -1.71 -7.79
N PHE C 196 -5.62 -2.90 -7.21
CA PHE C 196 -5.12 -4.05 -7.97
C PHE C 196 -5.98 -4.36 -9.20
N GLN C 197 -7.30 -4.39 -9.05
CA GLN C 197 -8.15 -4.81 -10.14
C GLN C 197 -8.07 -3.86 -11.32
N THR C 198 -7.74 -2.62 -11.02
CA THR C 198 -7.69 -1.60 -12.05
C THR C 198 -6.73 -2.04 -13.17
N TYR C 199 -5.66 -2.73 -12.81
CA TYR C 199 -4.58 -3.01 -13.78
C TYR C 199 -4.69 -4.41 -14.38
N LEU C 200 -5.79 -5.12 -14.11
CA LEU C 200 -6.01 -6.47 -14.68
C LEU C 200 -6.81 -6.26 -15.94
N ARG C 201 -6.18 -6.34 -17.11
CA ARG C 201 -6.82 -5.96 -18.36
C ARG C 201 -7.42 -7.16 -19.10
N ASN C 202 -8.34 -6.83 -19.98
CA ASN C 202 -8.93 -7.77 -20.94
C ASN C 202 -8.11 -7.69 -22.22
N TYR C 203 -7.24 -8.65 -22.49
CA TYR C 203 -6.47 -8.62 -23.73
C TYR C 203 -7.12 -9.51 -24.79
N GLY C 204 -7.03 -9.08 -26.04
CA GLY C 204 -7.56 -9.80 -27.19
C GLY C 204 -9.04 -9.97 -27.00
N ASP C 205 -9.52 -11.18 -27.04
CA ASP C 205 -10.95 -11.33 -26.75
C ASP C 205 -11.19 -11.96 -25.37
N ASN C 206 -10.19 -12.01 -24.51
CA ASN C 206 -10.40 -12.53 -23.18
C ASN C 206 -11.24 -11.52 -22.35
N LYS C 207 -12.13 -12.04 -21.53
CA LYS C 207 -12.89 -11.23 -20.56
C LYS C 207 -12.70 -11.76 -19.14
N LEU C 208 -12.07 -10.97 -18.29
CA LEU C 208 -11.89 -11.39 -16.89
C LEU C 208 -13.22 -11.24 -16.09
N HIS C 209 -13.39 -12.15 -15.14
CA HIS C 209 -14.46 -12.14 -14.15
C HIS C 209 -13.71 -12.02 -12.81
N LYS C 210 -13.60 -10.78 -12.35
CA LYS C 210 -12.86 -10.40 -11.12
C LYS C 210 -13.59 -10.72 -9.86
N ILE C 211 -12.97 -11.46 -8.96
CA ILE C 211 -13.59 -11.91 -7.77
C ILE C 211 -12.86 -11.28 -6.56
N ALA C 212 -13.60 -10.61 -5.70
CA ALA C 212 -13.05 -10.01 -4.49
C ALA C 212 -13.16 -11.03 -3.36
N CYS C 213 -12.19 -11.00 -2.47
CA CYS C 213 -12.22 -11.85 -1.32
C CYS C 213 -13.38 -11.45 -0.39
N GLY C 214 -14.25 -12.44 -0.09
CA GLY C 214 -15.36 -12.25 0.81
C GLY C 214 -15.09 -12.81 2.19
N ALA C 215 -16.17 -12.98 2.93
CA ALA C 215 -16.13 -13.22 4.35
C ALA C 215 -15.71 -14.60 4.78
N TRP C 216 -15.16 -14.70 5.96
CA TRP C 216 -15.08 -15.91 6.74
C TRP C 216 -16.36 -16.06 7.58
N THR C 217 -17.02 -17.21 7.39
CA THR C 217 -18.19 -17.67 8.15
CA THR C 217 -18.19 -17.66 8.12
C THR C 217 -19.18 -16.53 8.30
N ALA C 218 -19.42 -16.07 9.54
CA ALA C 218 -20.52 -15.10 9.80
C ALA C 218 -20.00 -13.67 9.95
N ASP C 219 -18.92 -13.32 9.26
CA ASP C 219 -18.45 -11.94 9.25
C ASP C 219 -19.25 -11.08 8.25
N TYR C 220 -20.45 -10.71 8.66
CA TYR C 220 -21.35 -9.95 7.83
C TYR C 220 -20.85 -8.56 7.56
N HIS C 221 -20.13 -7.99 8.52
CA HIS C 221 -19.53 -6.68 8.33
C HIS C 221 -18.62 -6.67 7.09
N TRP C 222 -17.86 -7.76 6.90
CA TRP C 222 -16.98 -7.84 5.71
C TRP C 222 -17.74 -7.72 4.42
N THR C 223 -18.83 -8.45 4.31
CA THR C 223 -19.65 -8.41 3.10
C THR C 223 -20.25 -7.02 2.90
N GLU C 224 -20.67 -6.38 3.99
CA GLU C 224 -21.24 -5.07 3.86
C GLU C 224 -20.20 -4.05 3.35
N VAL C 225 -19.03 -4.07 3.94
CA VAL C 225 -17.99 -3.13 3.51
C VAL C 225 -17.59 -3.38 2.06
N LEU C 226 -17.36 -4.64 1.69
CA LEU C 226 -16.94 -4.88 0.31
C LEU C 226 -18.01 -4.49 -0.71
N MET C 227 -19.27 -4.74 -0.40
CA MET C 227 -20.33 -4.37 -1.33
C MET C 227 -20.49 -2.85 -1.39
N LYS C 228 -20.48 -2.22 -0.26
CA LYS C 228 -20.65 -0.79 -0.21
C LYS C 228 -19.47 -0.03 -0.87
N GLN C 229 -18.24 -0.52 -0.68
CA GLN C 229 -17.05 0.19 -1.22
C GLN C 229 -16.57 -0.29 -2.55
N ALA C 230 -16.86 -1.53 -2.93
CA ALA C 230 -16.22 -2.08 -4.12
C ALA C 230 -17.14 -2.76 -5.12
N ALA C 231 -18.42 -2.81 -4.85
CA ALA C 231 -19.34 -3.54 -5.78
C ALA C 231 -19.20 -3.18 -7.22
N PRO C 232 -19.05 -1.90 -7.56
CA PRO C 232 -18.94 -1.57 -8.99
C PRO C 232 -17.67 -2.11 -9.66
N PHE C 233 -16.73 -2.62 -8.89
CA PHE C 233 -15.44 -3.04 -9.43
C PHE C 233 -15.21 -4.51 -9.37
N MET C 234 -16.27 -5.26 -9.06
CA MET C 234 -16.17 -6.71 -9.02
C MET C 234 -17.27 -7.39 -9.81
N HIS C 235 -17.00 -8.64 -10.19
CA HIS C 235 -17.99 -9.53 -10.78
C HIS C 235 -18.50 -10.57 -9.82
N GLY C 236 -17.74 -10.81 -8.75
CA GLY C 236 -18.02 -11.87 -7.79
C GLY C 236 -17.38 -11.55 -6.45
N LEU C 237 -17.96 -12.12 -5.41
CA LEU C 237 -17.55 -12.00 -4.04
C LEU C 237 -17.56 -13.36 -3.40
N SER C 238 -16.49 -13.74 -2.72
CA SER C 238 -16.40 -15.11 -2.18
C SER C 238 -16.99 -15.23 -0.75
N LEU C 239 -17.02 -16.45 -0.24
CA LEU C 239 -17.49 -16.76 1.08
C LEU C 239 -16.83 -18.11 1.45
N HIS C 240 -16.40 -18.24 2.68
CA HIS C 240 -15.67 -19.40 3.20
CA HIS C 240 -15.70 -19.44 3.18
C HIS C 240 -16.39 -19.96 4.44
N TYR C 241 -16.72 -21.24 4.44
CA TYR C 241 -17.34 -21.88 5.58
C TYR C 241 -17.06 -23.38 5.63
N TYR C 242 -16.32 -23.78 6.65
CA TYR C 242 -16.00 -25.19 6.94
C TYR C 242 -16.89 -25.77 8.03
N THR C 243 -17.26 -27.04 7.87
CA THR C 243 -18.03 -27.80 8.84
C THR C 243 -17.00 -28.52 9.75
N VAL C 244 -16.91 -28.07 11.00
CA VAL C 244 -15.95 -28.54 11.98
C VAL C 244 -16.74 -29.07 13.20
N PRO C 245 -16.77 -30.41 13.38
CA PRO C 245 -17.68 -30.98 14.40
C PRO C 245 -17.33 -30.52 15.81
N GLY C 246 -16.11 -30.69 16.24
CA GLY C 246 -15.72 -30.30 17.59
C GLY C 246 -15.02 -28.94 17.60
N PRO C 247 -14.45 -28.59 18.75
CA PRO C 247 -13.68 -27.36 18.84
C PRO C 247 -12.43 -27.43 18.01
N TRP C 248 -11.85 -26.26 17.73
CA TRP C 248 -10.70 -26.12 16.85
C TRP C 248 -9.58 -27.03 17.25
N GLU C 249 -9.33 -27.12 18.55
CA GLU C 249 -8.19 -27.87 19.02
C GLU C 249 -8.46 -29.38 19.09
N LYS C 250 -9.71 -29.83 18.97
CA LYS C 250 -9.99 -31.26 18.94
C LYS C 250 -11.24 -31.45 18.09
N LYS C 251 -11.02 -31.43 16.79
CA LYS C 251 -12.15 -31.34 15.84
C LYS C 251 -12.97 -32.62 15.78
N GLY C 252 -12.34 -33.74 16.15
CA GLY C 252 -12.92 -35.05 16.00
C GLY C 252 -12.43 -35.81 14.78
N PRO C 253 -12.60 -37.15 14.79
CA PRO C 253 -12.02 -37.95 13.72
C PRO C 253 -12.97 -38.16 12.54
N ALA C 254 -12.41 -38.51 11.39
CA ALA C 254 -13.17 -38.78 10.17
C ALA C 254 -13.89 -40.10 10.22
N THR C 255 -13.34 -41.05 10.98
CA THR C 255 -13.98 -42.38 11.19
C THR C 255 -13.88 -42.73 12.66
N GLY C 256 -14.66 -43.73 13.08
CA GLY C 256 -14.72 -44.10 14.50
C GLY C 256 -15.36 -43.05 15.39
N PHE C 257 -16.24 -42.22 14.82
CA PHE C 257 -16.82 -41.12 15.58
C PHE C 257 -18.12 -41.62 16.23
N THR C 258 -18.63 -40.86 17.19
CA THR C 258 -19.89 -41.21 17.90
C THR C 258 -21.13 -40.76 17.14
N THR C 259 -22.29 -41.24 17.58
CA THR C 259 -23.53 -40.84 16.94
C THR C 259 -23.84 -39.35 17.18
N ASP C 260 -23.46 -38.82 18.34
CA ASP C 260 -23.52 -37.40 18.57
C ASP C 260 -22.72 -36.60 17.55
N GLU C 261 -21.53 -37.07 17.23
CA GLU C 261 -20.74 -36.47 16.18
C GLU C 261 -21.40 -36.53 14.81
N TRP C 262 -22.18 -37.58 14.53
CA TRP C 262 -22.96 -37.60 13.30
C TRP C 262 -23.93 -36.40 13.25
N TRP C 263 -24.71 -36.24 14.32
CA TRP C 263 -25.74 -35.22 14.32
C TRP C 263 -25.15 -33.80 14.29
N VAL C 264 -24.10 -33.57 15.08
CA VAL C 264 -23.46 -32.29 15.13
C VAL C 264 -22.87 -31.90 13.75
N THR C 265 -22.25 -32.87 13.09
CA THR C 265 -21.67 -32.63 11.83
C THR C 265 -22.71 -32.18 10.84
N LEU C 266 -23.83 -32.86 10.79
CA LEU C 266 -24.82 -32.52 9.80
C LEU C 266 -25.50 -31.17 10.12
N LYS C 267 -25.69 -30.91 11.39
CA LYS C 267 -26.29 -29.68 11.84
C LYS C 267 -25.36 -28.47 11.48
N LYS C 268 -24.06 -28.64 11.68
CA LYS C 268 -23.12 -27.61 11.27
C LYS C 268 -23.04 -27.44 9.80
N ALA C 269 -23.15 -28.53 9.03
CA ALA C 269 -23.18 -28.38 7.61
C ALA C 269 -24.35 -27.53 7.13
N LEU C 270 -25.52 -27.78 7.71
CA LEU C 270 -26.73 -27.08 7.30
C LEU C 270 -26.74 -25.60 7.65
N PHE C 271 -25.89 -25.19 8.57
CA PHE C 271 -25.66 -23.79 8.83
C PHE C 271 -25.30 -22.96 7.59
N MET C 272 -24.75 -23.62 6.57
CA MET C 272 -24.49 -22.97 5.32
C MET C 272 -25.72 -22.23 4.80
N ASP C 273 -26.91 -22.78 5.04
CA ASP C 273 -28.08 -22.13 4.48
C ASP C 273 -28.32 -20.72 5.11
N GLU C 274 -28.14 -20.65 6.39
CA GLU C 274 -28.26 -19.40 7.11
C GLU C 274 -27.18 -18.40 6.64
N LEU C 275 -25.95 -18.86 6.53
CA LEU C 275 -24.86 -18.00 6.05
C LEU C 275 -25.12 -17.45 4.69
N VAL C 276 -25.47 -18.33 3.77
CA VAL C 276 -25.69 -17.89 2.42
C VAL C 276 -26.88 -16.94 2.37
N THR C 277 -27.93 -17.27 3.10
CA THR C 277 -29.11 -16.40 3.15
C THR C 277 -28.75 -14.99 3.65
N LYS C 278 -28.01 -14.92 4.74
CA LYS C 278 -27.71 -13.61 5.36
CA LYS C 278 -27.73 -13.62 5.35
C LYS C 278 -26.70 -12.79 4.61
N HIS C 279 -25.65 -13.44 4.07
CA HIS C 279 -24.72 -12.74 3.21
C HIS C 279 -25.41 -12.26 1.94
N SER C 280 -26.27 -13.08 1.36
CA SER C 280 -26.99 -12.69 0.15
C SER C 280 -27.96 -11.54 0.44
N ALA C 281 -28.56 -11.52 1.63
CA ALA C 281 -29.44 -10.39 1.96
C ALA C 281 -28.70 -9.05 2.00
N ILE C 282 -27.49 -9.07 2.51
CA ILE C 282 -26.63 -7.87 2.47
C ILE C 282 -26.27 -7.51 1.05
N MET C 283 -25.90 -8.50 0.24
CA MET C 283 -25.63 -8.23 -1.19
C MET C 283 -26.84 -7.61 -1.89
N ASP C 284 -28.03 -8.08 -1.55
CA ASP C 284 -29.25 -7.51 -2.16
C ASP C 284 -29.47 -6.02 -1.94
N VAL C 285 -29.03 -5.52 -0.78
CA VAL C 285 -29.18 -4.14 -0.45
C VAL C 285 -28.34 -3.34 -1.38
N TYR C 286 -27.13 -3.77 -1.69
CA TYR C 286 -26.25 -2.98 -2.55
C TYR C 286 -26.35 -3.37 -4.01
N ASP C 287 -26.90 -4.53 -4.36
CA ASP C 287 -26.89 -5.02 -5.73
C ASP C 287 -28.24 -5.74 -5.91
N PRO C 288 -29.34 -4.95 -5.94
CA PRO C 288 -30.64 -5.59 -5.95
C PRO C 288 -30.90 -6.41 -7.23
N ASP C 289 -30.27 -6.10 -8.33
CA ASP C 289 -30.41 -6.94 -9.53
C ASP C 289 -29.58 -8.19 -9.54
N LYS C 290 -28.78 -8.45 -8.50
CA LYS C 290 -27.99 -9.65 -8.43
C LYS C 290 -26.99 -9.79 -9.52
N ARG C 291 -26.38 -8.68 -9.92
CA ARG C 291 -25.32 -8.78 -10.91
C ARG C 291 -24.11 -9.61 -10.38
N ILE C 292 -23.73 -9.36 -9.14
CA ILE C 292 -22.51 -9.90 -8.59
C ILE C 292 -22.78 -11.34 -8.09
N ASP C 293 -21.92 -12.24 -8.50
CA ASP C 293 -21.99 -13.64 -8.07
C ASP C 293 -21.54 -13.76 -6.64
N LEU C 294 -22.22 -14.60 -5.87
CA LEU C 294 -21.66 -15.11 -4.63
C LEU C 294 -20.95 -16.47 -4.95
N ILE C 295 -19.73 -16.58 -4.47
CA ILE C 295 -18.81 -17.69 -4.81
C ILE C 295 -18.42 -18.33 -3.51
N VAL C 296 -18.94 -19.52 -3.24
CA VAL C 296 -18.61 -20.14 -1.96
C VAL C 296 -17.37 -21.00 -2.19
N ASP C 297 -16.20 -20.38 -2.22
CA ASP C 297 -15.05 -21.10 -2.78
C ASP C 297 -14.24 -21.86 -1.75
N GLU C 298 -14.67 -21.91 -0.50
CA GLU C 298 -14.18 -22.97 0.43
C GLU C 298 -15.32 -23.44 1.26
N TRP C 299 -15.56 -24.74 1.15
CA TRP C 299 -16.50 -25.41 2.03
C TRP C 299 -16.11 -26.87 2.18
N GLY C 300 -16.76 -27.55 3.09
CA GLY C 300 -16.52 -28.98 3.36
C GLY C 300 -16.16 -29.24 4.80
N THR C 301 -15.98 -30.53 5.09
CA THR C 301 -15.67 -30.95 6.48
C THR C 301 -14.19 -30.83 6.76
N TRP C 302 -13.87 -30.56 8.01
CA TRP C 302 -12.52 -30.45 8.48
C TRP C 302 -12.42 -31.16 9.84
N TYR C 303 -11.67 -32.26 9.83
CA TYR C 303 -11.48 -33.17 10.98
C TYR C 303 -10.05 -33.09 11.43
N ASP C 304 -9.75 -33.69 12.57
CA ASP C 304 -8.37 -34.05 12.92
C ASP C 304 -7.78 -34.94 11.82
N VAL C 305 -6.49 -34.77 11.53
CA VAL C 305 -5.87 -35.66 10.55
C VAL C 305 -5.85 -37.12 11.06
N GLU C 306 -5.72 -38.04 10.10
CA GLU C 306 -5.60 -39.44 10.42
C GLU C 306 -4.47 -39.65 11.40
N PRO C 307 -4.70 -40.48 12.42
CA PRO C 307 -3.64 -40.75 13.41
C PRO C 307 -2.26 -41.07 12.80
N GLY C 308 -1.24 -40.40 13.33
CA GLY C 308 0.08 -40.60 12.87
C GLY C 308 0.48 -39.87 11.61
N THR C 309 -0.41 -39.07 11.02
CA THR C 309 0.00 -38.26 9.86
C THR C 309 0.30 -36.85 10.32
N ASN C 310 1.00 -36.15 9.47
CA ASN C 310 1.41 -34.79 9.75
C ASN C 310 0.18 -33.85 9.75
N PRO C 311 -0.05 -33.16 10.88
CA PRO C 311 -1.22 -32.24 10.96
C PRO C 311 -1.21 -31.16 9.91
N GLY C 312 -0.02 -30.72 9.50
CA GLY C 312 0.14 -29.74 8.44
C GLY C 312 -0.26 -30.22 7.05
N PHE C 313 -0.47 -31.51 6.84
CA PHE C 313 -0.83 -32.02 5.52
C PHE C 313 -2.31 -32.24 5.35
N LEU C 314 -3.06 -32.13 6.45
CA LEU C 314 -4.53 -32.10 6.41
C LEU C 314 -5.17 -33.34 5.77
N TYR C 315 -4.52 -34.48 5.93
CA TYR C 315 -5.05 -35.72 5.37
C TYR C 315 -6.11 -36.31 6.28
N GLN C 316 -7.29 -36.53 5.72
CA GLN C 316 -8.39 -37.11 6.49
C GLN C 316 -9.16 -38.07 5.61
N GLN C 317 -9.74 -39.07 6.26
CA GLN C 317 -10.62 -40.04 5.59
C GLN C 317 -11.99 -39.38 5.26
N ASN C 318 -12.82 -40.14 4.55
CA ASN C 318 -14.01 -39.64 3.95
C ASN C 318 -15.07 -40.78 3.98
N SER C 319 -16.14 -40.57 4.74
CA SER C 319 -17.19 -41.56 4.96
C SER C 319 -18.53 -41.17 4.38
N ILE C 320 -19.50 -42.04 4.55
CA ILE C 320 -20.89 -41.74 4.16
C ILE C 320 -21.40 -40.45 4.88
N ARG C 321 -20.87 -40.12 6.06
CA ARG C 321 -21.18 -38.85 6.71
C ARG C 321 -20.79 -37.64 5.78
N ASP C 322 -19.62 -37.75 5.15
CA ASP C 322 -19.11 -36.75 4.21
C ASP C 322 -19.95 -36.69 2.98
N ALA C 323 -20.45 -37.84 2.53
CA ALA C 323 -21.33 -37.84 1.36
C ALA C 323 -22.63 -37.06 1.66
N LEU C 324 -23.17 -37.25 2.86
CA LEU C 324 -24.38 -36.51 3.25
CA LEU C 324 -24.38 -36.51 3.26
C LEU C 324 -24.12 -35.01 3.37
N VAL C 325 -22.99 -34.63 3.97
CA VAL C 325 -22.61 -33.20 4.02
C VAL C 325 -22.54 -32.63 2.59
N ALA C 326 -21.92 -33.34 1.67
CA ALA C 326 -21.82 -32.86 0.31
C ALA C 326 -23.17 -32.77 -0.36
N GLY C 327 -23.97 -33.81 -0.24
CA GLY C 327 -25.26 -33.77 -0.89
C GLY C 327 -26.20 -32.69 -0.35
N ALA C 328 -26.25 -32.56 0.97
CA ALA C 328 -27.12 -31.53 1.60
C ALA C 328 -26.59 -30.11 1.30
N THR C 329 -25.26 -29.94 1.23
CA THR C 329 -24.67 -28.64 0.97
C THR C 329 -24.93 -28.25 -0.47
N LEU C 330 -24.76 -29.19 -1.39
CA LEU C 330 -25.07 -28.88 -2.81
C LEU C 330 -26.55 -28.50 -2.97
N HIS C 331 -27.43 -29.19 -2.27
CA HIS C 331 -28.83 -28.81 -2.32
C HIS C 331 -29.07 -27.34 -1.84
N ILE C 332 -28.38 -26.94 -0.76
CA ILE C 332 -28.47 -25.56 -0.29
C ILE C 332 -28.01 -24.58 -1.38
N PHE C 333 -26.94 -24.93 -2.11
CA PHE C 333 -26.53 -24.06 -3.19
C PHE C 333 -27.58 -23.98 -4.27
N HIS C 334 -28.21 -25.13 -4.58
CA HIS C 334 -29.30 -25.12 -5.60
C HIS C 334 -30.40 -24.14 -5.22
N ARG C 335 -30.80 -24.17 -3.97
CA ARG C 335 -31.88 -23.26 -3.49
C ARG C 335 -31.48 -21.81 -3.56
N HIS C 336 -30.18 -21.52 -3.66
CA HIS C 336 -29.69 -20.15 -3.73
C HIS C 336 -29.05 -19.86 -5.06
N CYS C 337 -29.49 -20.56 -6.11
CA CYS C 337 -28.85 -20.43 -7.42
C CYS C 337 -29.17 -19.15 -8.15
N ASP C 338 -30.05 -18.33 -7.61
CA ASP C 338 -30.25 -16.97 -8.11
C ASP C 338 -29.06 -16.04 -7.78
N ARG C 339 -28.26 -16.39 -6.76
CA ARG C 339 -27.10 -15.58 -6.38
C ARG C 339 -25.78 -16.40 -6.32
N VAL C 340 -25.82 -17.58 -5.75
CA VAL C 340 -24.64 -18.48 -5.73
C VAL C 340 -24.42 -19.08 -7.12
N ARG C 341 -23.29 -18.75 -7.75
CA ARG C 341 -23.00 -19.22 -9.08
C ARG C 341 -21.72 -20.04 -9.21
N MET C 342 -21.04 -20.24 -8.09
CA MET C 342 -19.87 -21.08 -8.04
CA MET C 342 -19.84 -21.07 -8.05
C MET C 342 -19.63 -21.49 -6.62
N ALA C 343 -19.16 -22.72 -6.45
CA ALA C 343 -18.70 -23.21 -5.16
C ALA C 343 -17.54 -24.20 -5.40
N ASN C 344 -16.68 -24.34 -4.39
CA ASN C 344 -15.44 -25.11 -4.53
C ASN C 344 -15.18 -25.84 -3.25
N ILE C 345 -15.39 -27.14 -3.27
CA ILE C 345 -15.14 -27.93 -2.08
C ILE C 345 -13.65 -28.05 -1.84
N ALA C 346 -13.29 -28.00 -0.58
CA ALA C 346 -11.88 -28.05 -0.18
C ALA C 346 -11.52 -29.50 0.28
N GLN C 347 -10.52 -30.15 -0.26
CA GLN C 347 -9.78 -29.83 -1.45
C GLN C 347 -9.80 -31.10 -2.29
N LEU C 348 -9.27 -31.01 -3.49
CA LEU C 348 -9.48 -32.04 -4.53
C LEU C 348 -8.92 -33.42 -4.19
N VAL C 349 -7.68 -33.47 -3.75
CA VAL C 349 -6.99 -34.77 -3.54
C VAL C 349 -6.18 -34.72 -2.25
N ASN C 350 -6.35 -35.75 -1.44
CA ASN C 350 -5.53 -35.97 -0.23
C ASN C 350 -5.55 -34.90 0.82
N VAL C 351 -6.48 -33.93 0.70
CA VAL C 351 -6.54 -32.79 1.61
C VAL C 351 -7.98 -32.47 1.92
N MET C 352 -8.29 -32.53 3.19
CA MET C 352 -9.65 -32.19 3.73
C MET C 352 -10.70 -33.08 3.05
N GLN C 353 -11.82 -32.54 2.57
CA GLN C 353 -12.91 -33.37 2.09
C GLN C 353 -12.74 -33.69 0.62
N SER C 354 -11.78 -34.55 0.34
CA SER C 354 -11.36 -34.79 -1.06
C SER C 354 -12.25 -35.77 -1.78
N VAL C 355 -12.36 -35.59 -3.05
CA VAL C 355 -13.01 -36.59 -3.88
C VAL C 355 -12.10 -37.82 -4.14
N ILE C 356 -10.78 -37.65 -4.06
CA ILE C 356 -9.86 -38.74 -4.36
C ILE C 356 -8.78 -38.79 -3.29
N LEU C 357 -8.40 -39.99 -2.88
CA LEU C 357 -7.17 -40.18 -2.08
C LEU C 357 -6.20 -41.04 -2.88
N THR C 358 -4.91 -40.77 -2.77
CA THR C 358 -3.90 -41.56 -3.47
C THR C 358 -2.89 -42.11 -2.47
N GLU C 359 -2.22 -43.17 -2.86
CA GLU C 359 -1.10 -43.77 -2.08
C GLU C 359 -0.13 -44.37 -3.10
N GLY C 360 0.85 -43.57 -3.50
CA GLY C 360 1.63 -43.90 -4.65
C GLY C 360 0.77 -44.06 -5.84
N GLU C 361 0.89 -45.19 -6.52
CA GLU C 361 0.14 -45.43 -7.75
C GLU C 361 -1.29 -45.85 -7.51
N ARG C 362 -1.62 -46.17 -6.28
CA ARG C 362 -3.01 -46.55 -6.03
C ARG C 362 -3.87 -45.28 -5.76
N MET C 363 -5.14 -45.36 -6.11
CA MET C 363 -6.07 -44.33 -5.74
C MET C 363 -7.39 -44.93 -5.32
N LEU C 364 -8.17 -44.16 -4.57
CA LEU C 364 -9.57 -44.51 -4.39
C LEU C 364 -10.49 -43.30 -4.63
N LEU C 365 -11.73 -43.62 -4.92
CA LEU C 365 -12.82 -42.66 -4.99
C LEU C 365 -13.54 -42.64 -3.64
N THR C 366 -13.66 -41.45 -3.04
CA THR C 366 -14.37 -41.34 -1.78
C THR C 366 -15.89 -41.32 -1.97
N PRO C 367 -16.63 -41.52 -0.88
CA PRO C 367 -18.08 -41.26 -0.93
C PRO C 367 -18.45 -39.84 -1.43
N THR C 368 -17.61 -38.84 -1.12
CA THR C 368 -17.79 -37.53 -1.69
C THR C 368 -17.69 -37.47 -3.19
N TYR C 369 -16.68 -38.15 -3.75
CA TYR C 369 -16.64 -38.29 -5.21
C TYR C 369 -17.96 -38.79 -5.76
N HIS C 370 -18.51 -39.84 -5.14
CA HIS C 370 -19.74 -40.44 -5.69
C HIS C 370 -20.89 -39.49 -5.69
N VAL C 371 -20.98 -38.66 -4.66
CA VAL C 371 -22.04 -37.63 -4.69
C VAL C 371 -21.83 -36.65 -5.86
N PHE C 372 -20.61 -36.15 -6.06
CA PHE C 372 -20.40 -35.21 -7.15
C PHE C 372 -20.71 -35.86 -8.50
N ASN C 373 -20.34 -37.13 -8.60
CA ASN C 373 -20.53 -37.86 -9.86
C ASN C 373 -22.02 -38.18 -10.08
N MET C 374 -22.70 -38.58 -9.03
CA MET C 374 -24.20 -38.76 -9.14
C MET C 374 -24.94 -37.46 -9.41
N PHE C 375 -24.50 -36.36 -8.79
CA PHE C 375 -25.25 -35.07 -8.89
C PHE C 375 -24.87 -34.29 -10.08
N LYS C 376 -23.93 -34.76 -10.90
CA LYS C 376 -23.53 -33.98 -12.07
C LYS C 376 -24.63 -33.68 -13.01
N VAL C 377 -25.69 -34.47 -12.97
CA VAL C 377 -26.91 -34.23 -13.77
C VAL C 377 -27.56 -32.87 -13.46
N HIS C 378 -27.27 -32.30 -12.29
CA HIS C 378 -27.78 -30.98 -11.94
C HIS C 378 -26.96 -29.82 -12.54
N GLN C 379 -25.77 -30.10 -13.11
CA GLN C 379 -24.94 -29.04 -13.66
C GLN C 379 -25.63 -28.37 -14.84
N ASP C 380 -25.71 -27.05 -14.79
CA ASP C 380 -26.41 -26.23 -15.78
C ASP C 380 -27.87 -26.63 -15.99
N ALA C 381 -28.48 -27.33 -15.05
CA ALA C 381 -29.87 -27.71 -15.20
C ALA C 381 -30.77 -26.55 -14.72
N GLU C 382 -32.06 -26.67 -15.06
CA GLU C 382 -33.08 -25.74 -14.56
C GLU C 382 -33.68 -26.23 -13.30
N LEU C 383 -33.59 -25.41 -12.25
CA LEU C 383 -34.13 -25.79 -10.96
C LEU C 383 -35.66 -25.71 -11.08
N LEU C 384 -36.33 -26.72 -10.56
CA LEU C 384 -37.78 -26.74 -10.59
C LEU C 384 -38.33 -26.41 -9.26
N ASP C 385 -39.52 -25.82 -9.29
CA ASP C 385 -40.25 -25.45 -8.08
C ASP C 385 -40.73 -26.68 -7.36
N THR C 386 -40.30 -26.87 -6.15
CA THR C 386 -40.67 -28.02 -5.34
CA THR C 386 -40.63 -28.02 -5.33
C THR C 386 -41.16 -27.51 -4.02
N TRP C 387 -42.13 -28.17 -3.44
CA TRP C 387 -42.41 -27.89 -2.09
C TRP C 387 -42.55 -29.11 -1.31
N GLU C 388 -42.27 -29.00 -0.03
CA GLU C 388 -41.99 -30.17 0.77
C GLU C 388 -42.48 -30.00 2.16
N SER C 389 -42.79 -31.12 2.77
CA SER C 389 -43.05 -31.14 4.14
C SER C 389 -42.42 -32.44 4.63
N VAL C 390 -41.34 -32.37 5.40
CA VAL C 390 -40.53 -33.54 5.65
C VAL C 390 -40.51 -33.90 7.07
N GLU C 391 -40.35 -35.20 7.35
CA GLU C 391 -40.19 -35.65 8.72
C GLU C 391 -38.96 -35.01 9.32
N ARG C 392 -38.89 -35.01 10.64
CA ARG C 392 -37.75 -34.61 11.38
C ARG C 392 -36.97 -35.82 11.81
N THR C 393 -35.72 -35.58 12.21
CA THR C 393 -34.87 -36.62 12.71
C THR C 393 -33.86 -35.97 13.67
N GLY C 394 -33.03 -36.79 14.27
CA GLY C 394 -32.03 -36.35 15.20
C GLY C 394 -32.61 -36.18 16.60
N PRO C 395 -31.73 -35.99 17.58
CA PRO C 395 -32.03 -35.97 18.99
C PRO C 395 -33.31 -35.24 19.38
N GLU C 396 -33.50 -34.05 18.89
CA GLU C 396 -34.68 -33.28 19.30
C GLU C 396 -35.51 -32.94 18.09
N GLY C 397 -35.50 -33.76 17.04
CA GLY C 397 -36.05 -33.35 15.78
C GLY C 397 -35.39 -32.09 15.17
N GLU C 398 -34.15 -31.83 15.54
CA GLU C 398 -33.41 -30.70 15.05
C GLU C 398 -33.08 -30.76 13.58
N LEU C 399 -33.12 -31.92 12.92
CA LEU C 399 -32.72 -31.99 11.51
C LEU C 399 -33.87 -32.39 10.66
N PRO C 400 -33.86 -31.96 9.39
CA PRO C 400 -34.78 -32.58 8.46
C PRO C 400 -34.31 -33.99 8.16
N LYS C 401 -35.23 -34.92 8.08
CA LYS C 401 -34.90 -36.29 7.75
C LYS C 401 -34.44 -36.40 6.33
N VAL C 402 -35.01 -35.60 5.47
CA VAL C 402 -34.76 -35.73 4.08
C VAL C 402 -34.46 -34.33 3.48
N SER C 403 -33.48 -34.26 2.57
CA SER C 403 -33.23 -33.11 1.72
C SER C 403 -33.50 -33.51 0.31
N VAL C 404 -34.24 -32.70 -0.43
CA VAL C 404 -34.65 -33.04 -1.78
CA VAL C 404 -34.68 -33.04 -1.79
C VAL C 404 -34.46 -31.88 -2.72
N SER C 405 -34.07 -32.15 -3.98
CA SER C 405 -33.97 -31.10 -4.97
C SER C 405 -34.33 -31.71 -6.33
N ALA C 406 -34.92 -30.92 -7.22
CA ALA C 406 -35.29 -31.33 -8.55
C ALA C 406 -34.92 -30.36 -9.58
N SER C 407 -34.44 -30.87 -10.72
CA SER C 407 -34.07 -30.08 -11.86
C SER C 407 -34.41 -30.78 -13.17
N ARG C 408 -34.45 -29.97 -14.24
CA ARG C 408 -34.68 -30.41 -15.55
C ARG C 408 -33.44 -30.21 -16.40
N ALA C 409 -32.98 -31.30 -16.99
CA ALA C 409 -31.81 -31.25 -17.85
C ALA C 409 -32.16 -30.78 -19.25
N ALA C 410 -31.15 -30.48 -20.04
CA ALA C 410 -31.35 -29.89 -21.36
C ALA C 410 -32.09 -30.86 -22.30
N ASP C 411 -32.00 -32.18 -22.12
CA ASP C 411 -32.79 -33.08 -22.96
C ASP C 411 -34.21 -33.28 -22.42
N GLY C 412 -34.62 -32.53 -21.42
CA GLY C 412 -35.96 -32.67 -20.85
C GLY C 412 -36.14 -33.71 -19.78
N LYS C 413 -35.14 -34.54 -19.48
CA LYS C 413 -35.29 -35.41 -18.32
C LYS C 413 -35.29 -34.61 -17.00
N ILE C 414 -35.90 -35.20 -15.97
CA ILE C 414 -35.97 -34.63 -14.68
C ILE C 414 -35.16 -35.46 -13.74
N HIS C 415 -34.33 -34.80 -12.89
CA HIS C 415 -33.61 -35.47 -11.88
C HIS C 415 -34.02 -34.98 -10.54
N ILE C 416 -34.22 -35.92 -9.63
CA ILE C 416 -34.62 -35.62 -8.30
C ILE C 416 -33.63 -36.29 -7.43
N SER C 417 -32.93 -35.52 -6.57
CA SER C 417 -31.96 -36.08 -5.66
C SER C 417 -32.46 -35.94 -4.25
N LEU C 418 -32.16 -36.93 -3.41
CA LEU C 418 -32.69 -37.08 -2.05
C LEU C 418 -31.63 -37.64 -1.11
N CYS C 419 -31.47 -36.98 0.02
CA CYS C 419 -30.56 -37.41 1.05
C CYS C 419 -31.41 -37.81 2.23
N ASN C 420 -31.08 -38.93 2.86
CA ASN C 420 -31.68 -39.31 4.10
C ASN C 420 -30.64 -39.14 5.13
N LEU C 421 -30.88 -38.20 6.04
CA LEU C 421 -29.90 -37.85 7.07
C LEU C 421 -29.85 -38.74 8.29
N ASP C 422 -30.87 -39.60 8.41
CA ASP C 422 -30.94 -40.54 9.51
C ASP C 422 -30.18 -41.84 9.18
N PHE C 423 -29.25 -42.17 10.04
CA PHE C 423 -28.47 -43.38 9.88
C PHE C 423 -29.19 -44.63 10.40
N GLU C 424 -30.28 -44.45 11.13
CA GLU C 424 -30.97 -45.52 11.82
C GLU C 424 -32.10 -46.15 11.08
N THR C 425 -32.86 -45.40 10.30
CA THR C 425 -33.96 -45.98 9.59
C THR C 425 -34.08 -45.33 8.26
N GLY C 426 -34.82 -45.99 7.39
CA GLY C 426 -35.07 -45.54 6.06
C GLY C 426 -36.06 -44.40 6.12
N ALA C 427 -36.33 -43.80 4.99
CA ALA C 427 -37.21 -42.65 4.93
C ALA C 427 -38.18 -42.88 3.82
N SER C 428 -39.46 -42.76 4.11
CA SER C 428 -40.48 -42.86 3.08
C SER C 428 -40.73 -41.49 2.57
N VAL C 429 -40.87 -41.38 1.28
CA VAL C 429 -41.10 -40.14 0.65
C VAL C 429 -42.10 -40.34 -0.43
N ASP C 430 -43.10 -39.46 -0.42
CA ASP C 430 -44.11 -39.41 -1.43
C ASP C 430 -43.97 -38.18 -2.27
N ILE C 431 -43.79 -38.33 -3.56
CA ILE C 431 -43.58 -37.25 -4.45
C ILE C 431 -44.70 -37.14 -5.46
N GLU C 432 -45.35 -36.01 -5.53
CA GLU C 432 -46.32 -35.77 -6.52
C GLU C 432 -45.72 -34.94 -7.63
N LEU C 433 -45.91 -35.35 -8.87
CA LEU C 433 -45.44 -34.63 -10.03
C LEU C 433 -46.55 -33.93 -10.73
N ARG C 434 -46.51 -32.63 -10.82
CA ARG C 434 -47.48 -31.84 -11.52
C ARG C 434 -46.89 -31.15 -12.69
N GLY C 435 -47.77 -30.67 -13.54
CA GLY C 435 -47.38 -29.98 -14.76
C GLY C 435 -46.72 -30.86 -15.81
N LEU C 436 -46.81 -32.18 -15.72
CA LEU C 436 -46.37 -33.03 -16.84
C LEU C 436 -47.44 -33.15 -17.93
N ASN C 437 -47.01 -33.48 -19.15
CA ASN C 437 -47.95 -33.88 -20.23
C ASN C 437 -48.04 -35.38 -20.30
N GLY C 438 -46.96 -36.05 -20.70
CA GLY C 438 -46.93 -37.50 -20.79
C GLY C 438 -47.08 -38.26 -19.49
N GLY C 439 -46.92 -39.56 -19.64
CA GLY C 439 -46.55 -40.39 -18.51
C GLY C 439 -45.04 -40.27 -18.46
N VAL C 440 -44.48 -40.71 -17.33
CA VAL C 440 -43.06 -40.77 -17.14
C VAL C 440 -42.67 -42.12 -16.60
N SER C 441 -41.46 -42.54 -16.91
CA SER C 441 -40.85 -43.63 -16.18
C SER C 441 -39.57 -43.14 -15.49
N ALA C 442 -39.07 -43.96 -14.57
CA ALA C 442 -38.01 -43.58 -13.69
C ALA C 442 -37.00 -44.67 -13.53
N THR C 443 -35.72 -44.35 -13.47
CA THR C 443 -34.71 -45.22 -12.86
C THR C 443 -34.03 -44.50 -11.69
N GLY C 444 -33.30 -45.24 -10.88
CA GLY C 444 -32.60 -44.66 -9.78
C GLY C 444 -31.28 -45.26 -9.44
N THR C 445 -30.46 -44.48 -8.72
CA THR C 445 -29.19 -44.93 -8.16
CA THR C 445 -29.21 -44.93 -8.14
C THR C 445 -29.12 -44.45 -6.73
N THR C 446 -28.49 -45.22 -5.84
CA THR C 446 -28.36 -44.83 -4.45
C THR C 446 -26.96 -45.14 -3.94
N LEU C 447 -26.49 -44.31 -3.00
CA LEU C 447 -25.23 -44.43 -2.36
C LEU C 447 -25.49 -44.54 -0.89
N THR C 448 -25.07 -45.63 -0.30
CA THR C 448 -25.37 -45.86 1.12
C THR C 448 -24.30 -46.77 1.68
N SER C 449 -24.44 -47.06 2.95
CA SER C 449 -23.49 -47.83 3.71
C SER C 449 -24.21 -48.56 4.84
N GLY C 450 -23.57 -49.62 5.37
CA GLY C 450 -24.06 -50.32 6.52
C GLY C 450 -23.46 -49.82 7.79
N ARG C 451 -22.46 -48.96 7.70
CA ARG C 451 -21.89 -48.37 8.90
C ARG C 451 -21.93 -46.84 8.82
N ILE C 452 -22.03 -46.21 9.99
CA ILE C 452 -22.14 -44.76 10.02
CA ILE C 452 -22.12 -44.77 10.13
C ILE C 452 -20.85 -44.09 9.55
N ASP C 453 -19.71 -44.78 9.73
CA ASP C 453 -18.43 -44.30 9.20
C ASP C 453 -17.92 -45.11 8.01
N GLY C 454 -18.83 -45.70 7.25
CA GLY C 454 -18.45 -46.46 6.08
C GLY C 454 -17.60 -45.64 5.15
N HIS C 455 -16.44 -46.20 4.79
CA HIS C 455 -15.50 -45.51 3.91
C HIS C 455 -14.74 -46.46 3.04
N ASN C 456 -14.07 -45.92 2.03
CA ASN C 456 -13.25 -46.67 1.10
C ASN C 456 -11.80 -46.61 1.54
N THR C 457 -11.07 -47.73 1.36
CA THR C 457 -9.62 -47.79 1.68
C THR C 457 -8.90 -48.26 0.42
N PHE C 458 -7.57 -48.15 0.44
CA PHE C 458 -6.84 -48.55 -0.78
C PHE C 458 -6.95 -50.07 -1.05
N ASP C 459 -6.94 -50.86 0.03
CA ASP C 459 -7.25 -52.28 -0.05
C ASP C 459 -8.68 -52.58 -0.43
N GLU C 460 -9.66 -51.82 0.06
CA GLU C 460 -11.08 -52.05 -0.31
C GLU C 460 -11.71 -50.74 -0.81
N PRO C 461 -11.44 -50.43 -2.05
CA PRO C 461 -11.80 -49.14 -2.58
C PRO C 461 -13.25 -49.01 -2.99
N GLU C 462 -14.03 -50.07 -2.80
CA GLU C 462 -15.43 -50.08 -3.23
C GLU C 462 -16.41 -50.54 -2.19
N ARG C 463 -16.08 -50.42 -0.92
CA ARG C 463 -17.06 -50.62 0.12
C ARG C 463 -18.26 -49.67 0.00
N VAL C 464 -18.06 -48.40 -0.40
CA VAL C 464 -19.16 -47.43 -0.51
C VAL C 464 -19.16 -46.89 -1.91
N LYS C 465 -20.16 -47.29 -2.69
CA LYS C 465 -20.30 -46.82 -4.06
C LYS C 465 -21.70 -46.93 -4.54
N PRO C 466 -22.02 -46.23 -5.62
CA PRO C 466 -23.40 -46.20 -6.04
C PRO C 466 -23.88 -47.55 -6.51
N ALA C 467 -25.18 -47.79 -6.35
CA ALA C 467 -25.84 -49.05 -6.73
C ALA C 467 -27.18 -48.74 -7.31
N PRO C 468 -27.74 -49.65 -8.12
CA PRO C 468 -29.09 -49.42 -8.65
C PRO C 468 -30.09 -49.30 -7.53
N PHE C 469 -31.08 -48.42 -7.70
CA PHE C 469 -32.07 -48.19 -6.67
C PHE C 469 -33.42 -48.55 -7.26
N ARG C 470 -34.07 -49.50 -6.62
CA ARG C 470 -35.33 -50.00 -7.17
C ARG C 470 -36.52 -49.93 -6.20
N ASP C 471 -36.32 -49.46 -4.98
CA ASP C 471 -37.34 -49.49 -3.97
C ASP C 471 -38.28 -48.23 -4.02
N PHE C 472 -38.94 -48.05 -5.15
CA PHE C 472 -39.95 -47.05 -5.34
C PHE C 472 -41.02 -47.52 -6.35
N LYS C 473 -42.20 -46.91 -6.34
CA LYS C 473 -43.24 -47.20 -7.34
C LYS C 473 -43.68 -45.91 -7.86
N LEU C 474 -44.04 -45.89 -9.12
CA LEU C 474 -44.50 -44.72 -9.76
C LEU C 474 -45.89 -45.00 -10.34
N GLU C 475 -46.96 -44.71 -9.60
CA GLU C 475 -48.34 -44.92 -10.05
C GLU C 475 -48.99 -43.61 -10.41
N GLY C 476 -48.98 -43.35 -11.71
CA GLY C 476 -49.62 -42.22 -12.33
C GLY C 476 -48.61 -41.13 -12.22
N GLY C 477 -48.89 -40.17 -11.33
CA GLY C 477 -47.99 -39.07 -11.00
C GLY C 477 -47.65 -38.93 -9.52
N HIS C 478 -47.77 -39.99 -8.73
CA HIS C 478 -47.10 -40.12 -7.44
C HIS C 478 -45.95 -41.09 -7.60
N LEU C 479 -44.82 -40.75 -6.99
CA LEU C 479 -43.67 -41.58 -6.92
C LEU C 479 -43.43 -41.75 -5.46
N ASN C 480 -43.60 -42.97 -4.97
CA ASN C 480 -43.38 -43.27 -3.58
C ASN C 480 -42.09 -44.03 -3.46
N ALA C 481 -41.20 -43.62 -2.56
CA ALA C 481 -39.87 -44.22 -2.46
C ALA C 481 -39.53 -44.52 -1.06
N SER C 482 -38.75 -45.59 -0.85
CA SER C 482 -38.24 -45.93 0.48
CA SER C 482 -38.26 -45.93 0.48
C SER C 482 -36.73 -45.82 0.44
N LEU C 483 -36.22 -44.74 1.01
CA LEU C 483 -34.82 -44.46 0.89
C LEU C 483 -34.13 -45.25 1.96
N PRO C 484 -32.97 -45.82 1.65
CA PRO C 484 -32.24 -46.49 2.72
C PRO C 484 -31.75 -45.51 3.78
N PRO C 485 -31.41 -46.03 4.96
CA PRO C 485 -30.73 -45.20 5.94
C PRO C 485 -29.45 -44.61 5.32
N MET C 486 -29.03 -43.48 5.90
CA MET C 486 -27.79 -42.77 5.50
C MET C 486 -27.44 -42.91 4.04
N SER C 487 -28.24 -42.26 3.18
CA SER C 487 -28.10 -42.44 1.78
C SER C 487 -28.30 -41.16 0.99
N VAL C 488 -27.76 -41.20 -0.22
CA VAL C 488 -27.96 -40.19 -1.20
C VAL C 488 -28.45 -40.92 -2.43
N THR C 489 -29.53 -40.43 -3.03
CA THR C 489 -30.16 -41.09 -4.13
C THR C 489 -30.48 -40.12 -5.21
N VAL C 490 -30.42 -40.53 -6.47
CA VAL C 490 -30.87 -39.75 -7.60
C VAL C 490 -31.82 -40.57 -8.47
N LEU C 491 -32.97 -40.00 -8.77
CA LEU C 491 -33.97 -40.56 -9.67
C LEU C 491 -33.95 -39.78 -10.93
N GLU C 492 -33.98 -40.50 -12.05
CA GLU C 492 -34.02 -39.90 -13.35
C GLU C 492 -35.37 -40.28 -14.01
N LEU C 493 -36.14 -39.26 -14.37
CA LEU C 493 -37.42 -39.40 -14.96
C LEU C 493 -37.40 -39.01 -16.41
N THR C 494 -37.97 -39.87 -17.26
CA THR C 494 -38.10 -39.63 -18.70
C THR C 494 -39.56 -39.61 -19.08
N ALA C 495 -39.96 -38.64 -19.90
CA ALA C 495 -41.37 -38.38 -20.23
C ALA C 495 -41.77 -39.15 -21.49
N GLY C 496 -42.94 -38.81 -22.05
CA GLY C 496 -43.41 -39.33 -23.35
C GLY C 496 -44.50 -40.33 -23.10
#